data_5XMP
#
_entry.id   5XMP
#
_cell.length_a   100.486
_cell.length_b   58.089
_cell.length_c   234.749
_cell.angle_alpha   90.000
_cell.angle_beta   90.050
_cell.angle_gamma   90.000
#
_symmetry.space_group_name_H-M   'C 1 2 1'
#
loop_
_entity.id
_entity.type
_entity.pdbx_description
1 polymer 'Serine hydroxymethyltransferase'
2 non-polymer N-GLYCINE-[3-HYDROXY-2-METHYL-5-PHOSPHONOOXYMETHYL-PYRIDIN-4-YL-METHANE]
3 non-polymer 4-[3-[(4~{S})-6-azanyl-5-cyano-3-methyl-4-propan-2-yl-2~{H}-pyrano[2,3-c]pyrazol-4-yl]-5-(trifluoromethyl)phenyl]-~{N}-methyl-~{N}-[2,2,2-tris(fluoranyl)ethyl]benzenesulfonamide
4 non-polymer 'CHLORIDE ION'
5 water water
#
_entity_poly.entity_id   1
_entity_poly.type   'polypeptide(L)'
_entity_poly.pdbx_seq_one_letter_code
;MFNNEPLEQIDKELHDILADEEKRQRETINLIASENLTNGAVRECLGNRVSNKYSEGYPKKRYYGGNDFIDKIEELCQKR
ALEAFNVSDEEWGVNVQPLSGSAANVQALYALVGVKGKIMGMHLCSGGHLTHGFFDEKKKVSITSDMFESKLYKCNSQGY
VDLDAVREMALSFKPKVIICGYTSYPRDIDYQQFRQICDEVNAYLFADISHISSFVACNILNNPFLHADVVTTTTHKILR
GPRSALIFFNKKRNPGIEQKINSAVFPSFQGGPHNNKIAAVACQLKEVHSPAFKEYTQQVLLNSKALAKALISKQIDLVT
NGTDNHLIVVDLRKFSITGSKLQETCNAINVSLNKNTIPSDVDAVSPSGVRIGTPAMTTRGAKEKDMEFIADVLARAIKI
TVDLQEQYGKKLVDFKKGLPGNAQLQQLKQEVVTWAGALPFP
;
_entity_poly.pdbx_strand_id   A,B,C
#
loop_
_chem_comp.id
_chem_comp.type
_chem_comp.name
_chem_comp.formula
8A3 non-polymer 4-[3-[(4~{S})-6-azanyl-5-cyano-3-methyl-4-propan-2-yl-2~{H}-pyrano[2,3-c]pyrazol-4-yl]-5-(trifluoromethyl)phenyl]-~{N}-methyl-~{N}-[2,2,2-tris(fluoranyl)ethyl]benzenesulfonamide 'C27 H25 F6 N5 O3 S'
CL non-polymer 'CHLORIDE ION' 'Cl -1'
PLG non-polymer N-GLYCINE-[3-HYDROXY-2-METHYL-5-PHOSPHONOOXYMETHYL-PYRIDIN-4-YL-METHANE] 'C10 H15 N2 O7 P'
#
# COMPACT_ATOMS: atom_id res chain seq x y z
N MET A 1 2.23 10.39 -20.29
CA MET A 1 3.68 10.50 -20.70
C MET A 1 4.30 9.14 -21.02
N PHE A 2 3.77 8.51 -22.07
CA PHE A 2 4.23 7.16 -22.52
C PHE A 2 4.04 7.03 -24.04
N ASN A 3 4.81 6.12 -24.64
CA ASN A 3 4.64 5.80 -26.06
C ASN A 3 3.78 4.56 -26.26
N ASN A 4 2.57 4.75 -26.78
CA ASN A 4 1.61 3.66 -27.02
C ASN A 4 1.54 3.21 -28.49
N GLU A 5 2.56 3.57 -29.29
CA GLU A 5 2.71 3.09 -30.68
C GLU A 5 2.78 1.55 -30.71
N PRO A 6 1.97 0.89 -31.56
CA PRO A 6 2.03 -0.58 -31.69
C PRO A 6 3.44 -1.17 -31.87
N LEU A 7 3.60 -2.40 -31.37
CA LEU A 7 4.90 -3.09 -31.30
C LEU A 7 5.70 -3.05 -32.61
N GLU A 8 4.99 -3.17 -33.74
CA GLU A 8 5.62 -3.06 -35.07
C GLU A 8 6.30 -1.71 -35.27
N GLN A 9 5.59 -0.63 -34.91
CA GLN A 9 6.12 0.72 -35.06
C GLN A 9 7.19 1.10 -34.01
N ILE A 10 6.88 0.95 -32.72
CA ILE A 10 7.86 1.23 -31.63
C ILE A 10 9.21 0.54 -31.84
N ASP A 11 9.18 -0.76 -32.14
CA ASP A 11 10.40 -1.56 -32.18
C ASP A 11 10.22 -2.57 -33.30
N LYS A 12 10.51 -2.10 -34.52
CA LYS A 12 10.49 -2.92 -35.72
C LYS A 12 11.54 -4.02 -35.64
N GLU A 13 12.69 -3.73 -35.04
CA GLU A 13 13.79 -4.72 -34.98
C GLU A 13 13.35 -6.02 -34.30
N LEU A 14 12.70 -5.90 -33.14
CA LEU A 14 12.25 -7.04 -32.34
C LEU A 14 11.12 -7.77 -33.05
N HIS A 15 10.16 -7.01 -33.54
CA HIS A 15 8.96 -7.56 -34.18
C HIS A 15 9.29 -8.48 -35.35
N ASP A 16 10.38 -8.17 -36.08
CA ASP A 16 10.80 -8.98 -37.22
C ASP A 16 11.17 -10.38 -36.78
N ILE A 17 11.89 -10.46 -35.67
CA ILE A 17 12.39 -11.72 -35.13
C ILE A 17 11.24 -12.53 -34.54
N LEU A 18 10.34 -11.87 -33.81
CA LEU A 18 9.15 -12.54 -33.26
C LEU A 18 8.23 -13.07 -34.36
N ALA A 19 8.22 -12.38 -35.51
CA ALA A 19 7.44 -12.81 -36.68
C ALA A 19 8.17 -13.94 -37.40
N ASP A 20 9.50 -13.92 -37.35
CA ASP A 20 10.32 -15.05 -37.78
C ASP A 20 10.10 -16.28 -36.90
N GLU A 21 10.06 -16.05 -35.58
CA GLU A 21 9.85 -17.13 -34.59
C GLU A 21 8.52 -17.79 -34.88
N GLU A 22 7.50 -16.97 -35.08
CA GLU A 22 6.15 -17.41 -35.45
C GLU A 22 6.14 -18.33 -36.68
N LYS A 23 6.94 -18.00 -37.69
CA LYS A 23 7.10 -18.80 -38.92
C LYS A 23 7.78 -20.16 -38.67
N ARG A 24 8.94 -20.15 -38.02
CA ARG A 24 9.63 -21.39 -37.65
C ARG A 24 8.68 -22.34 -36.86
N GLN A 25 7.96 -21.81 -35.87
CA GLN A 25 7.06 -22.63 -35.04
C GLN A 25 5.94 -23.26 -35.87
N ARG A 26 5.42 -22.45 -36.80
CA ARG A 26 4.40 -22.87 -37.77
C ARG A 26 4.93 -23.90 -38.76
N GLU A 27 6.22 -23.85 -39.10
CA GLU A 27 6.81 -24.69 -40.15
C GLU A 27 7.69 -25.82 -39.61
N THR A 28 7.60 -26.09 -38.31
CA THR A 28 8.44 -27.10 -37.66
C THR A 28 7.53 -28.27 -37.27
N ILE A 29 8.12 -29.47 -37.32
CA ILE A 29 7.53 -30.65 -36.69
C ILE A 29 8.18 -30.71 -35.30
N ASN A 30 7.42 -30.35 -34.27
CA ASN A 30 7.93 -30.15 -32.92
C ASN A 30 7.64 -31.38 -32.08
N LEU A 31 8.66 -32.19 -31.86
CA LEU A 31 8.57 -33.38 -31.04
C LEU A 31 9.15 -33.18 -29.64
N ILE A 32 9.33 -31.94 -29.18
CA ILE A 32 9.87 -31.69 -27.83
C ILE A 32 8.78 -32.09 -26.85
N ALA A 33 9.05 -33.13 -26.06
CA ALA A 33 8.06 -33.72 -25.14
C ALA A 33 7.50 -32.69 -24.15
N SER A 34 8.36 -31.74 -23.76
CA SER A 34 7.97 -30.64 -22.86
C SER A 34 7.29 -29.42 -23.47
N GLU A 35 7.08 -29.39 -24.79
CA GLU A 35 6.54 -28.19 -25.43
C GLU A 35 5.11 -28.38 -25.86
N ASN A 36 4.46 -27.24 -26.13
CA ASN A 36 3.08 -27.19 -26.57
C ASN A 36 2.83 -25.84 -27.22
N LEU A 37 1.60 -25.57 -27.65
CA LEU A 37 1.27 -24.28 -28.22
C LEU A 37 0.09 -23.73 -27.46
N THR A 38 0.29 -22.58 -26.82
CA THR A 38 -0.77 -21.87 -26.13
C THR A 38 -1.84 -21.35 -27.09
N ASN A 39 -3.09 -21.40 -26.66
CA ASN A 39 -4.20 -20.71 -27.38
C ASN A 39 -4.14 -19.20 -27.15
N GLY A 40 -4.90 -18.46 -27.94
CA GLY A 40 -4.95 -17.01 -27.86
C GLY A 40 -5.39 -16.54 -26.49
N ALA A 41 -6.45 -17.14 -25.95
CA ALA A 41 -7.00 -16.81 -24.64
C ALA A 41 -5.95 -16.78 -23.52
N VAL A 42 -5.16 -17.84 -23.43
CA VAL A 42 -4.02 -17.88 -22.52
C VAL A 42 -3.04 -16.71 -22.80
N ARG A 43 -2.77 -16.42 -24.06
CA ARG A 43 -1.86 -15.33 -24.40
C ARG A 43 -2.41 -13.89 -24.22
N GLU A 44 -3.74 -13.73 -24.25
CA GLU A 44 -4.40 -12.47 -23.86
C GLU A 44 -4.20 -12.20 -22.36
N CYS A 45 -4.27 -13.25 -21.55
CA CYS A 45 -4.04 -13.15 -20.10
C CYS A 45 -2.61 -12.82 -19.76
N LEU A 46 -1.68 -13.42 -20.50
CA LEU A 46 -0.27 -13.14 -20.33
C LEU A 46 0.07 -11.69 -20.70
N GLY A 47 -0.69 -11.11 -21.62
CA GLY A 47 -0.54 -9.71 -21.99
C GLY A 47 -1.53 -8.74 -21.35
N ASN A 48 -2.10 -9.10 -20.20
CA ASN A 48 -3.08 -8.25 -19.51
C ASN A 48 -2.41 -7.27 -18.55
N ARG A 49 -3.06 -6.14 -18.28
CA ARG A 49 -2.60 -5.20 -17.20
C ARG A 49 -2.67 -5.73 -15.77
N VAL A 50 -3.08 -6.98 -15.57
CA VAL A 50 -3.07 -7.56 -14.22
C VAL A 50 -1.64 -7.69 -13.64
N SER A 51 -0.62 -7.77 -14.51
CA SER A 51 0.82 -7.78 -14.13
C SER A 51 1.41 -6.43 -13.69
N ASN A 52 0.61 -5.36 -13.75
CA ASN A 52 0.94 -4.10 -13.08
C ASN A 52 0.86 -4.11 -11.55
N LYS A 53 0.17 -5.09 -10.98
CA LYS A 53 -0.19 -5.07 -9.56
C LYS A 53 0.72 -5.89 -8.66
N TYR A 54 1.19 -5.25 -7.60
CA TYR A 54 1.92 -5.94 -6.54
C TYR A 54 0.90 -6.54 -5.57
N SER A 55 0.94 -7.85 -5.38
CA SER A 55 0.06 -8.54 -4.44
C SER A 55 0.82 -9.58 -3.64
N GLU A 56 1.86 -9.12 -2.96
CA GLU A 56 2.59 -9.98 -2.03
C GLU A 56 1.71 -10.48 -0.91
N GLY A 57 1.72 -11.78 -0.73
CA GLY A 57 0.91 -12.45 0.27
C GLY A 57 -0.02 -13.41 -0.44
N TYR A 58 -0.98 -13.93 0.31
CA TYR A 58 -2.04 -14.80 -0.21
C TYR A 58 -3.38 -14.07 -0.15
N PRO A 59 -4.43 -14.64 -0.77
CA PRO A 59 -5.70 -13.88 -0.82
C PRO A 59 -6.36 -13.66 0.55
N LYS A 60 -6.87 -12.45 0.77
CA LYS A 60 -7.44 -12.00 2.08
C LYS A 60 -6.38 -11.76 3.18
N LYS A 61 -5.12 -12.15 2.91
CA LYS A 61 -3.98 -11.89 3.79
C LYS A 61 -2.89 -11.25 2.92
N ARG A 62 -3.28 -10.20 2.19
CA ARG A 62 -2.42 -9.46 1.27
C ARG A 62 -1.69 -8.40 2.08
N TYR A 63 -0.49 -8.02 1.64
CA TYR A 63 0.24 -6.93 2.28
C TYR A 63 -0.33 -5.58 1.87
N TYR A 64 -0.63 -5.41 0.59
CA TYR A 64 -1.30 -4.18 0.15
C TYR A 64 -2.75 -4.44 -0.17
N GLY A 65 -3.54 -3.38 -0.16
CA GLY A 65 -4.94 -3.43 -0.58
C GLY A 65 -5.08 -3.11 -2.06
N GLY A 66 -6.29 -2.84 -2.49
CA GLY A 66 -6.57 -2.71 -3.91
C GLY A 66 -6.45 -4.04 -4.66
N ASN A 67 -6.51 -5.14 -3.92
CA ASN A 67 -6.24 -6.48 -4.43
C ASN A 67 -7.46 -7.40 -4.40
N ASP A 68 -8.63 -6.80 -4.58
CA ASP A 68 -9.91 -7.50 -4.51
C ASP A 68 -10.11 -8.34 -5.77
N PHE A 69 -9.92 -7.72 -6.92
CA PHE A 69 -10.01 -8.42 -8.19
C PHE A 69 -8.88 -9.42 -8.37
N ILE A 70 -7.66 -9.06 -7.95
CA ILE A 70 -6.54 -10.01 -7.89
C ILE A 70 -6.86 -11.19 -6.97
N ASP A 71 -7.50 -10.91 -5.82
CA ASP A 71 -7.90 -11.99 -4.89
C ASP A 71 -8.87 -12.97 -5.53
N LYS A 72 -9.78 -12.45 -6.34
CA LYS A 72 -10.74 -13.32 -7.02
C LYS A 72 -10.05 -14.23 -8.04
N ILE A 73 -9.08 -13.67 -8.79
CA ILE A 73 -8.36 -14.41 -9.81
C ILE A 73 -7.50 -15.51 -9.20
N GLU A 74 -6.78 -15.22 -8.12
CA GLU A 74 -6.01 -16.25 -7.43
C GLU A 74 -6.84 -17.35 -6.82
N GLU A 75 -8.06 -17.03 -6.37
CA GLU A 75 -8.96 -17.99 -5.68
C GLU A 75 -9.62 -18.90 -6.70
N LEU A 76 -10.10 -18.29 -7.78
CA LEU A 76 -10.55 -19.02 -8.97
C LEU A 76 -9.53 -19.97 -9.60
N CYS A 77 -8.25 -19.61 -9.54
CA CYS A 77 -7.18 -20.42 -10.12
C CYS A 77 -6.88 -21.62 -9.21
N GLN A 78 -6.84 -21.42 -7.90
CA GLN A 78 -6.64 -22.54 -6.94
C GLN A 78 -7.82 -23.53 -6.96
N LYS A 79 -9.03 -23.01 -7.17
CA LYS A 79 -10.24 -23.83 -7.21
C LYS A 79 -10.19 -24.75 -8.43
N ARG A 80 -10.01 -24.15 -9.60
CA ARG A 80 -9.94 -24.86 -10.86
C ARG A 80 -8.84 -25.91 -10.90
N ALA A 81 -7.75 -25.64 -10.18
CA ALA A 81 -6.62 -26.58 -10.04
C ALA A 81 -7.02 -27.83 -9.29
N LEU A 82 -7.63 -27.62 -8.14
CA LEU A 82 -8.08 -28.72 -7.26
C LEU A 82 -9.20 -29.52 -7.92
N GLU A 83 -10.15 -28.82 -8.55
CA GLU A 83 -11.17 -29.46 -9.38
C GLU A 83 -10.51 -30.33 -10.44
N ALA A 84 -9.73 -29.69 -11.32
CA ALA A 84 -9.16 -30.34 -12.49
C ALA A 84 -8.46 -31.63 -12.14
N PHE A 85 -7.73 -31.63 -11.03
CA PHE A 85 -6.99 -32.81 -10.58
C PHE A 85 -7.78 -33.71 -9.62
N ASN A 86 -9.09 -33.53 -9.56
CA ASN A 86 -10.01 -34.47 -8.87
C ASN A 86 -9.68 -34.70 -7.41
N VAL A 87 -9.49 -33.60 -6.70
CA VAL A 87 -9.24 -33.61 -5.28
C VAL A 87 -10.20 -32.62 -4.65
N SER A 88 -10.65 -32.96 -3.44
CA SER A 88 -11.55 -32.14 -2.65
C SER A 88 -10.71 -31.06 -1.96
N ASP A 89 -11.19 -29.82 -1.97
CA ASP A 89 -10.47 -28.68 -1.36
C ASP A 89 -10.35 -28.76 0.17
N GLU A 90 -10.97 -29.76 0.77
CA GLU A 90 -10.85 -30.02 2.19
C GLU A 90 -9.59 -30.81 2.43
N GLU A 91 -9.37 -31.83 1.59
CA GLU A 91 -8.19 -32.72 1.70
C GLU A 91 -6.89 -32.17 1.05
N TRP A 92 -7.04 -31.37 0.01
CA TRP A 92 -5.90 -30.92 -0.79
C TRP A 92 -5.86 -29.41 -0.91
N GLY A 93 -4.69 -28.85 -0.62
CA GLY A 93 -4.41 -27.45 -0.90
C GLY A 93 -3.41 -27.27 -2.03
N VAL A 94 -3.41 -26.07 -2.60
CA VAL A 94 -2.52 -25.74 -3.70
C VAL A 94 -2.02 -24.30 -3.62
N ASN A 95 -0.73 -24.13 -3.93
CA ASN A 95 -0.10 -22.81 -4.15
C ASN A 95 0.09 -22.57 -5.68
N VAL A 96 -0.52 -21.48 -6.20
CA VAL A 96 -0.42 -21.09 -7.62
C VAL A 96 0.63 -19.99 -7.90
N GLN A 97 1.50 -19.70 -6.93
CA GLN A 97 2.47 -18.64 -7.10
C GLN A 97 3.80 -19.01 -7.79
N PRO A 98 4.28 -20.27 -7.69
CA PRO A 98 5.60 -20.54 -8.31
C PRO A 98 5.70 -20.09 -9.76
N LEU A 99 6.78 -19.41 -10.07
CA LEU A 99 6.97 -18.83 -11.39
C LEU A 99 7.36 -19.89 -12.42
N SER A 100 7.91 -21.01 -11.97
CA SER A 100 8.23 -22.14 -12.86
C SER A 100 8.49 -23.43 -12.06
N GLY A 101 8.59 -24.54 -12.79
CA GLY A 101 8.81 -25.85 -12.21
C GLY A 101 9.99 -26.01 -11.29
N SER A 102 11.12 -25.38 -11.66
CA SER A 102 12.35 -25.49 -10.87
C SER A 102 12.22 -24.74 -9.54
N ALA A 103 11.61 -23.58 -9.56
CA ALA A 103 11.31 -22.81 -8.35
C ALA A 103 10.33 -23.56 -7.41
N ALA A 104 9.26 -24.13 -7.97
CA ALA A 104 8.29 -24.92 -7.19
C ALA A 104 8.89 -26.15 -6.49
N ASN A 105 9.75 -26.89 -7.19
CA ASN A 105 10.40 -28.06 -6.60
C ASN A 105 11.42 -27.70 -5.53
N VAL A 106 12.08 -26.54 -5.64
CA VAL A 106 13.01 -26.07 -4.61
C VAL A 106 12.25 -25.55 -3.38
N GLN A 107 11.20 -24.78 -3.65
CA GLN A 107 10.31 -24.25 -2.65
C GLN A 107 9.67 -25.41 -1.87
N ALA A 108 9.12 -26.39 -2.58
CA ALA A 108 8.47 -27.53 -1.92
C ALA A 108 9.46 -28.38 -1.13
N LEU A 109 10.62 -28.67 -1.71
CA LEU A 109 11.66 -29.41 -0.99
C LEU A 109 12.15 -28.71 0.26
N TYR A 110 12.31 -27.41 0.19
CA TYR A 110 12.71 -26.64 1.36
C TYR A 110 11.70 -26.71 2.52
N ALA A 111 10.44 -26.40 2.20
CA ALA A 111 9.29 -26.51 3.11
C ALA A 111 9.29 -27.81 3.93
N LEU A 112 9.48 -28.94 3.24
CA LEU A 112 9.45 -30.26 3.88
C LEU A 112 10.68 -30.57 4.73
N VAL A 113 11.88 -30.30 4.19
CA VAL A 113 13.13 -30.73 4.85
C VAL A 113 14.07 -29.65 5.36
N GLY A 114 14.00 -28.45 4.79
CA GLY A 114 14.87 -27.35 5.16
C GLY A 114 16.30 -27.52 4.67
N VAL A 115 17.13 -26.56 5.02
CA VAL A 115 18.53 -26.55 4.66
C VAL A 115 19.22 -27.71 5.35
N LYS A 116 20.20 -28.29 4.65
CA LYS A 116 20.92 -29.49 5.09
C LYS A 116 20.09 -30.79 5.00
N GLY A 117 18.76 -30.69 4.77
CA GLY A 117 17.86 -31.84 4.73
C GLY A 117 18.22 -32.86 3.66
N LYS A 118 17.81 -34.11 3.88
CA LYS A 118 18.16 -35.24 3.01
C LYS A 118 17.06 -35.55 2.00
N ILE A 119 17.46 -35.72 0.72
CA ILE A 119 16.50 -36.04 -0.36
C ILE A 119 16.98 -37.11 -1.35
N MET A 120 16.02 -37.85 -1.90
CA MET A 120 16.28 -38.92 -2.88
C MET A 120 15.53 -38.60 -4.16
N GLY A 121 16.22 -38.76 -5.30
CA GLY A 121 15.60 -38.51 -6.58
C GLY A 121 16.18 -39.39 -7.65
N MET A 122 15.45 -39.52 -8.76
CA MET A 122 15.98 -40.20 -9.93
C MET A 122 17.13 -39.37 -10.53
N HIS A 123 18.20 -40.07 -10.90
CA HIS A 123 19.39 -39.49 -11.52
C HIS A 123 18.99 -38.87 -12.85
N LEU A 124 19.71 -37.82 -13.23
CA LEU A 124 19.43 -37.08 -14.47
C LEU A 124 19.55 -37.97 -15.73
N CYS A 125 20.73 -38.56 -15.93
CA CYS A 125 20.97 -39.62 -16.95
C CYS A 125 19.87 -40.67 -17.08
N SER A 126 19.24 -41.06 -15.95
CA SER A 126 18.20 -42.08 -15.95
C SER A 126 16.76 -41.58 -16.14
N GLY A 127 16.57 -40.26 -16.28
CA GLY A 127 15.22 -39.70 -16.48
C GLY A 127 14.76 -38.61 -15.51
N GLY A 128 15.48 -38.41 -14.42
CA GLY A 128 15.12 -37.40 -13.44
C GLY A 128 15.44 -35.97 -13.85
N HIS A 129 14.76 -35.01 -13.23
CA HIS A 129 15.07 -33.61 -13.38
C HIS A 129 16.28 -33.19 -12.55
N LEU A 130 16.86 -32.06 -12.93
CA LEU A 130 17.93 -31.38 -12.20
C LEU A 130 17.55 -31.02 -10.77
N THR A 131 16.31 -30.54 -10.61
CA THR A 131 15.75 -30.19 -9.31
C THR A 131 15.31 -31.40 -8.47
N HIS A 132 15.72 -32.62 -8.86
CA HIS A 132 15.56 -33.80 -8.04
C HIS A 132 16.86 -34.18 -7.36
N GLY A 133 17.71 -33.18 -7.13
CA GLY A 133 18.94 -33.39 -6.44
C GLY A 133 20.10 -33.73 -7.34
N PHE A 134 20.02 -33.42 -8.64
CA PHE A 134 21.12 -33.80 -9.52
C PHE A 134 22.46 -33.21 -9.11
N PHE A 135 23.48 -34.06 -9.10
CA PHE A 135 24.85 -33.60 -9.05
C PHE A 135 25.79 -34.50 -9.84
N ASP A 136 26.95 -33.95 -10.14
CA ASP A 136 28.04 -34.65 -10.79
C ASP A 136 29.10 -34.79 -9.72
N GLU A 137 30.12 -35.58 -10.00
CA GLU A 137 31.32 -35.58 -9.16
C GLU A 137 31.99 -34.20 -9.23
N LYS A 138 32.04 -33.65 -10.43
CA LYS A 138 32.72 -32.37 -10.73
C LYS A 138 32.14 -31.15 -9.98
N LYS A 139 30.83 -31.18 -9.71
CA LYS A 139 30.14 -30.05 -9.09
C LYS A 139 28.75 -30.43 -8.56
N LYS A 140 28.26 -29.71 -7.56
CA LYS A 140 26.86 -29.81 -7.10
C LYS A 140 26.02 -28.99 -8.04
N VAL A 141 25.56 -29.63 -9.10
CA VAL A 141 25.03 -28.94 -10.28
C VAL A 141 23.72 -28.20 -9.99
N SER A 142 22.80 -28.87 -9.32
CA SER A 142 21.56 -28.22 -8.93
C SER A 142 21.70 -27.74 -7.50
N ILE A 143 21.05 -26.62 -7.17
CA ILE A 143 20.94 -26.15 -5.78
C ILE A 143 20.37 -27.25 -4.87
N THR A 144 19.47 -28.08 -5.41
CA THR A 144 18.86 -29.19 -4.69
C THR A 144 19.89 -30.21 -4.17
N SER A 145 21.04 -30.34 -4.82
CA SER A 145 22.13 -31.19 -4.31
C SER A 145 23.08 -30.42 -3.41
N ASP A 146 22.93 -29.10 -3.33
CA ASP A 146 23.81 -28.26 -2.53
C ASP A 146 23.15 -27.77 -1.23
N MET A 147 21.95 -27.20 -1.32
CA MET A 147 21.25 -26.72 -0.13
C MET A 147 20.63 -27.88 0.65
N PHE A 148 20.43 -29.01 -0.04
CA PHE A 148 20.03 -30.28 0.55
C PHE A 148 21.19 -31.26 0.36
N GLU A 149 21.16 -32.35 1.13
CA GLU A 149 22.09 -33.46 0.92
C GLU A 149 21.33 -34.48 0.12
N SER A 150 21.83 -34.85 -1.06
CA SER A 150 21.03 -35.67 -1.98
C SER A 150 21.72 -36.95 -2.41
N LYS A 151 20.89 -37.96 -2.69
CA LYS A 151 21.33 -39.28 -3.13
C LYS A 151 20.52 -39.60 -4.37
N LEU A 152 21.11 -40.33 -5.32
CA LEU A 152 20.45 -40.52 -6.62
C LEU A 152 20.31 -41.98 -6.99
N TYR A 153 19.06 -42.40 -7.23
CA TYR A 153 18.76 -43.76 -7.69
C TYR A 153 18.68 -43.82 -9.20
N LYS A 154 18.98 -45.01 -9.75
CA LYS A 154 18.98 -45.23 -11.18
C LYS A 154 17.90 -46.18 -11.62
N CYS A 155 17.63 -46.16 -12.93
CA CYS A 155 16.77 -47.10 -13.60
C CYS A 155 17.67 -48.27 -13.97
N ASN A 156 17.09 -49.48 -14.02
CA ASN A 156 17.84 -50.69 -14.37
C ASN A 156 18.33 -50.76 -15.83
N SER A 157 19.04 -51.84 -16.19
CA SER A 157 19.53 -52.09 -17.57
C SER A 157 18.43 -52.01 -18.65
N GLN A 158 17.20 -52.41 -18.30
CA GLN A 158 16.06 -52.40 -19.23
C GLN A 158 15.28 -51.07 -19.25
N GLY A 159 15.81 -50.04 -18.60
CA GLY A 159 15.20 -48.70 -18.60
C GLY A 159 13.95 -48.52 -17.75
N TYR A 160 13.80 -49.32 -16.68
CA TYR A 160 12.71 -49.17 -15.70
C TYR A 160 13.25 -48.72 -14.35
N VAL A 161 12.40 -48.05 -13.56
CA VAL A 161 12.68 -47.75 -12.15
C VAL A 161 12.90 -49.07 -11.41
N ASP A 162 14.01 -49.16 -10.68
CA ASP A 162 14.36 -50.36 -9.91
C ASP A 162 13.96 -50.16 -8.45
N LEU A 163 12.71 -50.50 -8.13
CA LEU A 163 12.18 -50.33 -6.76
C LEU A 163 13.01 -51.03 -5.67
N ASP A 164 13.61 -52.17 -5.98
CA ASP A 164 14.46 -52.85 -5.01
C ASP A 164 15.59 -51.92 -4.60
N ALA A 165 16.32 -51.41 -5.57
CA ALA A 165 17.44 -50.47 -5.33
C ALA A 165 16.99 -49.14 -4.69
N VAL A 166 15.78 -48.69 -4.99
CA VAL A 166 15.20 -47.53 -4.31
C VAL A 166 15.11 -47.79 -2.79
N ARG A 167 14.57 -48.95 -2.42
CA ARG A 167 14.55 -49.41 -1.01
C ARG A 167 15.95 -49.64 -0.41
N GLU A 168 16.87 -50.23 -1.16
CA GLU A 168 18.25 -50.44 -0.69
C GLU A 168 18.81 -49.11 -0.21
N MET A 169 18.67 -48.10 -1.07
CA MET A 169 19.19 -46.75 -0.83
C MET A 169 18.35 -46.03 0.26
N ALA A 170 17.02 -46.11 0.17
CA ALA A 170 16.13 -45.43 1.14
C ALA A 170 16.21 -45.90 2.61
N LEU A 171 16.50 -47.19 2.83
CA LEU A 171 16.70 -47.71 4.20
C LEU A 171 18.06 -47.32 4.80
N SER A 172 19.09 -47.34 3.99
CA SER A 172 20.41 -46.90 4.43
C SER A 172 20.53 -45.37 4.53
N PHE A 173 19.89 -44.64 3.60
CA PHE A 173 19.98 -43.16 3.55
C PHE A 173 18.98 -42.44 4.45
N LYS A 174 17.85 -43.06 4.72
CA LYS A 174 16.85 -42.54 5.67
C LYS A 174 16.38 -41.12 5.30
N PRO A 175 16.08 -40.90 4.01
CA PRO A 175 15.74 -39.54 3.58
C PRO A 175 14.43 -39.02 4.15
N LYS A 176 14.29 -37.71 4.14
CA LYS A 176 13.07 -37.06 4.59
C LYS A 176 12.10 -36.82 3.41
N VAL A 177 12.61 -36.86 2.17
CA VAL A 177 11.76 -36.79 0.96
C VAL A 177 12.27 -37.75 -0.12
N ILE A 178 11.33 -38.42 -0.80
CA ILE A 178 11.66 -39.23 -1.98
C ILE A 178 10.86 -38.67 -3.14
N ILE A 179 11.56 -38.28 -4.21
CA ILE A 179 10.92 -37.70 -5.38
C ILE A 179 10.74 -38.77 -6.47
N CYS A 180 9.56 -38.79 -7.07
CA CYS A 180 9.28 -39.60 -8.25
C CYS A 180 8.47 -38.75 -9.22
N GLY A 181 8.27 -39.27 -10.44
CA GLY A 181 7.82 -38.46 -11.58
C GLY A 181 9.01 -37.73 -12.23
N TYR A 182 9.11 -37.75 -13.57
CA TYR A 182 10.41 -37.55 -14.24
C TYR A 182 10.33 -36.73 -15.52
N THR A 183 11.50 -36.41 -16.10
CA THR A 183 11.54 -35.55 -17.29
C THR A 183 11.48 -36.37 -18.56
N SER A 184 12.12 -37.53 -18.58
CA SER A 184 12.15 -38.35 -19.79
C SER A 184 12.04 -39.81 -19.43
N TYR A 185 10.89 -40.16 -18.86
CA TYR A 185 10.54 -41.52 -18.48
C TYR A 185 9.30 -41.93 -19.25
N PRO A 186 9.42 -42.95 -20.14
CA PRO A 186 8.33 -43.32 -21.03
C PRO A 186 7.24 -44.22 -20.43
N ARG A 187 7.41 -44.67 -19.18
CA ARG A 187 6.40 -45.53 -18.55
C ARG A 187 5.76 -44.92 -17.30
N ASP A 188 4.65 -45.50 -16.89
CA ASP A 188 3.90 -45.04 -15.72
C ASP A 188 4.66 -45.44 -14.42
N ILE A 189 4.24 -44.82 -13.31
CA ILE A 189 4.90 -44.96 -12.01
C ILE A 189 4.05 -45.73 -10.98
N ASP A 190 4.72 -46.62 -10.26
CA ASP A 190 4.07 -47.34 -9.16
C ASP A 190 4.14 -46.47 -7.91
N TYR A 191 3.21 -45.54 -7.80
CA TYR A 191 3.20 -44.60 -6.69
C TYR A 191 2.94 -45.33 -5.39
N GLN A 192 2.09 -46.36 -5.44
CA GLN A 192 1.82 -47.21 -4.26
C GLN A 192 3.10 -47.78 -3.67
N GLN A 193 3.95 -48.40 -4.50
CA GLN A 193 5.21 -48.94 -3.98
C GLN A 193 6.11 -47.82 -3.44
N PHE A 194 6.11 -46.64 -4.07
CA PHE A 194 6.86 -45.51 -3.51
C PHE A 194 6.35 -45.11 -2.11
N ARG A 195 5.03 -44.94 -1.99
CA ARG A 195 4.35 -44.69 -0.70
C ARG A 195 4.67 -45.69 0.42
N GLN A 196 4.62 -46.97 0.04
CA GLN A 196 5.05 -48.08 0.89
C GLN A 196 6.48 -47.86 1.42
N ILE A 197 7.43 -47.54 0.53
CA ILE A 197 8.85 -47.36 0.92
C ILE A 197 9.07 -46.14 1.82
N CYS A 198 8.34 -45.06 1.56
CA CYS A 198 8.48 -43.84 2.34
C CYS A 198 8.02 -44.02 3.78
N ASP A 199 6.83 -44.60 3.97
CA ASP A 199 6.34 -45.03 5.30
C ASP A 199 7.37 -45.87 6.09
N GLU A 200 7.99 -46.82 5.40
CA GLU A 200 8.97 -47.73 6.01
C GLU A 200 10.20 -47.00 6.58
N VAL A 201 10.53 -45.89 5.94
CA VAL A 201 11.64 -45.01 6.35
C VAL A 201 11.14 -43.77 7.12
N ASN A 202 9.85 -43.46 6.97
CA ASN A 202 9.17 -42.24 7.52
C ASN A 202 9.30 -41.00 6.59
N ALA A 203 9.76 -41.22 5.36
CA ALA A 203 9.99 -40.14 4.38
C ALA A 203 8.69 -39.55 3.78
N TYR A 204 8.76 -38.32 3.29
CA TYR A 204 7.66 -37.73 2.50
C TYR A 204 7.67 -38.32 1.07
N LEU A 205 6.49 -38.49 0.49
CA LEU A 205 6.37 -38.92 -0.91
C LEU A 205 6.10 -37.70 -1.78
N PHE A 206 7.05 -37.39 -2.67
CA PHE A 206 6.99 -36.22 -3.55
C PHE A 206 6.86 -36.72 -4.97
N ALA A 207 5.80 -36.29 -5.64
CA ALA A 207 5.51 -36.68 -7.01
C ALA A 207 5.56 -35.45 -7.95
N ASP A 208 6.57 -35.39 -8.83
CA ASP A 208 6.68 -34.32 -9.86
C ASP A 208 6.12 -34.87 -11.14
N ILE A 209 4.92 -34.41 -11.49
CA ILE A 209 4.15 -34.97 -12.60
C ILE A 209 3.99 -33.99 -13.79
N SER A 210 4.95 -33.06 -13.89
CA SER A 210 4.99 -32.02 -14.92
C SER A 210 4.78 -32.51 -16.34
N HIS A 211 5.45 -33.61 -16.70
CA HIS A 211 5.32 -34.18 -18.05
C HIS A 211 4.04 -34.95 -18.31
N ILE A 212 3.45 -35.52 -17.26
CA ILE A 212 2.33 -36.43 -17.39
C ILE A 212 1.05 -35.88 -16.74
N SER A 213 1.02 -34.56 -16.55
CA SER A 213 0.00 -33.92 -15.72
C SER A 213 -1.43 -34.17 -16.20
N SER A 214 -1.67 -34.03 -17.50
CA SER A 214 -2.98 -34.27 -18.10
C SER A 214 -3.41 -35.72 -18.03
N PHE A 215 -2.46 -36.65 -18.04
CA PHE A 215 -2.82 -38.06 -17.88
C PHE A 215 -3.38 -38.31 -16.47
N VAL A 216 -2.82 -37.62 -15.48
CA VAL A 216 -3.23 -37.76 -14.10
C VAL A 216 -4.60 -37.11 -13.95
N ALA A 217 -4.75 -35.91 -14.48
CA ALA A 217 -6.02 -35.21 -14.40
C ALA A 217 -7.15 -36.03 -14.99
N CYS A 218 -6.89 -36.65 -16.14
CA CYS A 218 -7.94 -37.28 -16.95
C CYS A 218 -8.20 -38.76 -16.61
N ASN A 219 -7.56 -39.24 -15.54
CA ASN A 219 -7.63 -40.64 -15.13
C ASN A 219 -7.30 -41.66 -16.23
N ILE A 220 -6.27 -41.31 -17.02
CA ILE A 220 -5.70 -42.19 -18.05
C ILE A 220 -4.46 -42.90 -17.50
N LEU A 221 -3.75 -42.29 -16.56
CA LEU A 221 -2.62 -42.94 -15.86
C LEU A 221 -2.84 -43.00 -14.36
N ASN A 222 -1.90 -43.62 -13.65
CA ASN A 222 -1.94 -43.73 -12.20
C ASN A 222 -1.99 -42.37 -11.53
N ASN A 223 -2.80 -42.29 -10.48
CA ASN A 223 -3.09 -41.06 -9.78
C ASN A 223 -2.20 -40.98 -8.56
N PRO A 224 -1.24 -40.03 -8.55
CA PRO A 224 -0.35 -39.91 -7.41
C PRO A 224 -1.02 -39.24 -6.23
N PHE A 225 -2.14 -38.54 -6.45
CA PHE A 225 -2.88 -37.89 -5.36
C PHE A 225 -3.41 -38.88 -4.29
N LEU A 226 -3.53 -40.16 -4.64
CA LEU A 226 -3.96 -41.19 -3.71
C LEU A 226 -2.89 -41.53 -2.67
N HIS A 227 -1.63 -41.35 -3.05
CA HIS A 227 -0.47 -41.74 -2.23
C HIS A 227 0.48 -40.62 -1.79
N ALA A 228 0.63 -39.56 -2.60
CA ALA A 228 1.68 -38.55 -2.36
C ALA A 228 1.32 -37.50 -1.31
N ASP A 229 2.33 -37.06 -0.59
CA ASP A 229 2.21 -35.90 0.31
C ASP A 229 2.25 -34.59 -0.45
N VAL A 230 3.15 -34.52 -1.43
CA VAL A 230 3.33 -33.33 -2.27
C VAL A 230 3.30 -33.75 -3.72
N VAL A 231 2.54 -33.00 -4.53
CA VAL A 231 2.57 -33.17 -5.96
C VAL A 231 2.92 -31.81 -6.55
N THR A 232 3.97 -31.76 -7.37
CA THR A 232 4.27 -30.57 -8.21
C THR A 232 4.04 -30.86 -9.69
N THR A 233 3.55 -29.85 -10.41
CA THR A 233 3.51 -29.88 -11.87
C THR A 233 3.83 -28.48 -12.40
N THR A 234 4.51 -28.42 -13.57
CA THR A 234 4.50 -27.21 -14.40
C THR A 234 3.16 -27.12 -15.06
N THR A 235 2.87 -25.98 -15.65
CA THR A 235 1.60 -25.74 -16.32
C THR A 235 1.72 -25.62 -17.84
N HIS A 236 2.95 -25.64 -18.38
CA HIS A 236 3.23 -25.30 -19.80
C HIS A 236 3.48 -26.47 -20.73
N LYS A 237 3.63 -27.67 -20.18
CA LYS A 237 3.88 -28.85 -21.01
C LYS A 237 2.54 -29.42 -21.46
N ILE A 238 2.32 -30.73 -21.30
CA ILE A 238 1.09 -31.41 -21.75
C ILE A 238 -0.21 -30.77 -21.23
N LEU A 239 -0.14 -30.05 -20.11
CA LEU A 239 -1.29 -29.24 -19.64
C LEU A 239 -1.67 -28.09 -20.56
N ARG A 240 -0.71 -27.65 -21.39
CA ARG A 240 -0.94 -26.64 -22.42
C ARG A 240 -1.24 -25.24 -21.85
N GLY A 241 -0.69 -24.95 -20.67
CA GLY A 241 -0.87 -23.63 -20.03
C GLY A 241 0.34 -22.73 -20.22
N PRO A 242 0.39 -21.61 -19.47
CA PRO A 242 1.54 -20.73 -19.51
C PRO A 242 2.72 -21.28 -18.73
N ARG A 243 3.82 -20.55 -18.75
CA ARG A 243 4.99 -20.95 -18.01
C ARG A 243 4.79 -20.62 -16.51
N SER A 244 4.38 -21.62 -15.76
CA SER A 244 4.23 -21.53 -14.32
C SER A 244 4.23 -22.91 -13.70
N ALA A 245 4.05 -22.96 -12.38
CA ALA A 245 4.00 -24.21 -11.66
C ALA A 245 3.02 -24.20 -10.49
N LEU A 246 2.57 -25.41 -10.15
CA LEU A 246 1.60 -25.66 -9.09
C LEU A 246 2.24 -26.56 -8.06
N ILE A 247 2.03 -26.24 -6.78
CA ILE A 247 2.42 -27.12 -5.69
C ILE A 247 1.15 -27.58 -4.99
N PHE A 248 0.89 -28.89 -5.02
CA PHE A 248 -0.19 -29.50 -4.25
C PHE A 248 0.35 -30.13 -2.97
N PHE A 249 -0.45 -30.05 -1.90
CA PHE A 249 -0.11 -30.62 -0.60
C PHE A 249 -1.35 -31.28 0.08
N ASN A 250 -1.10 -32.44 0.66
CA ASN A 250 -2.13 -33.24 1.30
C ASN A 250 -2.29 -32.74 2.74
N LYS A 251 -3.28 -31.89 2.96
CA LYS A 251 -3.57 -31.40 4.32
C LYS A 251 -3.86 -32.56 5.28
N LYS A 252 -4.84 -33.40 4.92
CA LYS A 252 -5.25 -34.60 5.71
C LYS A 252 -4.12 -35.51 6.20
N ARG A 253 -3.10 -35.72 5.39
CA ARG A 253 -2.00 -36.61 5.76
C ARG A 253 -0.99 -35.90 6.64
N ASN A 254 -0.88 -34.57 6.48
CA ASN A 254 0.03 -33.74 7.28
C ASN A 254 -0.61 -32.35 7.53
N PRO A 255 -1.29 -32.17 8.68
CA PRO A 255 -1.70 -30.81 9.06
C PRO A 255 -0.47 -29.93 9.31
N GLY A 256 -0.62 -28.63 9.06
CA GLY A 256 0.49 -27.69 9.18
C GLY A 256 1.36 -27.53 7.93
N ILE A 257 1.27 -28.49 7.00
CA ILE A 257 1.99 -28.43 5.75
C ILE A 257 1.51 -27.26 4.88
N GLU A 258 0.24 -26.87 4.99
CA GLU A 258 -0.24 -25.73 4.22
C GLU A 258 0.60 -24.48 4.44
N GLN A 259 0.93 -24.22 5.72
CA GLN A 259 1.67 -23.03 6.10
C GLN A 259 3.14 -23.18 5.67
N LYS A 260 3.74 -24.33 6.00
CA LYS A 260 5.10 -24.71 5.53
C LYS A 260 5.36 -24.48 4.03
N ILE A 261 4.42 -24.90 3.19
CA ILE A 261 4.49 -24.74 1.76
C ILE A 261 4.23 -23.30 1.36
N ASN A 262 3.15 -22.72 1.85
CA ASN A 262 2.83 -21.33 1.55
C ASN A 262 3.95 -20.37 2.00
N SER A 263 4.59 -20.65 3.13
CA SER A 263 5.59 -19.71 3.64
C SER A 263 6.92 -19.86 2.88
N ALA A 264 7.26 -21.08 2.50
CA ALA A 264 8.36 -21.36 1.58
C ALA A 264 8.27 -20.59 0.25
N VAL A 265 7.11 -20.58 -0.37
CA VAL A 265 6.96 -19.84 -1.63
C VAL A 265 7.10 -18.33 -1.39
N PHE A 266 6.22 -17.75 -0.57
CA PHE A 266 6.42 -16.42 -0.03
C PHE A 266 6.30 -16.45 1.49
N PRO A 267 7.27 -15.85 2.21
CA PRO A 267 8.34 -14.99 1.78
C PRO A 267 9.73 -15.62 1.79
N SER A 268 9.84 -16.94 1.95
CA SER A 268 11.16 -17.55 1.92
C SER A 268 11.91 -17.34 0.59
N PHE A 269 11.21 -17.52 -0.55
CA PHE A 269 11.84 -17.54 -1.87
C PHE A 269 11.40 -16.41 -2.78
N GLN A 270 10.12 -16.33 -3.12
CA GLN A 270 9.62 -15.33 -4.04
C GLN A 270 9.15 -14.08 -3.33
N GLY A 271 8.91 -13.04 -4.12
CA GLY A 271 8.30 -11.79 -3.68
C GLY A 271 6.92 -11.66 -4.33
N GLY A 272 6.74 -10.65 -5.17
CA GLY A 272 5.43 -10.37 -5.74
C GLY A 272 5.03 -11.46 -6.72
N PRO A 273 3.79 -12.00 -6.62
CA PRO A 273 3.38 -12.99 -7.62
C PRO A 273 3.21 -12.33 -8.97
N HIS A 274 3.29 -13.16 -10.01
CA HIS A 274 3.07 -12.68 -11.36
C HIS A 274 1.64 -13.03 -11.74
N ASN A 275 0.77 -12.04 -11.67
CA ASN A 275 -0.68 -12.26 -11.75
C ASN A 275 -1.16 -12.66 -13.12
N ASN A 276 -0.57 -12.08 -14.16
CA ASN A 276 -0.84 -12.50 -15.55
C ASN A 276 -0.62 -14.02 -15.72
N LYS A 277 0.41 -14.55 -15.08
CA LYS A 277 0.63 -16.01 -15.05
C LYS A 277 -0.51 -16.75 -14.38
N ILE A 278 -0.91 -16.23 -13.23
CA ILE A 278 -1.97 -16.81 -12.43
C ILE A 278 -3.30 -16.75 -13.19
N ALA A 279 -3.62 -15.58 -13.72
CA ALA A 279 -4.76 -15.42 -14.61
C ALA A 279 -4.71 -16.34 -15.84
N ALA A 280 -3.53 -16.50 -16.46
CA ALA A 280 -3.41 -17.35 -17.64
C ALA A 280 -3.66 -18.82 -17.26
N VAL A 281 -3.19 -19.20 -16.08
CA VAL A 281 -3.40 -20.56 -15.58
C VAL A 281 -4.90 -20.80 -15.38
N ALA A 282 -5.59 -19.85 -14.75
CA ALA A 282 -7.06 -19.92 -14.60
C ALA A 282 -7.73 -20.28 -15.90
N CYS A 283 -7.40 -19.55 -16.96
CA CYS A 283 -7.98 -19.75 -18.30
C CYS A 283 -7.74 -21.13 -18.91
N GLN A 284 -6.57 -21.70 -18.65
CA GLN A 284 -6.30 -23.07 -19.08
C GLN A 284 -6.94 -24.11 -18.17
N LEU A 285 -6.95 -23.85 -16.87
CA LEU A 285 -7.50 -24.83 -15.90
C LEU A 285 -9.01 -24.99 -16.00
N LYS A 286 -9.69 -24.03 -16.61
CA LYS A 286 -11.05 -24.25 -17.08
C LYS A 286 -10.96 -25.33 -18.13
N GLU A 287 -10.28 -25.01 -19.24
CA GLU A 287 -10.18 -25.91 -20.38
C GLU A 287 -9.77 -27.33 -20.01
N VAL A 288 -8.87 -27.49 -19.03
CA VAL A 288 -8.47 -28.83 -18.61
C VAL A 288 -9.71 -29.67 -18.26
N HIS A 289 -10.64 -29.08 -17.49
CA HIS A 289 -11.79 -29.83 -16.96
C HIS A 289 -12.92 -30.19 -17.95
N SER A 290 -12.93 -29.55 -19.12
CA SER A 290 -13.93 -29.84 -20.16
C SER A 290 -13.61 -31.16 -20.86
N PRO A 291 -14.64 -31.93 -21.27
CA PRO A 291 -14.37 -33.28 -21.80
C PRO A 291 -13.65 -33.30 -23.17
N ALA A 292 -13.70 -32.19 -23.90
CA ALA A 292 -12.87 -31.97 -25.10
C ALA A 292 -11.36 -32.07 -24.84
N PHE A 293 -10.92 -31.74 -23.63
CA PHE A 293 -9.49 -31.78 -23.29
C PHE A 293 -9.07 -33.21 -22.95
N LYS A 294 -9.99 -33.96 -22.32
CA LYS A 294 -9.82 -35.41 -22.18
C LYS A 294 -9.72 -36.04 -23.56
N GLU A 295 -10.58 -35.61 -24.50
CA GLU A 295 -10.44 -36.06 -25.88
C GLU A 295 -9.01 -35.81 -26.39
N TYR A 296 -8.51 -34.59 -26.20
CA TYR A 296 -7.13 -34.18 -26.58
C TYR A 296 -6.07 -35.05 -25.96
N THR A 297 -6.11 -35.15 -24.64
CA THR A 297 -5.15 -35.95 -23.91
C THR A 297 -5.14 -37.42 -24.37
N GLN A 298 -6.29 -37.94 -24.77
CA GLN A 298 -6.40 -39.32 -25.30
C GLN A 298 -5.69 -39.37 -26.63
N GLN A 299 -5.92 -38.37 -27.47
CA GLN A 299 -5.23 -38.29 -28.75
C GLN A 299 -3.71 -38.27 -28.59
N VAL A 300 -3.21 -37.61 -27.55
CA VAL A 300 -1.77 -37.58 -27.22
C VAL A 300 -1.19 -38.99 -27.02
N LEU A 301 -1.88 -39.84 -26.27
CA LEU A 301 -1.43 -41.22 -26.05
C LEU A 301 -1.63 -42.07 -27.32
N LEU A 302 -2.78 -41.93 -27.97
CA LEU A 302 -3.04 -42.66 -29.22
C LEU A 302 -1.93 -42.36 -30.24
N ASN A 303 -1.58 -41.08 -30.42
CA ASN A 303 -0.46 -40.70 -31.31
C ASN A 303 0.86 -41.27 -30.83
N SER A 304 1.11 -41.19 -29.53
CA SER A 304 2.33 -41.72 -28.96
C SER A 304 2.48 -43.25 -29.19
N LYS A 305 1.39 -43.98 -29.01
CA LYS A 305 1.35 -45.42 -29.31
C LYS A 305 1.65 -45.70 -30.80
N ALA A 306 0.92 -45.02 -31.69
CA ALA A 306 1.07 -45.21 -33.12
C ALA A 306 2.44 -44.78 -33.60
N LEU A 307 3.01 -43.76 -32.97
CA LEU A 307 4.39 -43.36 -33.26
C LEU A 307 5.45 -44.36 -32.80
N ALA A 308 5.22 -44.99 -31.65
CA ALA A 308 6.15 -46.02 -31.15
C ALA A 308 6.13 -47.26 -32.03
N LYS A 309 4.92 -47.60 -32.48
CA LYS A 309 4.64 -48.80 -33.28
C LYS A 309 5.29 -48.65 -34.65
N ALA A 310 5.06 -47.50 -35.29
CA ALA A 310 5.65 -47.21 -36.59
C ALA A 310 7.19 -47.16 -36.55
N LEU A 311 7.76 -46.61 -35.48
CA LEU A 311 9.22 -46.57 -35.34
C LEU A 311 9.77 -47.99 -35.23
N ILE A 312 9.10 -48.83 -34.43
CA ILE A 312 9.46 -50.25 -34.32
C ILE A 312 9.32 -50.98 -35.64
N SER A 313 8.21 -50.78 -36.35
CA SER A 313 8.01 -51.34 -37.72
C SER A 313 9.14 -51.02 -38.71
N LYS A 314 9.77 -49.85 -38.54
CA LYS A 314 10.98 -49.44 -39.30
C LYS A 314 12.27 -49.84 -38.61
N GLN A 315 12.21 -50.81 -37.71
CA GLN A 315 13.37 -51.35 -37.01
C GLN A 315 14.17 -50.29 -36.25
N ILE A 316 13.47 -49.40 -35.54
CA ILE A 316 14.09 -48.47 -34.61
C ILE A 316 13.76 -48.94 -33.18
N ASP A 317 14.80 -49.03 -32.36
CA ASP A 317 14.69 -49.43 -30.96
C ASP A 317 14.29 -48.27 -30.04
N LEU A 318 13.45 -48.58 -29.06
CA LEU A 318 12.91 -47.62 -28.10
C LEU A 318 13.27 -48.11 -26.68
N VAL A 319 13.52 -47.19 -25.76
CA VAL A 319 13.86 -47.55 -24.37
C VAL A 319 12.58 -48.07 -23.70
N THR A 320 12.68 -49.24 -23.08
CA THR A 320 11.52 -50.05 -22.62
C THR A 320 10.61 -50.56 -23.75
N ASN A 321 11.10 -50.51 -25.00
CA ASN A 321 10.37 -50.95 -26.21
C ASN A 321 8.94 -50.45 -26.42
N GLY A 322 8.66 -49.23 -25.96
CA GLY A 322 7.33 -48.65 -26.06
C GLY A 322 7.07 -47.55 -25.06
N THR A 323 5.83 -47.08 -25.03
CA THR A 323 5.42 -46.01 -24.17
C THR A 323 4.03 -46.21 -23.54
N ASP A 324 3.87 -45.81 -22.28
CA ASP A 324 2.54 -45.71 -21.64
C ASP A 324 1.99 -44.31 -21.63
N ASN A 325 2.79 -43.35 -22.09
CA ASN A 325 2.45 -41.95 -22.01
C ASN A 325 2.69 -41.26 -23.36
N HIS A 326 2.89 -39.95 -23.30
CA HIS A 326 3.15 -39.02 -24.40
C HIS A 326 4.54 -39.00 -25.03
N LEU A 327 5.49 -39.75 -24.47
CA LEU A 327 6.88 -39.68 -24.94
C LEU A 327 7.59 -41.02 -25.19
N ILE A 328 8.52 -40.97 -26.13
CA ILE A 328 9.30 -42.11 -26.55
C ILE A 328 10.73 -41.66 -26.39
N VAL A 329 11.62 -42.59 -26.07
CA VAL A 329 13.06 -42.33 -26.15
C VAL A 329 13.66 -43.35 -27.11
N VAL A 330 14.22 -42.87 -28.22
CA VAL A 330 14.83 -43.72 -29.24
C VAL A 330 16.24 -44.09 -28.81
N ASP A 331 16.54 -45.39 -28.81
CA ASP A 331 17.90 -45.94 -28.61
C ASP A 331 18.63 -46.09 -29.97
N LEU A 332 19.55 -45.16 -30.26
CA LEU A 332 20.24 -45.10 -31.56
C LEU A 332 21.55 -45.92 -31.67
N ARG A 333 21.87 -46.75 -30.67
CA ARG A 333 23.13 -47.52 -30.66
C ARG A 333 23.36 -48.43 -31.87
N LYS A 334 22.31 -49.07 -32.40
CA LYS A 334 22.45 -49.94 -33.60
C LYS A 334 22.92 -49.23 -34.87
N PHE A 335 22.77 -47.90 -34.91
CA PHE A 335 23.24 -47.09 -36.01
C PHE A 335 24.58 -46.37 -35.75
N SER A 336 25.16 -46.54 -34.56
CA SER A 336 26.44 -45.90 -34.19
C SER A 336 26.47 -44.36 -34.44
N ILE A 337 25.33 -43.70 -34.25
CA ILE A 337 25.21 -42.26 -34.33
C ILE A 337 24.68 -41.74 -33.00
N THR A 338 25.17 -40.58 -32.54
CA THR A 338 24.74 -40.06 -31.24
C THR A 338 23.41 -39.31 -31.37
N GLY A 339 22.82 -38.96 -30.24
CA GLY A 339 21.68 -38.03 -30.21
C GLY A 339 22.14 -36.62 -30.59
N SER A 340 23.37 -36.28 -30.18
CA SER A 340 24.06 -35.05 -30.61
C SER A 340 23.92 -34.84 -32.13
N LYS A 341 24.34 -35.84 -32.90
CA LYS A 341 24.31 -35.76 -34.37
C LYS A 341 22.89 -35.72 -34.96
N LEU A 342 21.99 -36.59 -34.48
CA LEU A 342 20.59 -36.64 -34.97
C LEU A 342 19.79 -35.38 -34.64
N GLN A 343 20.11 -34.71 -33.54
CA GLN A 343 19.46 -33.44 -33.24
C GLN A 343 19.83 -32.38 -34.30
N GLU A 344 21.12 -32.33 -34.64
CA GLU A 344 21.59 -31.42 -35.70
C GLU A 344 20.92 -31.74 -37.03
N THR A 345 20.86 -33.02 -37.38
CA THR A 345 20.19 -33.45 -38.59
C THR A 345 18.70 -33.07 -38.61
N CYS A 346 18.01 -33.26 -37.49
CA CYS A 346 16.57 -32.92 -37.39
C CYS A 346 16.35 -31.41 -37.35
N ASN A 347 17.26 -30.67 -36.69
CA ASN A 347 17.26 -29.18 -36.78
C ASN A 347 17.28 -28.73 -38.24
N ALA A 348 18.18 -29.29 -39.04
CA ALA A 348 18.33 -28.92 -40.47
C ALA A 348 17.04 -29.15 -41.31
N ILE A 349 16.17 -30.06 -40.86
CA ILE A 349 14.91 -30.34 -41.57
C ILE A 349 13.65 -29.85 -40.87
N ASN A 350 13.81 -28.88 -39.96
CA ASN A 350 12.72 -28.34 -39.14
C ASN A 350 11.95 -29.40 -38.32
N VAL A 351 12.70 -30.26 -37.63
CA VAL A 351 12.13 -31.24 -36.72
C VAL A 351 12.78 -31.01 -35.37
N SER A 352 12.01 -30.50 -34.41
CA SER A 352 12.53 -30.25 -33.05
C SER A 352 12.37 -31.49 -32.21
N LEU A 353 13.51 -32.10 -31.89
CA LEU A 353 13.61 -33.13 -30.88
C LEU A 353 14.87 -32.83 -30.10
N ASN A 354 15.04 -33.48 -28.96
CA ASN A 354 16.25 -33.30 -28.16
C ASN A 354 16.94 -34.61 -27.87
N LYS A 355 18.25 -34.50 -27.76
CA LYS A 355 19.12 -35.60 -27.40
C LYS A 355 18.82 -36.01 -25.97
N ASN A 356 18.95 -37.30 -25.69
CA ASN A 356 18.65 -37.85 -24.39
C ASN A 356 19.52 -39.08 -24.10
N THR A 357 19.98 -39.18 -22.86
CA THR A 357 20.65 -40.38 -22.35
C THR A 357 19.77 -41.62 -22.38
N ILE A 358 20.44 -42.77 -22.38
CA ILE A 358 19.81 -44.07 -22.28
C ILE A 358 20.57 -44.77 -21.14
N PRO A 359 19.97 -45.83 -20.53
CA PRO A 359 20.61 -46.48 -19.38
C PRO A 359 22.06 -46.86 -19.61
N SER A 360 22.37 -47.32 -20.82
CA SER A 360 23.73 -47.73 -21.18
C SER A 360 24.73 -46.58 -21.17
N ASP A 361 24.28 -45.34 -21.39
CA ASP A 361 25.16 -44.18 -21.29
C ASP A 361 25.51 -43.97 -19.83
N VAL A 362 26.78 -44.19 -19.49
CA VAL A 362 27.23 -44.07 -18.10
C VAL A 362 27.27 -42.57 -17.79
N ASP A 363 27.96 -41.83 -18.66
CA ASP A 363 28.07 -40.37 -18.56
C ASP A 363 27.25 -39.63 -19.62
N ALA A 364 26.95 -38.37 -19.34
CA ALA A 364 26.06 -37.53 -20.18
C ALA A 364 26.81 -36.70 -21.22
N VAL A 365 28.09 -37.05 -21.48
CA VAL A 365 28.90 -36.33 -22.44
C VAL A 365 28.27 -36.49 -23.84
N SER A 366 28.04 -37.74 -24.27
CA SER A 366 27.52 -38.01 -25.61
C SER A 366 26.34 -39.00 -25.56
N PRO A 367 25.11 -38.52 -25.28
CA PRO A 367 23.97 -39.45 -25.14
C PRO A 367 23.62 -40.22 -26.41
N SER A 368 23.13 -41.45 -26.23
CA SER A 368 22.89 -42.37 -27.32
C SER A 368 21.43 -42.42 -27.81
N GLY A 369 20.64 -41.41 -27.43
CA GLY A 369 19.25 -41.39 -27.82
C GLY A 369 18.67 -40.04 -28.04
N VAL A 370 17.42 -40.02 -28.48
CA VAL A 370 16.67 -38.79 -28.60
C VAL A 370 15.31 -39.01 -27.94
N ARG A 371 14.75 -37.94 -27.36
CA ARG A 371 13.42 -37.98 -26.79
C ARG A 371 12.46 -37.26 -27.70
N ILE A 372 11.27 -37.82 -27.87
CA ILE A 372 10.23 -37.22 -28.67
C ILE A 372 8.94 -37.28 -27.88
N GLY A 373 8.00 -36.42 -28.25
CA GLY A 373 6.69 -36.47 -27.66
C GLY A 373 5.65 -35.89 -28.58
N THR A 374 4.42 -36.30 -28.36
CA THR A 374 3.27 -35.94 -29.19
C THR A 374 2.35 -34.79 -28.77
N PRO A 375 2.48 -34.25 -27.54
CA PRO A 375 1.53 -33.18 -27.16
C PRO A 375 1.39 -32.04 -28.16
N ALA A 376 2.53 -31.54 -28.65
CA ALA A 376 2.58 -30.36 -29.53
C ALA A 376 1.93 -30.62 -30.89
N MET A 377 2.36 -31.69 -31.56
CA MET A 377 1.77 -32.06 -32.85
C MET A 377 0.32 -32.48 -32.78
N THR A 378 -0.11 -33.06 -31.67
CA THR A 378 -1.52 -33.36 -31.47
C THR A 378 -2.33 -32.08 -31.38
N THR A 379 -1.83 -31.10 -30.62
CA THR A 379 -2.47 -29.78 -30.55
C THR A 379 -2.66 -29.18 -31.95
N ARG A 380 -1.71 -29.38 -32.87
CA ARG A 380 -1.86 -28.89 -34.25
C ARG A 380 -2.74 -29.79 -35.18
N GLY A 381 -3.39 -30.83 -34.63
CA GLY A 381 -4.46 -31.56 -35.29
C GLY A 381 -4.11 -32.92 -35.90
N ALA A 382 -2.95 -33.47 -35.53
CA ALA A 382 -2.42 -34.68 -36.14
C ALA A 382 -2.95 -35.95 -35.47
N LYS A 383 -3.37 -36.91 -36.29
CA LYS A 383 -4.05 -38.13 -35.87
C LYS A 383 -3.11 -39.32 -35.98
N GLU A 384 -3.59 -40.53 -35.66
CA GLU A 384 -2.71 -41.73 -35.68
C GLU A 384 -2.04 -41.98 -37.03
N LYS A 385 -2.84 -42.01 -38.08
CA LYS A 385 -2.39 -41.99 -39.49
C LYS A 385 -1.20 -41.06 -39.78
N ASP A 386 -1.21 -39.86 -39.21
CA ASP A 386 -0.14 -38.88 -39.45
C ASP A 386 1.20 -39.23 -38.81
N MET A 387 1.21 -40.20 -37.90
CA MET A 387 2.42 -40.61 -37.21
C MET A 387 3.35 -41.43 -38.08
N GLU A 388 2.81 -42.14 -39.09
CA GLU A 388 3.63 -42.94 -40.02
C GLU A 388 4.65 -42.04 -40.73
N PHE A 389 4.16 -40.90 -41.24
CA PHE A 389 4.98 -39.86 -41.87
C PHE A 389 6.03 -39.29 -40.93
N ILE A 390 5.66 -39.00 -39.68
CA ILE A 390 6.66 -38.53 -38.70
C ILE A 390 7.68 -39.61 -38.47
N ALA A 391 7.22 -40.85 -38.26
CA ALA A 391 8.10 -42.00 -38.26
C ALA A 391 8.98 -42.08 -39.52
N ASP A 392 8.38 -41.95 -40.71
CA ASP A 392 9.12 -41.93 -41.99
C ASP A 392 10.23 -40.86 -41.99
N VAL A 393 9.86 -39.62 -41.67
CA VAL A 393 10.79 -38.49 -41.66
C VAL A 393 11.92 -38.72 -40.66
N LEU A 394 11.61 -39.25 -39.48
CA LEU A 394 12.65 -39.58 -38.50
C LEU A 394 13.60 -40.68 -38.98
N ALA A 395 13.06 -41.75 -39.58
CA ALA A 395 13.87 -42.82 -40.19
C ALA A 395 14.85 -42.28 -41.24
N ARG A 396 14.33 -41.42 -42.11
CA ARG A 396 15.10 -40.81 -43.19
C ARG A 396 16.19 -39.90 -42.63
N ALA A 397 15.88 -39.16 -41.56
CA ALA A 397 16.87 -38.35 -40.85
C ALA A 397 17.93 -39.18 -40.19
N ILE A 398 17.56 -40.36 -39.69
CA ILE A 398 18.54 -41.28 -39.07
C ILE A 398 19.47 -41.83 -40.14
N LYS A 399 18.89 -42.33 -41.22
CA LYS A 399 19.67 -42.79 -42.35
C LYS A 399 20.67 -41.74 -42.88
N ILE A 400 20.22 -40.49 -43.03
CA ILE A 400 21.11 -39.42 -43.52
C ILE A 400 22.19 -39.05 -42.50
N THR A 401 21.86 -39.20 -41.22
CA THR A 401 22.86 -39.03 -40.15
C THR A 401 23.95 -40.12 -40.21
N VAL A 402 23.60 -41.32 -40.68
CA VAL A 402 24.60 -42.38 -40.87
C VAL A 402 25.49 -42.00 -42.04
N ASP A 403 24.88 -41.72 -43.18
CA ASP A 403 25.59 -41.29 -44.42
C ASP A 403 26.65 -40.21 -44.17
N LEU A 404 26.20 -39.11 -43.58
CA LEU A 404 27.06 -37.95 -43.26
C LEU A 404 28.19 -38.25 -42.26
N GLN A 405 27.98 -39.19 -41.36
CA GLN A 405 29.01 -39.63 -40.42
C GLN A 405 30.08 -40.47 -41.13
N GLU A 406 29.65 -41.38 -42.01
CA GLU A 406 30.59 -42.15 -42.85
C GLU A 406 31.47 -41.24 -43.73
N GLN A 407 30.86 -40.14 -44.22
CA GLN A 407 31.51 -39.22 -45.16
C GLN A 407 32.43 -38.20 -44.49
N TYR A 408 32.01 -37.63 -43.37
CA TYR A 408 32.79 -36.60 -42.66
C TYR A 408 33.42 -37.03 -41.34
N GLY A 409 32.99 -38.16 -40.77
CA GLY A 409 33.61 -38.70 -39.56
C GLY A 409 32.74 -38.62 -38.29
N LYS A 410 33.28 -39.18 -37.22
CA LYS A 410 32.55 -39.34 -35.95
C LYS A 410 32.61 -38.13 -35.04
N LYS A 411 33.47 -37.15 -35.35
CA LYS A 411 33.58 -35.92 -34.57
C LYS A 411 32.43 -35.00 -34.99
N LEU A 412 31.89 -34.26 -34.01
CA LEU A 412 30.70 -33.42 -34.25
C LEU A 412 31.04 -32.15 -35.04
N VAL A 413 32.27 -31.67 -34.89
CA VAL A 413 32.77 -30.51 -35.67
C VAL A 413 32.70 -30.85 -37.17
N ASP A 414 33.31 -31.98 -37.50
CA ASP A 414 33.41 -32.46 -38.87
C ASP A 414 32.00 -32.79 -39.41
N PHE A 415 31.23 -33.59 -38.64
CA PHE A 415 29.84 -33.97 -38.99
C PHE A 415 28.98 -32.81 -39.48
N LYS A 416 28.91 -31.74 -38.69
CA LYS A 416 28.08 -30.57 -39.05
C LYS A 416 28.42 -29.91 -40.39
N LYS A 417 29.68 -29.97 -40.81
CA LYS A 417 30.12 -29.45 -42.12
C LYS A 417 29.31 -30.07 -43.28
N GLY A 418 28.84 -31.31 -43.10
CA GLY A 418 28.07 -32.01 -44.14
C GLY A 418 26.64 -31.57 -44.35
N LEU A 419 26.09 -30.84 -43.37
CA LEU A 419 24.64 -30.53 -43.31
C LEU A 419 24.20 -29.43 -44.26
N PRO A 420 24.88 -28.26 -44.22
CA PRO A 420 24.46 -27.22 -45.15
C PRO A 420 24.59 -27.70 -46.62
N GLY A 421 23.52 -27.54 -47.38
CA GLY A 421 23.53 -27.84 -48.81
C GLY A 421 23.18 -29.26 -49.25
N ASN A 422 23.21 -30.23 -48.32
CA ASN A 422 22.91 -31.65 -48.58
C ASN A 422 21.53 -31.81 -49.24
N ALA A 423 21.53 -32.30 -50.49
CA ALA A 423 20.33 -32.32 -51.33
C ALA A 423 19.12 -32.98 -50.68
N GLN A 424 19.36 -34.06 -49.94
CA GLN A 424 18.29 -34.86 -49.34
C GLN A 424 17.65 -34.13 -48.14
N LEU A 425 18.47 -33.49 -47.31
CA LEU A 425 17.98 -32.64 -46.23
C LEU A 425 17.11 -31.49 -46.74
N GLN A 426 17.52 -30.86 -47.83
CA GLN A 426 16.73 -29.76 -48.42
C GLN A 426 15.41 -30.32 -48.91
N GLN A 427 15.48 -31.43 -49.67
CA GLN A 427 14.30 -32.19 -50.13
C GLN A 427 13.37 -32.48 -48.95
N LEU A 428 13.93 -33.04 -47.88
CA LEU A 428 13.18 -33.48 -46.70
C LEU A 428 12.63 -32.29 -45.90
N LYS A 429 13.49 -31.35 -45.51
CA LYS A 429 13.05 -30.05 -44.94
C LYS A 429 11.82 -29.48 -45.64
N GLN A 430 11.82 -29.54 -46.97
CA GLN A 430 10.75 -28.93 -47.74
C GLN A 430 9.45 -29.71 -47.58
N GLU A 431 9.54 -31.04 -47.59
CA GLU A 431 8.39 -31.90 -47.27
C GLU A 431 7.85 -31.58 -45.88
N VAL A 432 8.76 -31.49 -44.89
CA VAL A 432 8.41 -31.11 -43.51
C VAL A 432 7.65 -29.77 -43.51
N VAL A 433 8.23 -28.77 -44.18
CA VAL A 433 7.68 -27.42 -44.24
C VAL A 433 6.30 -27.41 -44.92
N THR A 434 6.14 -28.15 -46.01
CA THR A 434 4.87 -28.17 -46.75
C THR A 434 3.76 -28.75 -45.90
N TRP A 435 4.06 -29.84 -45.19
CA TRP A 435 3.05 -30.47 -44.35
C TRP A 435 2.80 -29.69 -43.05
N ALA A 436 3.86 -29.23 -42.39
CA ALA A 436 3.74 -28.51 -41.11
C ALA A 436 3.08 -27.13 -41.26
N GLY A 437 3.56 -26.36 -42.24
CA GLY A 437 3.01 -25.03 -42.53
C GLY A 437 1.48 -24.98 -42.61
N ALA A 438 0.87 -26.04 -43.14
CA ALA A 438 -0.60 -26.11 -43.37
C ALA A 438 -1.43 -26.57 -42.17
N LEU A 439 -0.80 -27.02 -41.09
CA LEU A 439 -1.55 -27.59 -39.97
C LEU A 439 -2.14 -26.48 -39.11
N PRO A 440 -3.33 -26.73 -38.50
CA PRO A 440 -3.93 -25.82 -37.53
C PRO A 440 -2.90 -25.27 -36.52
N PHE A 441 -2.93 -23.95 -36.30
CA PHE A 441 -1.89 -23.27 -35.56
C PHE A 441 -2.52 -22.22 -34.66
N PRO A 442 -2.56 -22.47 -33.33
CA PRO A 442 -3.13 -21.47 -32.44
C PRO A 442 -2.19 -20.31 -32.25
N MET B 1 -6.60 -29.43 -33.02
CA MET B 1 -7.41 -29.86 -31.83
C MET B 1 -7.25 -28.91 -30.62
N PHE B 2 -7.68 -27.66 -30.83
CA PHE B 2 -7.62 -26.62 -29.79
C PHE B 2 -8.79 -25.65 -29.97
N ASN B 3 -9.13 -24.95 -28.88
CA ASN B 3 -10.16 -23.91 -28.93
C ASN B 3 -9.60 -22.51 -29.15
N ASN B 4 -9.84 -21.93 -30.34
CA ASN B 4 -9.32 -20.60 -30.70
C ASN B 4 -10.31 -19.45 -30.44
N GLU B 5 -11.43 -19.73 -29.79
CA GLU B 5 -12.41 -18.70 -29.40
C GLU B 5 -11.75 -17.61 -28.50
N PRO B 6 -12.03 -16.32 -28.77
CA PRO B 6 -11.49 -15.25 -27.92
C PRO B 6 -11.83 -15.31 -26.45
N LEU B 7 -10.90 -14.80 -25.64
CA LEU B 7 -10.93 -14.83 -24.17
C LEU B 7 -12.31 -14.55 -23.58
N GLU B 8 -12.98 -13.55 -24.16
CA GLU B 8 -14.33 -13.16 -23.73
C GLU B 8 -15.33 -14.30 -23.86
N GLN B 9 -15.28 -15.03 -24.97
CA GLN B 9 -16.17 -16.15 -25.20
C GLN B 9 -15.77 -17.40 -24.40
N ILE B 10 -14.53 -17.87 -24.59
CA ILE B 10 -14.00 -19.06 -23.86
C ILE B 10 -14.27 -19.00 -22.35
N ASP B 11 -13.95 -17.88 -21.73
CA ASP B 11 -14.04 -17.76 -20.28
C ASP B 11 -14.49 -16.34 -19.98
N LYS B 12 -15.81 -16.17 -20.05
CA LYS B 12 -16.45 -14.91 -19.69
C LYS B 12 -16.28 -14.62 -18.20
N GLU B 13 -16.26 -15.65 -17.35
CA GLU B 13 -16.09 -15.42 -15.90
C GLU B 13 -14.82 -14.62 -15.58
N LEU B 14 -13.69 -15.06 -16.14
CA LEU B 14 -12.38 -14.45 -15.89
C LEU B 14 -12.30 -13.05 -16.51
N HIS B 15 -12.70 -12.93 -17.77
CA HIS B 15 -12.65 -11.66 -18.52
C HIS B 15 -13.35 -10.52 -17.81
N ASP B 16 -14.48 -10.83 -17.15
CA ASP B 16 -15.20 -9.84 -16.37
C ASP B 16 -14.31 -9.25 -15.29
N ILE B 17 -13.61 -10.12 -14.56
CA ILE B 17 -12.77 -9.70 -13.43
C ILE B 17 -11.58 -8.89 -13.94
N LEU B 18 -10.99 -9.33 -15.05
CA LEU B 18 -9.87 -8.60 -15.68
C LEU B 18 -10.29 -7.24 -16.21
N ALA B 19 -11.54 -7.14 -16.67
CA ALA B 19 -12.11 -5.86 -17.11
C ALA B 19 -12.38 -4.95 -15.90
N ASP B 20 -12.83 -5.56 -14.80
CA ASP B 20 -12.94 -4.86 -13.53
C ASP B 20 -11.59 -4.30 -13.09
N GLU B 21 -10.55 -5.14 -13.16
CA GLU B 21 -9.18 -4.76 -12.73
C GLU B 21 -8.75 -3.52 -13.52
N GLU B 22 -8.93 -3.59 -14.84
CA GLU B 22 -8.63 -2.48 -15.75
C GLU B 22 -9.34 -1.17 -15.37
N LYS B 23 -10.59 -1.27 -14.88
CA LYS B 23 -11.34 -0.10 -14.39
C LYS B 23 -10.74 0.48 -13.08
N ARG B 24 -10.61 -0.35 -12.03
CA ARG B 24 -9.96 0.08 -10.80
C ARG B 24 -8.58 0.75 -11.05
N GLN B 25 -7.73 0.12 -11.87
CA GLN B 25 -6.42 0.69 -12.24
C GLN B 25 -6.56 2.09 -12.87
N ARG B 26 -7.51 2.18 -13.78
CA ARG B 26 -7.86 3.42 -14.47
C ARG B 26 -8.44 4.45 -13.51
N GLU B 27 -9.11 3.99 -12.46
CA GLU B 27 -9.80 4.90 -11.53
C GLU B 27 -9.10 5.14 -10.20
N THR B 28 -7.84 4.70 -10.06
CA THR B 28 -7.10 4.75 -8.80
C THR B 28 -6.01 5.83 -8.93
N ILE B 29 -5.67 6.44 -7.79
CA ILE B 29 -4.43 7.22 -7.65
C ILE B 29 -3.41 6.26 -7.00
N ASN B 30 -2.49 5.78 -7.82
CA ASN B 30 -1.58 4.70 -7.44
C ASN B 30 -0.27 5.32 -7.02
N LEU B 31 -0.06 5.38 -5.72
CA LEU B 31 1.18 5.85 -5.16
C LEU B 31 2.09 4.70 -4.72
N ILE B 32 1.84 3.47 -5.17
CA ILE B 32 2.73 2.34 -4.80
C ILE B 32 4.07 2.62 -5.50
N ALA B 33 5.12 2.73 -4.69
CA ALA B 33 6.46 3.13 -5.17
C ALA B 33 6.99 2.14 -6.19
N SER B 34 6.70 0.86 -5.94
CA SER B 34 7.14 -0.25 -6.80
C SER B 34 6.29 -0.56 -8.03
N GLU B 35 5.21 0.19 -8.26
CA GLU B 35 4.33 -0.13 -9.39
C GLU B 35 4.46 0.85 -10.52
N ASN B 36 3.92 0.44 -11.67
CA ASN B 36 3.92 1.25 -12.87
C ASN B 36 2.85 0.74 -13.84
N LEU B 37 2.78 1.32 -15.04
CA LEU B 37 1.88 0.85 -16.07
C LEU B 37 2.68 0.52 -17.31
N THR B 38 2.66 -0.75 -17.69
CA THR B 38 3.26 -1.23 -18.93
C THR B 38 2.56 -0.63 -20.14
N ASN B 39 3.33 -0.20 -21.14
CA ASN B 39 2.78 0.14 -22.46
C ASN B 39 2.33 -1.11 -23.19
N GLY B 40 1.52 -0.92 -24.22
CA GLY B 40 0.96 -2.02 -25.01
C GLY B 40 2.03 -2.86 -25.71
N ALA B 41 3.12 -2.24 -26.13
CA ALA B 41 4.23 -2.95 -26.78
C ALA B 41 4.89 -3.99 -25.88
N VAL B 42 5.12 -3.62 -24.62
CA VAL B 42 5.58 -4.58 -23.61
C VAL B 42 4.59 -5.73 -23.40
N ARG B 43 3.30 -5.43 -23.39
CA ARG B 43 2.26 -6.45 -23.21
C ARG B 43 1.99 -7.35 -24.46
N GLU B 44 2.33 -6.86 -25.65
CA GLU B 44 2.32 -7.69 -26.88
C GLU B 44 3.42 -8.75 -26.86
N CYS B 45 4.57 -8.39 -26.33
CA CYS B 45 5.68 -9.33 -26.12
C CYS B 45 5.35 -10.34 -25.05
N LEU B 46 4.70 -9.89 -23.97
CA LEU B 46 4.29 -10.78 -22.90
C LEU B 46 3.25 -11.80 -23.35
N GLY B 47 2.45 -11.45 -24.36
CA GLY B 47 1.49 -12.37 -24.95
C GLY B 47 1.92 -13.02 -26.26
N ASN B 48 3.22 -13.06 -26.58
CA ASN B 48 3.68 -13.62 -27.86
C ASN B 48 3.81 -15.15 -27.78
N ARG B 49 3.73 -15.82 -28.92
CA ARG B 49 4.09 -17.27 -28.98
C ARG B 49 5.56 -17.63 -28.68
N VAL B 50 6.40 -16.65 -28.40
CA VAL B 50 7.79 -16.94 -28.09
C VAL B 50 7.94 -17.72 -26.76
N SER B 51 6.93 -17.64 -25.87
CA SER B 51 6.86 -18.44 -24.62
C SER B 51 6.60 -19.95 -24.80
N ASN B 52 6.24 -20.37 -26.02
CA ASN B 52 6.20 -21.80 -26.37
C ASN B 52 7.53 -22.55 -26.37
N LYS B 53 8.64 -21.83 -26.45
CA LYS B 53 9.92 -22.44 -26.73
C LYS B 53 10.74 -22.70 -25.48
N TYR B 54 11.26 -23.91 -25.39
CA TYR B 54 12.20 -24.30 -24.33
C TYR B 54 13.58 -24.00 -24.84
N SER B 55 14.28 -23.11 -24.16
CA SER B 55 15.66 -22.76 -24.52
C SER B 55 16.57 -22.75 -23.32
N GLU B 56 16.64 -23.86 -22.61
CA GLU B 56 17.57 -24.00 -21.48
C GLU B 56 19.02 -23.85 -21.89
N GLY B 57 19.74 -23.02 -21.15
CA GLY B 57 21.13 -22.70 -21.45
C GLY B 57 21.22 -21.23 -21.81
N TYR B 58 22.35 -20.87 -22.41
CA TYR B 58 22.63 -19.50 -22.86
C TYR B 58 22.77 -19.47 -24.36
N PRO B 59 22.84 -18.28 -24.97
CA PRO B 59 22.87 -18.21 -26.44
C PRO B 59 24.12 -18.83 -27.06
N LYS B 60 23.92 -19.62 -28.12
CA LYS B 60 24.98 -20.41 -28.79
C LYS B 60 25.54 -21.53 -27.91
N LYS B 61 24.91 -21.78 -26.76
CA LYS B 61 25.22 -22.91 -25.89
C LYS B 61 23.88 -23.44 -25.35
N ARG B 62 22.92 -23.61 -26.26
CA ARG B 62 21.57 -24.04 -25.93
C ARG B 62 21.59 -25.55 -25.89
N TYR B 63 20.82 -26.15 -24.99
CA TYR B 63 20.67 -27.59 -24.95
C TYR B 63 19.93 -28.10 -26.17
N TYR B 64 18.87 -27.42 -26.59
CA TYR B 64 18.12 -27.81 -27.80
C TYR B 64 18.35 -26.86 -28.95
N GLY B 65 18.23 -27.36 -30.17
CA GLY B 65 18.35 -26.52 -31.36
C GLY B 65 17.06 -25.80 -31.65
N GLY B 66 16.93 -25.26 -32.86
CA GLY B 66 15.76 -24.45 -33.21
C GLY B 66 15.61 -23.17 -32.40
N ASN B 67 16.70 -22.70 -31.80
CA ASN B 67 16.72 -21.55 -30.91
C ASN B 67 17.51 -20.35 -31.46
N ASP B 68 17.52 -20.22 -32.78
CA ASP B 68 18.30 -19.18 -33.48
C ASP B 68 17.61 -17.83 -33.30
N PHE B 69 16.30 -17.79 -33.51
CA PHE B 69 15.53 -16.58 -33.27
C PHE B 69 15.42 -16.20 -31.79
N ILE B 70 15.28 -17.20 -30.89
CA ILE B 70 15.39 -16.98 -29.43
C ILE B 70 16.78 -16.47 -29.05
N ASP B 71 17.81 -16.96 -29.73
CA ASP B 71 19.19 -16.50 -29.48
C ASP B 71 19.38 -15.03 -29.80
N LYS B 72 18.74 -14.56 -30.86
CA LYS B 72 18.84 -13.14 -31.23
C LYS B 72 18.16 -12.24 -30.19
N ILE B 73 16.96 -12.65 -29.75
CA ILE B 73 16.24 -11.92 -28.71
C ILE B 73 17.04 -11.86 -27.40
N GLU B 74 17.54 -12.99 -26.91
CA GLU B 74 18.34 -12.93 -25.68
C GLU B 74 19.59 -12.06 -25.79
N GLU B 75 20.24 -12.07 -26.97
CA GLU B 75 21.48 -11.31 -27.22
C GLU B 75 21.16 -9.84 -27.29
N LEU B 76 20.15 -9.52 -28.10
CA LEU B 76 19.59 -8.17 -28.18
C LEU B 76 19.13 -7.56 -26.83
N CYS B 77 18.58 -8.39 -25.96
CA CYS B 77 18.14 -7.94 -24.64
C CYS B 77 19.32 -7.62 -23.73
N GLN B 78 20.37 -8.44 -23.80
CA GLN B 78 21.60 -8.21 -23.00
C GLN B 78 22.38 -6.97 -23.48
N LYS B 79 22.25 -6.65 -24.77
CA LYS B 79 22.99 -5.54 -25.37
C LYS B 79 22.39 -4.23 -24.89
N ARG B 80 21.07 -4.13 -25.06
CA ARG B 80 20.28 -2.98 -24.62
C ARG B 80 20.38 -2.77 -23.13
N ALA B 81 20.54 -3.86 -22.37
CA ALA B 81 20.75 -3.77 -20.91
C ALA B 81 22.03 -3.06 -20.56
N LEU B 82 23.09 -3.42 -21.28
CA LEU B 82 24.43 -2.87 -21.05
C LEU B 82 24.54 -1.43 -21.58
N GLU B 83 24.03 -1.21 -22.79
CA GLU B 83 23.85 0.14 -23.34
C GLU B 83 23.09 1.04 -22.37
N ALA B 84 21.86 0.64 -22.04
CA ALA B 84 20.96 1.47 -21.21
C ALA B 84 21.60 1.93 -19.91
N PHE B 85 22.32 1.04 -19.26
CA PHE B 85 22.99 1.39 -17.99
C PHE B 85 24.44 1.90 -18.16
N ASN B 86 24.81 2.33 -19.37
CA ASN B 86 26.08 3.04 -19.63
C ASN B 86 27.35 2.26 -19.25
N VAL B 87 27.39 1.00 -19.66
CA VAL B 87 28.53 0.14 -19.40
C VAL B 87 28.90 -0.54 -20.70
N SER B 88 30.21 -0.75 -20.87
CA SER B 88 30.77 -1.36 -22.06
C SER B 88 30.61 -2.86 -21.87
N ASP B 89 30.23 -3.56 -22.95
CA ASP B 89 30.06 -5.04 -22.91
C ASP B 89 31.35 -5.84 -22.62
N GLU B 90 32.48 -5.14 -22.56
CA GLU B 90 33.78 -5.74 -22.28
C GLU B 90 34.01 -5.76 -20.79
N GLU B 91 33.66 -4.66 -20.10
CA GLU B 91 33.84 -4.55 -18.64
C GLU B 91 32.68 -5.19 -17.83
N TRP B 92 31.47 -5.14 -18.36
CA TRP B 92 30.27 -5.62 -17.64
C TRP B 92 29.55 -6.70 -18.43
N GLY B 93 29.15 -7.75 -17.76
CA GLY B 93 28.18 -8.71 -18.30
C GLY B 93 26.83 -8.62 -17.60
N VAL B 94 25.85 -9.31 -18.17
CA VAL B 94 24.50 -9.31 -17.65
C VAL B 94 23.74 -10.59 -18.01
N ASN B 95 23.12 -11.20 -16.99
CA ASN B 95 22.15 -12.31 -17.15
C ASN B 95 20.69 -11.73 -17.20
N VAL B 96 19.95 -12.07 -18.26
CA VAL B 96 18.54 -11.65 -18.43
C VAL B 96 17.51 -12.75 -18.10
N GLN B 97 17.97 -13.86 -17.51
CA GLN B 97 17.07 -14.99 -17.26
C GLN B 97 16.22 -14.88 -15.98
N PRO B 98 16.71 -14.23 -14.90
CA PRO B 98 15.91 -14.28 -13.65
C PRO B 98 14.44 -13.91 -13.85
N LEU B 99 13.56 -14.73 -13.26
CA LEU B 99 12.13 -14.57 -13.43
C LEU B 99 11.60 -13.38 -12.63
N SER B 100 12.25 -13.05 -11.53
CA SER B 100 11.90 -11.86 -10.74
C SER B 100 13.03 -11.45 -9.79
N GLY B 101 12.85 -10.28 -9.18
CA GLY B 101 13.79 -9.70 -8.25
C GLY B 101 14.30 -10.59 -7.16
N SER B 102 13.40 -11.34 -6.53
CA SER B 102 13.77 -12.20 -5.40
C SER B 102 14.63 -13.37 -5.87
N ALA B 103 14.32 -13.93 -7.02
CA ALA B 103 15.14 -14.99 -7.64
C ALA B 103 16.56 -14.49 -8.03
N ALA B 104 16.66 -13.32 -8.68
CA ALA B 104 17.97 -12.71 -9.03
C ALA B 104 18.92 -12.48 -7.85
N ASN B 105 18.41 -11.96 -6.75
CA ASN B 105 19.22 -11.73 -5.54
C ASN B 105 19.67 -13.01 -4.84
N VAL B 106 18.85 -14.06 -4.89
CA VAL B 106 19.21 -15.36 -4.28
C VAL B 106 20.25 -16.04 -5.16
N GLN B 107 20.00 -16.03 -6.46
CA GLN B 107 20.92 -16.55 -7.45
C GLN B 107 22.29 -15.86 -7.33
N ALA B 108 22.31 -14.52 -7.42
CA ALA B 108 23.55 -13.75 -7.28
C ALA B 108 24.27 -14.01 -5.95
N LEU B 109 23.53 -14.04 -4.84
CA LEU B 109 24.16 -14.27 -3.53
C LEU B 109 24.77 -15.65 -3.39
N TYR B 110 24.15 -16.64 -3.99
CA TYR B 110 24.68 -17.98 -4.02
C TYR B 110 26.01 -18.06 -4.79
N ALA B 111 25.98 -17.56 -6.02
CA ALA B 111 27.16 -17.46 -6.88
C ALA B 111 28.41 -16.99 -6.14
N LEU B 112 28.27 -15.90 -5.38
CA LEU B 112 29.39 -15.23 -4.73
C LEU B 112 29.88 -15.95 -3.48
N VAL B 113 28.96 -16.33 -2.60
CA VAL B 113 29.34 -16.95 -1.31
C VAL B 113 29.00 -18.43 -1.12
N GLY B 114 27.96 -18.91 -1.80
CA GLY B 114 27.53 -20.29 -1.66
C GLY B 114 26.77 -20.56 -0.37
N VAL B 115 26.39 -21.83 -0.20
CA VAL B 115 25.66 -22.27 0.98
C VAL B 115 26.56 -22.13 2.19
N LYS B 116 25.97 -21.76 3.32
CA LYS B 116 26.66 -21.38 4.56
C LYS B 116 27.40 -20.02 4.51
N GLY B 117 27.53 -19.39 3.34
CA GLY B 117 28.24 -18.12 3.20
C GLY B 117 27.64 -16.95 4.02
N LYS B 118 28.48 -15.95 4.28
CA LYS B 118 28.12 -14.81 5.13
C LYS B 118 27.71 -13.58 4.30
N ILE B 119 26.59 -12.95 4.68
CA ILE B 119 26.07 -11.74 3.98
C ILE B 119 25.55 -10.64 4.92
N MET B 120 25.67 -9.39 4.48
CA MET B 120 25.23 -8.22 5.26
C MET B 120 24.22 -7.46 4.42
N GLY B 121 23.14 -7.03 5.07
CA GLY B 121 22.10 -6.27 4.40
C GLY B 121 21.41 -5.30 5.33
N MET B 122 20.68 -4.35 4.74
CA MET B 122 19.84 -3.44 5.51
C MET B 122 18.63 -4.21 6.06
N HIS B 123 18.31 -3.94 7.34
CA HIS B 123 17.16 -4.55 8.01
C HIS B 123 15.90 -4.14 7.28
N LEU B 124 14.91 -5.03 7.31
CA LEU B 124 13.62 -4.81 6.63
C LEU B 124 12.88 -3.58 7.17
N CYS B 125 12.72 -3.52 8.49
CA CYS B 125 12.21 -2.33 9.21
C CYS B 125 12.85 -1.00 8.81
N SER B 126 14.14 -1.01 8.48
CA SER B 126 14.86 0.20 8.09
C SER B 126 14.81 0.53 6.59
N GLY B 127 14.35 -0.41 5.77
CA GLY B 127 14.30 -0.21 4.31
C GLY B 127 14.87 -1.30 3.42
N GLY B 128 15.46 -2.34 4.01
CA GLY B 128 15.94 -3.48 3.24
C GLY B 128 14.84 -4.35 2.66
N HIS B 129 15.18 -5.09 1.61
CA HIS B 129 14.33 -6.12 1.09
C HIS B 129 14.52 -7.40 1.87
N LEU B 130 13.53 -8.28 1.79
CA LEU B 130 13.56 -9.64 2.36
C LEU B 130 14.76 -10.47 1.90
N THR B 131 15.06 -10.41 0.60
CA THR B 131 16.25 -11.06 0.01
C THR B 131 17.58 -10.44 0.37
N HIS B 132 17.62 -9.52 1.34
CA HIS B 132 18.86 -8.97 1.87
C HIS B 132 19.18 -9.58 3.21
N GLY B 133 18.74 -10.82 3.40
CA GLY B 133 19.06 -11.55 4.60
C GLY B 133 18.04 -11.36 5.71
N PHE B 134 16.83 -10.90 5.39
CA PHE B 134 15.89 -10.60 6.44
C PHE B 134 15.50 -11.80 7.29
N PHE B 135 15.66 -11.66 8.61
CA PHE B 135 15.08 -12.59 9.56
C PHE B 135 14.55 -11.87 10.80
N ASP B 136 13.72 -12.60 11.53
CA ASP B 136 13.17 -12.18 12.79
C ASP B 136 13.76 -13.13 13.83
N GLU B 137 13.57 -12.84 15.11
CA GLU B 137 13.91 -13.80 16.18
C GLU B 137 13.10 -15.10 16.00
N LYS B 138 11.84 -14.94 15.60
CA LYS B 138 10.87 -16.04 15.52
C LYS B 138 11.14 -17.06 14.41
N LYS B 139 11.77 -16.62 13.32
CA LYS B 139 12.13 -17.52 12.22
C LYS B 139 13.08 -16.85 11.21
N LYS B 140 13.79 -17.69 10.45
CA LYS B 140 14.57 -17.23 9.30
C LYS B 140 13.62 -17.00 8.14
N VAL B 141 13.14 -15.77 8.05
CA VAL B 141 12.00 -15.41 7.22
C VAL B 141 12.29 -15.54 5.72
N SER B 142 13.45 -15.07 5.29
CA SER B 142 13.84 -15.19 3.90
C SER B 142 14.87 -16.30 3.81
N ILE B 143 14.89 -17.04 2.71
CA ILE B 143 15.91 -18.06 2.45
C ILE B 143 17.32 -17.45 2.58
N THR B 144 17.46 -16.19 2.19
CA THR B 144 18.72 -15.46 2.30
C THR B 144 19.28 -15.39 3.73
N SER B 145 18.44 -15.53 4.75
CA SER B 145 18.92 -15.63 6.14
C SER B 145 19.11 -17.07 6.62
N ASP B 146 18.69 -18.04 5.79
CA ASP B 146 18.69 -19.46 6.13
C ASP B 146 19.77 -20.27 5.39
N MET B 147 19.81 -20.14 4.06
CA MET B 147 20.85 -20.81 3.26
C MET B 147 22.20 -20.08 3.35
N PHE B 148 22.13 -18.79 3.70
CA PHE B 148 23.30 -17.98 4.07
C PHE B 148 23.23 -17.65 5.56
N GLU B 149 24.36 -17.19 6.11
CA GLU B 149 24.40 -16.65 7.47
C GLU B 149 24.39 -15.14 7.34
N SER B 150 23.38 -14.48 7.91
CA SER B 150 23.20 -13.06 7.65
C SER B 150 23.21 -12.20 8.91
N LYS B 151 23.65 -10.96 8.72
CA LYS B 151 23.72 -9.94 9.77
C LYS B 151 23.05 -8.71 9.17
N LEU B 152 22.30 -7.96 9.97
CA LEU B 152 21.44 -6.91 9.43
C LEU B 152 21.74 -5.55 10.03
N TYR B 153 22.12 -4.59 9.18
CA TYR B 153 22.45 -3.24 9.65
C TYR B 153 21.25 -2.32 9.58
N LYS B 154 21.15 -1.40 10.55
CA LYS B 154 20.04 -0.46 10.65
C LYS B 154 20.46 0.94 10.22
N CYS B 155 19.45 1.73 9.85
CA CYS B 155 19.58 3.16 9.63
C CYS B 155 19.45 3.81 10.98
N ASN B 156 20.03 5.00 11.13
CA ASN B 156 20.05 5.72 12.41
C ASN B 156 18.69 6.33 12.81
N SER B 157 18.62 6.92 14.00
CA SER B 157 17.41 7.62 14.48
C SER B 157 16.79 8.63 13.48
N GLN B 158 17.61 9.20 12.59
CA GLN B 158 17.17 10.23 11.64
C GLN B 158 16.81 9.65 10.27
N GLY B 159 16.77 8.31 10.17
CA GLY B 159 16.41 7.63 8.92
C GLY B 159 17.45 7.57 7.81
N TYR B 160 18.73 7.62 8.19
CA TYR B 160 19.86 7.55 7.24
C TYR B 160 20.67 6.29 7.49
N VAL B 161 21.29 5.76 6.42
CA VAL B 161 22.29 4.70 6.53
C VAL B 161 23.40 5.16 7.49
N ASP B 162 23.73 4.34 8.48
CA ASP B 162 24.79 4.67 9.45
C ASP B 162 26.08 3.93 9.08
N LEU B 163 26.87 4.54 8.20
CA LEU B 163 28.11 3.91 7.70
C LEU B 163 29.09 3.49 8.79
N ASP B 164 29.15 4.23 9.88
CA ASP B 164 29.98 3.82 11.03
C ASP B 164 29.57 2.46 11.56
N ALA B 165 28.27 2.24 11.68
CA ALA B 165 27.73 0.96 12.16
C ALA B 165 27.90 -0.16 11.13
N VAL B 166 27.81 0.17 9.84
CA VAL B 166 28.08 -0.80 8.77
C VAL B 166 29.50 -1.35 8.91
N ARG B 167 30.48 -0.47 9.07
CA ARG B 167 31.89 -0.84 9.36
C ARG B 167 32.10 -1.55 10.71
N GLU B 168 31.42 -1.09 11.76
CA GLU B 168 31.52 -1.74 13.08
C GLU B 168 31.19 -3.21 12.93
N MET B 169 30.11 -3.47 12.19
CA MET B 169 29.55 -4.82 11.97
C MET B 169 30.35 -5.58 10.89
N ALA B 170 30.73 -4.92 9.80
CA ALA B 170 31.51 -5.56 8.71
C ALA B 170 32.93 -6.05 9.13
N LEU B 171 33.61 -5.30 9.99
CA LEU B 171 34.91 -5.75 10.55
C LEU B 171 34.79 -6.87 11.60
N SER B 172 33.72 -6.87 12.38
CA SER B 172 33.49 -7.94 13.35
C SER B 172 32.93 -9.24 12.70
N PHE B 173 32.01 -9.08 11.75
CA PHE B 173 31.33 -10.21 11.10
C PHE B 173 32.10 -10.81 9.92
N LYS B 174 32.88 -9.98 9.24
CA LYS B 174 33.80 -10.42 8.17
C LYS B 174 33.05 -11.08 7.01
N PRO B 175 31.97 -10.45 6.53
CA PRO B 175 31.14 -11.08 5.52
C PRO B 175 31.84 -11.15 4.17
N LYS B 176 31.30 -11.98 3.29
CA LYS B 176 31.76 -12.07 1.90
C LYS B 176 30.92 -11.21 0.95
N VAL B 177 29.73 -10.76 1.37
CA VAL B 177 28.92 -9.84 0.57
C VAL B 177 28.30 -8.78 1.47
N ILE B 178 28.21 -7.55 0.96
CA ILE B 178 27.51 -6.47 1.63
C ILE B 178 26.55 -5.89 0.63
N ILE B 179 25.25 -5.98 0.93
CA ILE B 179 24.20 -5.51 0.03
C ILE B 179 23.77 -4.08 0.38
N CYS B 180 23.65 -3.25 -0.64
CA CYS B 180 23.08 -1.91 -0.52
C CYS B 180 22.13 -1.69 -1.68
N GLY B 181 21.38 -0.59 -1.63
CA GLY B 181 20.18 -0.41 -2.48
C GLY B 181 18.96 -1.09 -1.85
N TYR B 182 17.83 -0.38 -1.78
CA TYR B 182 16.77 -0.72 -0.81
C TYR B 182 15.33 -0.63 -1.36
N THR B 183 14.37 -1.03 -0.51
CA THR B 183 12.96 -1.08 -0.96
C THR B 183 12.24 0.23 -0.67
N SER B 184 12.54 0.84 0.49
CA SER B 184 11.83 2.06 0.90
C SER B 184 12.76 3.11 1.48
N TYR B 185 13.89 3.33 0.83
CA TYR B 185 14.88 4.32 1.25
C TYR B 185 14.75 5.54 0.35
N PRO B 186 14.36 6.71 0.94
CA PRO B 186 14.09 7.91 0.16
C PRO B 186 15.33 8.75 -0.22
N ARG B 187 16.54 8.33 0.18
CA ARG B 187 17.76 9.06 -0.20
C ARG B 187 18.72 8.24 -1.07
N ASP B 188 19.62 8.95 -1.74
CA ASP B 188 20.65 8.32 -2.57
C ASP B 188 21.67 7.62 -1.64
N ILE B 189 22.51 6.78 -2.24
CA ILE B 189 23.46 5.93 -1.53
C ILE B 189 24.91 6.33 -1.82
N ASP B 190 25.73 6.26 -0.77
CA ASP B 190 27.17 6.49 -0.89
C ASP B 190 27.85 5.17 -1.26
N TYR B 191 27.80 4.84 -2.56
CA TYR B 191 28.36 3.58 -3.03
C TYR B 191 29.86 3.56 -2.80
N GLN B 192 30.49 4.73 -2.94
CA GLN B 192 31.93 4.83 -2.73
C GLN B 192 32.32 4.39 -1.33
N GLN B 193 31.62 4.88 -0.31
CA GLN B 193 31.94 4.49 1.07
C GLN B 193 31.65 3.01 1.29
N PHE B 194 30.65 2.46 0.60
CA PHE B 194 30.41 1.01 0.66
C PHE B 194 31.59 0.22 0.06
N ARG B 195 32.02 0.62 -1.14
CA ARG B 195 33.25 0.08 -1.78
C ARG B 195 34.50 0.11 -0.90
N GLN B 196 34.68 1.22 -0.20
CA GLN B 196 35.75 1.38 0.80
C GLN B 196 35.66 0.33 1.91
N ILE B 197 34.48 0.18 2.54
CA ILE B 197 34.29 -0.82 3.62
C ILE B 197 34.51 -2.26 3.13
N CYS B 198 34.03 -2.56 1.92
CA CYS B 198 34.09 -3.93 1.42
C CYS B 198 35.53 -4.37 1.16
N ASP B 199 36.30 -3.54 0.43
CA ASP B 199 37.78 -3.70 0.28
C ASP B 199 38.51 -3.99 1.62
N GLU B 200 38.11 -3.27 2.66
CA GLU B 200 38.71 -3.36 4.01
C GLU B 200 38.59 -4.73 4.65
N VAL B 201 37.49 -5.42 4.36
CA VAL B 201 37.21 -6.76 4.87
C VAL B 201 37.38 -7.83 3.77
N ASN B 202 37.54 -7.38 2.53
CA ASN B 202 37.64 -8.24 1.32
C ASN B 202 36.25 -8.76 0.82
N ALA B 203 35.17 -8.12 1.26
CA ALA B 203 33.79 -8.49 0.84
C ALA B 203 33.44 -8.01 -0.60
N TYR B 204 32.43 -8.64 -1.20
CA TYR B 204 31.86 -8.20 -2.49
C TYR B 204 30.86 -7.05 -2.25
N LEU B 205 30.80 -6.07 -3.15
CA LEU B 205 29.80 -4.99 -3.08
C LEU B 205 28.62 -5.28 -3.97
N PHE B 206 27.47 -5.54 -3.33
CA PHE B 206 26.21 -5.88 -4.01
C PHE B 206 25.29 -4.65 -3.92
N ALA B 207 24.91 -4.13 -5.09
CA ALA B 207 23.98 -3.01 -5.19
C ALA B 207 22.63 -3.44 -5.79
N ASP B 208 21.56 -3.46 -4.98
CA ASP B 208 20.18 -3.75 -5.47
C ASP B 208 19.48 -2.44 -5.72
N ILE B 209 19.41 -2.07 -7.01
CA ILE B 209 18.92 -0.76 -7.43
C ILE B 209 17.56 -0.82 -8.15
N SER B 210 16.81 -1.89 -7.85
CA SER B 210 15.45 -2.13 -8.40
C SER B 210 14.51 -0.94 -8.32
N HIS B 211 14.52 -0.24 -7.19
CA HIS B 211 13.64 0.92 -7.01
C HIS B 211 14.12 2.21 -7.70
N ILE B 212 15.41 2.31 -7.98
CA ILE B 212 16.00 3.56 -8.47
C ILE B 212 16.68 3.39 -9.84
N SER B 213 16.34 2.28 -10.51
CA SER B 213 17.06 1.83 -11.70
C SER B 213 17.17 2.92 -12.76
N SER B 214 16.05 3.54 -13.09
CA SER B 214 16.03 4.64 -14.06
C SER B 214 16.89 5.84 -13.64
N PHE B 215 16.97 6.13 -12.35
CA PHE B 215 17.80 7.23 -11.89
C PHE B 215 19.29 6.96 -12.15
N VAL B 216 19.68 5.70 -11.96
CA VAL B 216 21.02 5.25 -12.23
C VAL B 216 21.23 5.33 -13.74
N ALA B 217 20.32 4.77 -14.50
CA ALA B 217 20.44 4.74 -15.96
C ALA B 217 20.64 6.10 -16.57
N CYS B 218 19.93 7.10 -16.06
CA CYS B 218 19.84 8.42 -16.70
C CYS B 218 20.85 9.45 -16.12
N ASN B 219 21.73 8.98 -15.24
CA ASN B 219 22.70 9.82 -14.53
C ASN B 219 22.07 10.99 -13.76
N ILE B 220 20.98 10.68 -13.04
CA ILE B 220 20.33 11.60 -12.11
C ILE B 220 20.73 11.28 -10.66
N LEU B 221 21.08 10.02 -10.37
CA LEU B 221 21.62 9.65 -9.07
C LEU B 221 22.99 8.96 -9.19
N ASN B 222 23.62 8.72 -8.04
CA ASN B 222 24.89 8.02 -7.98
C ASN B 222 24.89 6.70 -8.76
N ASN B 223 25.96 6.48 -9.52
CA ASN B 223 26.10 5.32 -10.42
C ASN B 223 26.80 4.23 -9.64
N PRO B 224 26.09 3.15 -9.30
CA PRO B 224 26.74 2.11 -8.52
C PRO B 224 27.71 1.27 -9.36
N PHE B 225 27.58 1.32 -10.70
CA PHE B 225 28.45 0.57 -11.61
C PHE B 225 29.94 0.95 -11.48
N LEU B 226 30.23 2.15 -10.99
CA LEU B 226 31.62 2.62 -10.82
C LEU B 226 32.30 1.91 -9.67
N HIS B 227 31.53 1.42 -8.71
CA HIS B 227 32.08 0.76 -7.50
C HIS B 227 31.66 -0.69 -7.25
N ALA B 228 30.53 -1.14 -7.81
CA ALA B 228 29.97 -2.45 -7.43
C ALA B 228 30.48 -3.64 -8.25
N ASP B 229 30.58 -4.78 -7.58
CA ASP B 229 30.83 -6.05 -8.25
C ASP B 229 29.58 -6.60 -8.89
N VAL B 230 28.49 -6.58 -8.12
CA VAL B 230 27.20 -7.07 -8.62
C VAL B 230 26.15 -5.99 -8.44
N VAL B 231 25.40 -5.75 -9.51
CA VAL B 231 24.23 -4.89 -9.48
C VAL B 231 23.05 -5.74 -9.93
N THR B 232 22.02 -5.79 -9.10
CA THR B 232 20.72 -6.41 -9.49
C THR B 232 19.68 -5.33 -9.68
N THR B 233 18.73 -5.58 -10.56
CA THR B 233 17.55 -4.74 -10.67
C THR B 233 16.36 -5.55 -11.18
N THR B 234 15.18 -5.30 -10.59
CA THR B 234 13.92 -5.68 -11.24
C THR B 234 13.70 -4.77 -12.41
N THR B 235 12.81 -5.18 -13.30
CA THR B 235 12.50 -4.45 -14.51
C THR B 235 11.10 -3.82 -14.53
N HIS B 236 10.29 -4.11 -13.50
CA HIS B 236 8.83 -3.75 -13.50
C HIS B 236 8.47 -2.46 -12.78
N LYS B 237 9.43 -1.88 -12.05
CA LYS B 237 9.14 -0.72 -11.22
C LYS B 237 9.40 0.53 -12.05
N ILE B 238 10.16 1.49 -11.51
CA ILE B 238 10.49 2.74 -12.20
C ILE B 238 11.05 2.55 -13.61
N LEU B 239 11.72 1.42 -13.88
CA LEU B 239 12.12 1.07 -15.25
C LEU B 239 10.97 0.90 -16.24
N ARG B 240 9.80 0.51 -15.73
CA ARG B 240 8.56 0.37 -16.51
C ARG B 240 8.60 -0.81 -17.50
N GLY B 241 9.29 -1.88 -17.13
CA GLY B 241 9.30 -3.11 -17.94
C GLY B 241 8.33 -4.14 -17.40
N PRO B 242 8.45 -5.40 -17.85
CA PRO B 242 7.64 -6.49 -17.34
C PRO B 242 8.17 -6.98 -16.00
N ARG B 243 7.50 -7.99 -15.46
CA ARG B 243 7.96 -8.61 -14.25
C ARG B 243 9.15 -9.53 -14.56
N SER B 244 10.35 -9.02 -14.35
CA SER B 244 11.57 -9.80 -14.47
C SER B 244 12.69 -9.12 -13.73
N ALA B 245 13.89 -9.70 -13.82
CA ALA B 245 15.06 -9.14 -13.19
C ALA B 245 16.36 -9.31 -14.01
N LEU B 246 17.32 -8.45 -13.69
CA LEU B 246 18.63 -8.39 -14.33
C LEU B 246 19.72 -8.53 -13.28
N ILE B 247 20.72 -9.35 -13.57
CA ILE B 247 21.93 -9.43 -12.76
C ILE B 247 23.08 -8.90 -13.61
N PHE B 248 23.76 -7.89 -13.08
CA PHE B 248 24.98 -7.32 -13.68
C PHE B 248 26.18 -7.74 -12.84
N PHE B 249 27.29 -8.06 -13.53
CA PHE B 249 28.53 -8.50 -12.87
C PHE B 249 29.79 -7.83 -13.49
N ASN B 250 30.69 -7.37 -12.63
CA ASN B 250 31.93 -6.70 -13.07
C ASN B 250 32.99 -7.74 -13.43
N LYS B 251 33.10 -8.04 -14.72
CA LYS B 251 34.10 -9.00 -15.24
C LYS B 251 35.49 -8.52 -14.87
N LYS B 252 35.82 -7.29 -15.30
CA LYS B 252 37.10 -6.62 -15.00
C LYS B 252 37.60 -6.70 -13.55
N ARG B 253 36.69 -6.56 -12.59
CA ARG B 253 37.06 -6.55 -11.18
C ARG B 253 37.21 -7.96 -10.62
N ASN B 254 36.45 -8.91 -11.19
CA ASN B 254 36.54 -10.34 -10.83
C ASN B 254 36.33 -11.19 -12.11
N PRO B 255 37.41 -11.65 -12.76
CA PRO B 255 37.17 -12.59 -13.86
C PRO B 255 36.72 -13.93 -13.31
N GLY B 256 36.02 -14.70 -14.14
CA GLY B 256 35.41 -15.98 -13.71
C GLY B 256 34.13 -15.83 -12.88
N ILE B 257 33.62 -14.61 -12.79
CA ILE B 257 32.33 -14.31 -12.18
C ILE B 257 31.23 -14.48 -13.23
N GLU B 258 31.54 -14.30 -14.51
CA GLU B 258 30.54 -14.51 -15.56
C GLU B 258 29.91 -15.92 -15.50
N GLN B 259 30.76 -16.93 -15.33
CA GLN B 259 30.31 -18.33 -15.30
C GLN B 259 29.62 -18.59 -13.95
N LYS B 260 30.27 -18.21 -12.85
CA LYS B 260 29.69 -18.24 -11.48
C LYS B 260 28.22 -17.76 -11.39
N ILE B 261 27.92 -16.68 -12.11
CA ILE B 261 26.60 -16.06 -12.11
C ILE B 261 25.70 -16.76 -13.09
N ASN B 262 26.18 -16.94 -14.32
CA ASN B 262 25.44 -17.68 -15.31
C ASN B 262 25.06 -19.09 -14.83
N SER B 263 25.94 -19.77 -14.08
CA SER B 263 25.67 -21.16 -13.68
C SER B 263 24.76 -21.23 -12.45
N ALA B 264 24.81 -20.22 -11.58
CA ALA B 264 23.83 -20.02 -10.52
C ALA B 264 22.41 -19.81 -11.05
N VAL B 265 22.25 -18.97 -12.07
CA VAL B 265 20.93 -18.80 -12.66
C VAL B 265 20.45 -20.10 -13.30
N PHE B 266 21.24 -20.66 -14.22
CA PHE B 266 21.01 -22.01 -14.75
C PHE B 266 22.29 -22.80 -14.79
N PRO B 267 22.27 -24.05 -14.32
CA PRO B 267 21.15 -24.84 -13.86
C PRO B 267 21.05 -24.96 -12.34
N SER B 268 21.77 -24.14 -11.59
CA SER B 268 21.67 -24.21 -10.15
C SER B 268 20.21 -23.99 -9.67
N PHE B 269 19.54 -22.96 -10.18
CA PHE B 269 18.23 -22.54 -9.67
C PHE B 269 17.10 -22.70 -10.68
N GLN B 270 17.22 -22.10 -11.84
CA GLN B 270 16.15 -22.11 -12.82
C GLN B 270 16.32 -23.21 -13.83
N GLY B 271 15.26 -23.41 -14.63
CA GLY B 271 15.26 -24.29 -15.78
C GLY B 271 15.05 -23.44 -17.03
N GLY B 272 13.96 -23.69 -17.75
CA GLY B 272 13.71 -23.01 -19.02
C GLY B 272 13.54 -21.53 -18.77
N PRO B 273 14.25 -20.66 -19.53
CA PRO B 273 13.93 -19.23 -19.39
C PRO B 273 12.55 -18.96 -19.95
N HIS B 274 11.99 -17.84 -19.53
CA HIS B 274 10.70 -17.38 -20.05
C HIS B 274 10.94 -16.32 -21.10
N ASN B 275 10.89 -16.73 -22.35
CA ASN B 275 11.32 -15.88 -23.48
C ASN B 275 10.44 -14.68 -23.73
N ASN B 276 9.13 -14.82 -23.47
CA ASN B 276 8.20 -13.68 -23.54
C ASN B 276 8.63 -12.54 -22.61
N LYS B 277 9.09 -12.89 -21.41
CA LYS B 277 9.70 -11.92 -20.46
C LYS B 277 10.91 -11.23 -21.03
N ILE B 278 11.81 -12.03 -21.61
CA ILE B 278 13.02 -11.54 -22.24
C ILE B 278 12.70 -10.61 -23.43
N ALA B 279 11.83 -11.03 -24.32
CA ALA B 279 11.35 -10.18 -25.40
C ALA B 279 10.68 -8.87 -24.91
N ALA B 280 9.91 -8.98 -23.81
CA ALA B 280 9.25 -7.82 -23.23
C ALA B 280 10.28 -6.85 -22.71
N VAL B 281 11.29 -7.39 -22.03
CA VAL B 281 12.39 -6.58 -21.49
C VAL B 281 13.15 -5.89 -22.61
N ALA B 282 13.42 -6.62 -23.71
CA ALA B 282 14.07 -6.02 -24.88
C ALA B 282 13.35 -4.76 -25.32
N CYS B 283 12.04 -4.87 -25.48
CA CYS B 283 11.18 -3.74 -25.92
C CYS B 283 11.17 -2.53 -24.99
N GLN B 284 11.34 -2.76 -23.69
CA GLN B 284 11.44 -1.65 -22.75
C GLN B 284 12.86 -1.08 -22.70
N LEU B 285 13.87 -1.92 -22.77
CA LEU B 285 15.26 -1.42 -22.75
C LEU B 285 15.63 -0.61 -24.00
N LYS B 286 14.87 -0.77 -25.08
CA LYS B 286 14.95 0.19 -26.17
C LYS B 286 14.52 1.52 -25.61
N GLU B 287 13.28 1.59 -25.14
CA GLU B 287 12.70 2.82 -24.62
C GLU B 287 13.54 3.48 -23.51
N VAL B 288 14.22 2.71 -22.68
CA VAL B 288 15.02 3.30 -21.58
C VAL B 288 16.09 4.25 -22.14
N HIS B 289 16.72 3.86 -23.25
CA HIS B 289 17.84 4.64 -23.82
C HIS B 289 17.42 5.88 -24.64
N SER B 290 16.14 6.04 -24.93
CA SER B 290 15.64 7.18 -25.71
C SER B 290 15.52 8.41 -24.83
N PRO B 291 15.81 9.62 -25.37
CA PRO B 291 15.86 10.80 -24.49
C PRO B 291 14.48 11.18 -23.89
N ALA B 292 13.39 10.76 -24.55
CA ALA B 292 12.03 10.87 -24.02
C ALA B 292 11.84 10.19 -22.65
N PHE B 293 12.59 9.11 -22.39
CA PHE B 293 12.52 8.41 -21.12
C PHE B 293 13.30 9.15 -20.06
N LYS B 294 14.44 9.75 -20.44
CA LYS B 294 15.15 10.66 -19.53
C LYS B 294 14.22 11.80 -19.13
N GLU B 295 13.45 12.33 -20.09
CA GLU B 295 12.41 13.31 -19.75
C GLU B 295 11.42 12.76 -18.71
N TYR B 296 10.92 11.52 -18.92
CA TYR B 296 10.03 10.82 -17.98
C TYR B 296 10.63 10.68 -16.60
N THR B 297 11.78 10.03 -16.52
CA THR B 297 12.49 9.86 -15.26
C THR B 297 12.74 11.17 -14.50
N GLN B 298 13.02 12.26 -15.25
CA GLN B 298 13.18 13.60 -14.64
C GLN B 298 11.88 14.06 -14.02
N GLN B 299 10.79 13.87 -14.76
CA GLN B 299 9.45 14.21 -14.25
C GLN B 299 9.11 13.43 -12.97
N VAL B 300 9.58 12.17 -12.84
CA VAL B 300 9.35 11.36 -11.62
C VAL B 300 9.92 12.06 -10.40
N LEU B 301 11.14 12.59 -10.53
CA LEU B 301 11.81 13.32 -9.44
C LEU B 301 11.17 14.67 -9.20
N LEU B 302 10.94 15.43 -10.27
CA LEU B 302 10.25 16.72 -10.16
C LEU B 302 8.94 16.53 -9.37
N ASN B 303 8.11 15.56 -9.79
CA ASN B 303 6.87 15.23 -9.05
C ASN B 303 7.15 14.83 -7.59
N SER B 304 8.16 14.00 -7.38
CA SER B 304 8.46 13.52 -6.02
C SER B 304 8.84 14.68 -5.08
N LYS B 305 9.69 15.59 -5.55
CA LYS B 305 10.02 16.82 -4.85
C LYS B 305 8.78 17.67 -4.53
N ALA B 306 8.00 17.99 -5.57
CA ALA B 306 6.81 18.82 -5.41
C ALA B 306 5.83 18.16 -4.45
N LEU B 307 5.72 16.83 -4.52
CA LEU B 307 4.88 16.09 -3.58
C LEU B 307 5.41 16.14 -2.15
N ALA B 308 6.73 16.02 -1.96
CA ALA B 308 7.33 16.14 -0.61
C ALA B 308 7.09 17.52 0.01
N LYS B 309 7.26 18.54 -0.83
CA LYS B 309 7.12 19.94 -0.49
C LYS B 309 5.70 20.26 -0.08
N ALA B 310 4.73 19.80 -0.87
CA ALA B 310 3.32 20.09 -0.60
C ALA B 310 2.84 19.41 0.68
N LEU B 311 3.27 18.17 0.92
CA LEU B 311 2.96 17.47 2.16
C LEU B 311 3.54 18.21 3.36
N ILE B 312 4.73 18.78 3.21
CA ILE B 312 5.34 19.58 4.28
C ILE B 312 4.53 20.84 4.55
N SER B 313 4.18 21.58 3.49
CA SER B 313 3.31 22.78 3.59
C SER B 313 2.01 22.56 4.37
N LYS B 314 1.47 21.32 4.30
CA LYS B 314 0.34 20.89 5.13
C LYS B 314 0.75 20.26 6.46
N GLN B 315 1.94 20.57 6.97
CA GLN B 315 2.40 20.08 8.29
C GLN B 315 2.41 18.55 8.41
N ILE B 316 2.71 17.85 7.32
CA ILE B 316 2.96 16.40 7.38
C ILE B 316 4.48 16.15 7.37
N ASP B 317 4.89 15.23 8.25
CA ASP B 317 6.29 14.85 8.42
C ASP B 317 6.73 13.70 7.51
N LEU B 318 7.93 13.84 6.93
CA LEU B 318 8.54 12.87 6.03
C LEU B 318 9.84 12.32 6.65
N VAL B 319 10.17 11.06 6.41
CA VAL B 319 11.40 10.46 6.96
C VAL B 319 12.60 11.02 6.20
N THR B 320 13.58 11.54 6.95
CA THR B 320 14.68 12.37 6.40
C THR B 320 14.22 13.71 5.82
N ASN B 321 13.02 14.16 6.19
CA ASN B 321 12.41 15.43 5.74
C ASN B 321 12.43 15.78 4.25
N GLY B 322 12.47 14.77 3.39
CA GLY B 322 12.48 14.99 1.94
C GLY B 322 12.86 13.74 1.17
N THR B 323 13.07 13.92 -0.12
CA THR B 323 13.43 12.83 -1.01
C THR B 323 14.45 13.27 -2.06
N ASP B 324 15.41 12.39 -2.37
CA ASP B 324 16.32 12.54 -3.52
C ASP B 324 15.86 11.76 -4.73
N ASN B 325 14.85 10.93 -4.54
CA ASN B 325 14.40 10.01 -5.58
C ASN B 325 12.87 10.07 -5.73
N HIS B 326 12.32 8.98 -6.22
CA HIS B 326 10.91 8.76 -6.56
C HIS B 326 9.94 8.51 -5.40
N LEU B 327 10.46 8.35 -4.18
CA LEU B 327 9.62 7.93 -3.09
C LEU B 327 9.75 8.72 -1.79
N ILE B 328 8.63 8.81 -1.09
CA ILE B 328 8.54 9.52 0.18
C ILE B 328 8.05 8.50 1.15
N VAL B 329 8.45 8.61 2.40
CA VAL B 329 7.83 7.86 3.47
C VAL B 329 7.32 8.86 4.50
N VAL B 330 6.03 8.77 4.84
CA VAL B 330 5.37 9.69 5.76
C VAL B 330 5.44 9.13 7.16
N ASP B 331 5.90 9.96 8.10
CA ASP B 331 5.87 9.69 9.53
C ASP B 331 4.55 10.19 10.14
N LEU B 332 3.63 9.25 10.41
CA LEU B 332 2.29 9.59 10.89
C LEU B 332 2.15 9.78 12.41
N ARG B 333 3.26 9.63 13.16
CA ARG B 333 3.22 9.68 14.64
C ARG B 333 2.50 10.87 15.27
N LYS B 334 2.64 12.07 14.71
CA LYS B 334 1.99 13.28 15.27
C LYS B 334 0.45 13.25 15.26
N PHE B 335 -0.13 12.32 14.49
CA PHE B 335 -1.56 12.12 14.42
C PHE B 335 -2.03 10.85 15.17
N SER B 336 -1.11 10.11 15.80
CA SER B 336 -1.45 8.88 16.53
C SER B 336 -2.30 7.87 15.71
N ILE B 337 -2.09 7.82 14.40
CA ILE B 337 -2.70 6.81 13.53
C ILE B 337 -1.60 5.95 12.90
N THR B 338 -1.90 4.68 12.66
CA THR B 338 -0.94 3.76 12.07
C THR B 338 -1.03 3.83 10.54
N GLY B 339 0.03 3.40 9.87
CA GLY B 339 -0.01 3.20 8.41
C GLY B 339 -1.07 2.17 8.02
N SER B 340 -1.20 1.14 8.86
CA SER B 340 -2.29 0.14 8.79
C SER B 340 -3.65 0.78 8.53
N LYS B 341 -4.03 1.71 9.39
CA LYS B 341 -5.32 2.40 9.30
C LYS B 341 -5.43 3.31 8.08
N LEU B 342 -4.36 4.05 7.76
CA LEU B 342 -4.35 4.99 6.62
C LEU B 342 -4.41 4.27 5.26
N GLN B 343 -3.80 3.09 5.18
CA GLN B 343 -3.90 2.29 3.96
C GLN B 343 -5.37 1.95 3.70
N GLU B 344 -6.07 1.46 4.73
CA GLU B 344 -7.49 1.12 4.58
C GLU B 344 -8.30 2.35 4.18
N THR B 345 -8.01 3.50 4.79
CA THR B 345 -8.67 4.74 4.44
C THR B 345 -8.41 5.17 2.99
N CYS B 346 -7.18 5.02 2.52
CA CYS B 346 -6.82 5.38 1.14
C CYS B 346 -7.41 4.40 0.13
N ASN B 347 -7.42 3.10 0.47
CA ASN B 347 -8.17 2.08 -0.31
C ASN B 347 -9.61 2.49 -0.54
N ALA B 348 -10.28 2.88 0.54
CA ALA B 348 -11.70 3.27 0.48
C ALA B 348 -11.93 4.45 -0.48
N ILE B 349 -10.91 5.29 -0.69
CA ILE B 349 -11.01 6.40 -1.63
C ILE B 349 -10.27 6.19 -2.97
N ASN B 350 -9.93 4.93 -3.27
CA ASN B 350 -9.14 4.55 -4.45
C ASN B 350 -7.75 5.22 -4.57
N VAL B 351 -7.01 5.21 -3.46
CA VAL B 351 -5.63 5.67 -3.42
C VAL B 351 -4.80 4.50 -2.94
N SER B 352 -3.95 3.98 -3.82
CA SER B 352 -3.07 2.86 -3.51
C SER B 352 -1.73 3.37 -2.98
N LEU B 353 -1.51 3.09 -1.70
CA LEU B 353 -0.26 3.29 -1.02
C LEU B 353 -0.11 2.11 -0.08
N ASN B 354 1.06 1.94 0.52
CA ASN B 354 1.26 0.87 1.47
C ASN B 354 1.86 1.38 2.75
N LYS B 355 1.55 0.66 3.81
CA LYS B 355 2.09 0.92 5.13
C LYS B 355 3.57 0.61 5.13
N ASN B 356 4.32 1.38 5.92
CA ASN B 356 5.77 1.25 5.98
C ASN B 356 6.27 1.60 7.37
N THR B 357 7.29 0.85 7.80
CA THR B 357 8.02 1.16 9.02
C THR B 357 8.80 2.49 8.96
N ILE B 358 9.11 3.01 10.14
CA ILE B 358 9.95 4.17 10.33
C ILE B 358 10.99 3.83 11.42
N PRO B 359 12.13 4.56 11.50
CA PRO B 359 13.21 4.22 12.44
C PRO B 359 12.77 3.92 13.86
N SER B 360 11.82 4.70 14.37
CA SER B 360 11.27 4.53 15.71
C SER B 360 10.47 3.23 15.91
N ASP B 361 9.97 2.60 14.84
CA ASP B 361 9.26 1.31 14.96
C ASP B 361 10.25 0.20 15.26
N VAL B 362 10.28 -0.25 16.51
CA VAL B 362 11.26 -1.29 16.91
C VAL B 362 10.85 -2.57 16.18
N ASP B 363 9.58 -2.95 16.35
CA ASP B 363 8.98 -4.10 15.65
C ASP B 363 8.07 -3.67 14.49
N ALA B 364 7.98 -4.53 13.47
CA ALA B 364 7.20 -4.29 12.22
C ALA B 364 5.76 -4.76 12.27
N VAL B 365 5.23 -5.02 13.48
CA VAL B 365 3.86 -5.50 13.62
C VAL B 365 2.92 -4.37 13.15
N SER B 366 3.06 -3.19 13.76
CA SER B 366 2.25 -2.04 13.40
C SER B 366 3.11 -0.84 12.96
N PRO B 367 3.34 -0.66 11.64
CA PRO B 367 4.21 0.44 11.20
C PRO B 367 3.59 1.82 11.39
N SER B 368 4.42 2.81 11.69
CA SER B 368 3.95 4.19 11.91
C SER B 368 4.02 5.06 10.64
N GLY B 369 4.15 4.46 9.45
CA GLY B 369 4.20 5.24 8.21
C GLY B 369 3.54 4.66 6.97
N VAL B 370 3.54 5.46 5.92
CA VAL B 370 3.12 4.97 4.61
C VAL B 370 4.16 5.40 3.60
N ARG B 371 4.46 4.51 2.64
CA ARG B 371 5.37 4.82 1.55
C ARG B 371 4.56 5.20 0.34
N ILE B 372 5.03 6.22 -0.39
CA ILE B 372 4.38 6.64 -1.61
C ILE B 372 5.46 6.85 -2.64
N GLY B 373 5.06 6.85 -3.91
CA GLY B 373 5.98 7.13 -4.98
C GLY B 373 5.25 7.63 -6.19
N THR B 374 5.98 8.34 -7.02
CA THR B 374 5.46 9.01 -8.22
C THR B 374 5.58 8.35 -9.61
N PRO B 375 6.34 7.24 -9.74
CA PRO B 375 6.50 6.70 -11.11
C PRO B 375 5.21 6.45 -11.84
N ALA B 376 4.26 5.77 -11.18
CA ALA B 376 3.02 5.33 -11.81
C ALA B 376 2.13 6.51 -12.24
N MET B 377 1.94 7.49 -11.33
CA MET B 377 1.16 8.68 -11.67
C MET B 377 1.79 9.59 -12.72
N THR B 378 3.12 9.61 -12.77
CA THR B 378 3.86 10.35 -13.80
C THR B 378 3.65 9.71 -15.16
N THR B 379 3.66 8.37 -15.19
CA THR B 379 3.37 7.65 -16.41
C THR B 379 1.99 8.04 -16.96
N ARG B 380 1.02 8.25 -16.07
CA ARG B 380 -0.30 8.73 -16.49
C ARG B 380 -0.38 10.25 -16.80
N GLY B 381 0.75 10.95 -16.74
CA GLY B 381 0.90 12.31 -17.28
C GLY B 381 0.84 13.46 -16.28
N ALA B 382 0.81 13.13 -14.98
CA ALA B 382 0.68 14.13 -13.93
C ALA B 382 1.97 14.93 -13.75
N LYS B 383 1.80 16.25 -13.59
CA LYS B 383 2.89 17.21 -13.54
C LYS B 383 3.05 17.74 -12.10
N GLU B 384 3.99 18.67 -11.90
CA GLU B 384 4.25 19.21 -10.55
C GLU B 384 3.00 19.80 -9.87
N LYS B 385 2.34 20.71 -10.60
CA LYS B 385 1.00 21.29 -10.26
C LYS B 385 -0.06 20.30 -9.75
N ASP B 386 -0.07 19.08 -10.29
CA ASP B 386 -1.05 18.06 -9.90
C ASP B 386 -0.74 17.41 -8.57
N MET B 387 0.45 17.65 -8.04
CA MET B 387 0.88 17.03 -6.79
C MET B 387 0.23 17.73 -5.62
N GLU B 388 -0.20 18.98 -5.78
CA GLU B 388 -0.87 19.70 -4.69
C GLU B 388 -2.16 18.97 -4.30
N PHE B 389 -2.92 18.57 -5.31
CA PHE B 389 -4.15 17.79 -5.16
C PHE B 389 -3.90 16.42 -4.52
N ILE B 390 -2.88 15.70 -4.97
CA ILE B 390 -2.55 14.41 -4.33
C ILE B 390 -2.19 14.66 -2.88
N ALA B 391 -1.35 15.67 -2.62
CA ALA B 391 -1.11 16.14 -1.26
C ALA B 391 -2.42 16.50 -0.51
N ASP B 392 -3.33 17.25 -1.16
CA ASP B 392 -4.66 17.58 -0.60
C ASP B 392 -5.45 16.32 -0.23
N VAL B 393 -5.61 15.41 -1.19
CA VAL B 393 -6.35 14.16 -0.99
C VAL B 393 -5.76 13.36 0.18
N LEU B 394 -4.43 13.26 0.24
CA LEU B 394 -3.77 12.52 1.33
C LEU B 394 -3.96 13.16 2.71
N ALA B 395 -3.84 14.48 2.80
CA ALA B 395 -4.12 15.20 4.07
C ALA B 395 -5.57 14.93 4.53
N ARG B 396 -6.49 15.03 3.59
CA ARG B 396 -7.90 14.82 3.86
C ARG B 396 -8.16 13.40 4.33
N ALA B 397 -7.46 12.43 3.72
CA ALA B 397 -7.47 11.03 4.16
C ALA B 397 -6.90 10.85 5.55
N ILE B 398 -5.83 11.60 5.86
CA ILE B 398 -5.21 11.53 7.19
C ILE B 398 -6.17 12.08 8.24
N LYS B 399 -6.74 13.25 7.96
CA LYS B 399 -7.75 13.83 8.83
C LYS B 399 -8.94 12.89 9.10
N ILE B 400 -9.50 12.28 8.06
CA ILE B 400 -10.65 11.37 8.24
C ILE B 400 -10.24 10.14 9.04
N THR B 401 -9.00 9.67 8.86
CA THR B 401 -8.45 8.57 9.66
C THR B 401 -8.35 8.91 11.15
N VAL B 402 -8.10 10.19 11.47
CA VAL B 402 -8.11 10.65 12.88
C VAL B 402 -9.55 10.59 13.39
N ASP B 403 -10.44 11.26 12.67
CA ASP B 403 -11.90 11.31 12.99
C ASP B 403 -12.48 9.93 13.30
N LEU B 404 -12.32 9.00 12.37
CA LEU B 404 -12.80 7.62 12.51
C LEU B 404 -12.13 6.82 13.64
N GLN B 405 -10.86 7.11 13.92
CA GLN B 405 -10.17 6.50 15.07
C GLN B 405 -10.73 6.99 16.41
N GLU B 406 -11.01 8.29 16.51
CA GLU B 406 -11.66 8.84 17.73
C GLU B 406 -13.06 8.22 17.96
N GLN B 407 -13.82 8.10 16.86
CA GLN B 407 -15.20 7.60 16.88
C GLN B 407 -15.34 6.10 17.14
N TYR B 408 -14.49 5.29 16.51
CA TYR B 408 -14.54 3.83 16.65
C TYR B 408 -13.43 3.19 17.49
N GLY B 409 -12.38 3.95 17.81
CA GLY B 409 -11.28 3.46 18.64
C GLY B 409 -10.02 3.05 17.88
N LYS B 410 -9.01 2.66 18.65
CA LYS B 410 -7.65 2.37 18.15
C LYS B 410 -7.47 0.97 17.57
N LYS B 411 -8.42 0.05 17.82
CA LYS B 411 -8.34 -1.31 17.30
C LYS B 411 -8.69 -1.26 15.83
N LEU B 412 -7.95 -2.02 15.00
CA LEU B 412 -8.16 -2.01 13.54
C LEU B 412 -9.51 -2.63 13.14
N VAL B 413 -9.96 -3.62 13.92
CA VAL B 413 -11.30 -4.25 13.72
C VAL B 413 -12.38 -3.17 13.80
N ASP B 414 -12.36 -2.45 14.93
CA ASP B 414 -13.34 -1.44 15.26
C ASP B 414 -13.24 -0.29 14.25
N PHE B 415 -12.01 0.20 14.01
CA PHE B 415 -11.73 1.27 13.02
C PHE B 415 -12.41 1.02 11.67
N LYS B 416 -12.13 -0.13 11.06
CA LYS B 416 -12.68 -0.48 9.73
C LYS B 416 -14.20 -0.36 9.59
N LYS B 417 -14.94 -0.68 10.65
CA LYS B 417 -16.41 -0.60 10.67
C LYS B 417 -16.93 0.81 10.29
N GLY B 418 -16.12 1.86 10.57
CA GLY B 418 -16.49 3.23 10.23
C GLY B 418 -16.43 3.61 8.75
N LEU B 419 -15.70 2.83 7.97
CA LEU B 419 -15.33 3.20 6.58
C LEU B 419 -16.49 3.06 5.60
N PRO B 420 -17.20 1.91 5.62
CA PRO B 420 -18.34 1.82 4.70
C PRO B 420 -19.41 2.88 4.99
N GLY B 421 -19.74 3.67 3.97
CA GLY B 421 -20.83 4.64 4.04
C GLY B 421 -20.46 6.04 4.50
N ASN B 422 -19.25 6.22 5.09
CA ASN B 422 -18.77 7.52 5.53
C ASN B 422 -18.84 8.55 4.40
N ALA B 423 -19.68 9.55 4.60
CA ALA B 423 -20.01 10.58 3.58
C ALA B 423 -18.79 11.24 2.92
N GLN B 424 -17.76 11.51 3.73
CA GLN B 424 -16.61 12.28 3.26
C GLN B 424 -15.71 11.40 2.37
N LEU B 425 -15.51 10.14 2.78
CA LEU B 425 -14.84 9.16 1.94
C LEU B 425 -15.53 9.03 0.59
N GLN B 426 -16.86 8.92 0.59
CA GLN B 426 -17.62 8.80 -0.67
C GLN B 426 -17.44 10.04 -1.53
N GLN B 427 -17.51 11.22 -0.89
CA GLN B 427 -17.26 12.51 -1.58
C GLN B 427 -15.86 12.54 -2.17
N LEU B 428 -14.88 12.12 -1.35
CA LEU B 428 -13.47 12.12 -1.71
C LEU B 428 -13.12 11.04 -2.75
N LYS B 429 -13.59 9.81 -2.54
CA LYS B 429 -13.52 8.75 -3.59
C LYS B 429 -13.95 9.24 -4.97
N GLN B 430 -15.07 9.98 -5.00
CA GLN B 430 -15.63 10.42 -6.28
C GLN B 430 -14.77 11.51 -6.93
N GLU B 431 -14.15 12.34 -6.10
CA GLU B 431 -13.17 13.33 -6.58
C GLU B 431 -11.95 12.61 -7.16
N VAL B 432 -11.43 11.65 -6.40
CA VAL B 432 -10.33 10.79 -6.84
C VAL B 432 -10.66 10.15 -8.19
N VAL B 433 -11.83 9.50 -8.26
CA VAL B 433 -12.28 8.80 -9.46
C VAL B 433 -12.45 9.75 -10.66
N THR B 434 -13.04 10.93 -10.45
CA THR B 434 -13.28 11.87 -11.55
C THR B 434 -11.97 12.32 -12.17
N TRP B 435 -10.95 12.54 -11.33
CA TRP B 435 -9.66 13.02 -11.81
C TRP B 435 -8.82 11.87 -12.38
N ALA B 436 -8.75 10.75 -11.67
CA ALA B 436 -8.00 9.55 -12.13
C ALA B 436 -8.58 8.93 -13.41
N GLY B 437 -9.89 8.72 -13.42
CA GLY B 437 -10.57 8.15 -14.59
C GLY B 437 -10.23 8.77 -15.93
N ALA B 438 -9.93 10.06 -15.94
CA ALA B 438 -9.64 10.85 -17.16
C ALA B 438 -8.18 10.90 -17.58
N LEU B 439 -7.26 10.41 -16.75
CA LEU B 439 -5.83 10.55 -17.03
C LEU B 439 -5.39 9.53 -18.06
N PRO B 440 -4.48 9.93 -19.00
CA PRO B 440 -3.92 9.03 -20.01
C PRO B 440 -3.52 7.68 -19.41
N PHE B 441 -3.88 6.61 -20.11
CA PHE B 441 -3.82 5.27 -19.55
C PHE B 441 -3.30 4.32 -20.62
N PRO B 442 -2.04 3.83 -20.48
CA PRO B 442 -1.58 2.80 -21.39
C PRO B 442 -2.17 1.45 -21.04
N MET C 1 -35.82 57.55 54.69
CA MET C 1 -36.91 57.84 53.70
C MET C 1 -36.81 56.93 52.47
N PHE C 2 -37.09 55.64 52.68
CA PHE C 2 -37.03 54.63 51.62
C PHE C 2 -38.01 53.49 51.93
N ASN C 3 -38.41 52.75 50.89
CA ASN C 3 -39.19 51.52 51.07
C ASN C 3 -38.32 50.28 51.10
N ASN C 4 -38.28 49.60 52.26
CA ASN C 4 -37.50 48.35 52.42
C ASN C 4 -38.36 47.08 52.48
N GLU C 5 -39.61 47.16 52.03
CA GLU C 5 -40.42 45.97 51.83
C GLU C 5 -39.74 45.05 50.78
N PRO C 6 -39.63 43.73 51.07
CA PRO C 6 -39.08 42.75 50.10
C PRO C 6 -39.66 42.81 48.69
N LEU C 7 -38.86 42.36 47.73
CA LEU C 7 -39.20 42.45 46.29
C LEU C 7 -40.60 41.91 45.96
N GLU C 8 -40.96 40.80 46.59
CA GLU C 8 -42.28 40.18 46.42
C GLU C 8 -43.41 41.15 46.74
N GLN C 9 -43.27 41.82 47.88
CA GLN C 9 -44.26 42.80 48.31
C GLN C 9 -44.19 44.10 47.51
N ILE C 10 -43.04 44.76 47.49
CA ILE C 10 -42.88 46.04 46.74
C ILE C 10 -43.30 45.99 45.26
N ASP C 11 -42.90 44.93 44.54
CA ASP C 11 -43.19 44.80 43.11
C ASP C 11 -43.48 43.34 42.83
N LYS C 12 -44.74 42.96 43.11
CA LYS C 12 -45.26 41.63 42.86
C LYS C 12 -45.34 41.34 41.35
N GLU C 13 -45.48 42.36 40.50
CA GLU C 13 -45.55 42.10 39.05
C GLU C 13 -44.23 41.53 38.49
N LEU C 14 -43.11 42.12 38.89
CA LEU C 14 -41.78 41.70 38.43
C LEU C 14 -41.47 40.34 39.02
N HIS C 15 -41.57 40.21 40.33
CA HIS C 15 -41.23 38.97 41.05
C HIS C 15 -41.81 37.72 40.40
N ASP C 16 -43.06 37.81 39.94
CA ASP C 16 -43.72 36.69 39.27
C ASP C 16 -42.92 36.22 38.06
N ILE C 17 -42.52 37.17 37.22
CA ILE C 17 -41.80 36.88 35.97
C ILE C 17 -40.41 36.29 36.27
N LEU C 18 -39.79 36.75 37.35
CA LEU C 18 -38.48 36.24 37.77
C LEU C 18 -38.59 34.83 38.34
N ALA C 19 -39.67 34.55 39.07
CA ALA C 19 -39.95 33.20 39.56
C ALA C 19 -40.35 32.27 38.41
N ASP C 20 -40.96 32.84 37.36
CA ASP C 20 -41.19 32.10 36.12
C ASP C 20 -39.87 31.78 35.45
N GLU C 21 -39.00 32.79 35.30
CA GLU C 21 -37.67 32.62 34.66
C GLU C 21 -36.93 31.49 35.37
N GLU C 22 -36.88 31.59 36.71
CA GLU C 22 -36.33 30.56 37.57
C GLU C 22 -36.82 29.12 37.27
N LYS C 23 -38.10 28.97 36.96
CA LYS C 23 -38.70 27.67 36.58
C LYS C 23 -38.26 27.21 35.16
N ARG C 24 -38.36 28.10 34.16
CA ARG C 24 -37.89 27.78 32.81
C ARG C 24 -36.42 27.31 32.84
N GLN C 25 -35.56 28.09 33.48
CA GLN C 25 -34.14 27.73 33.65
C GLN C 25 -33.94 26.34 34.29
N ARG C 26 -34.73 26.09 35.34
CA ARG C 26 -34.76 24.81 36.05
C ARG C 26 -35.30 23.68 35.19
N GLU C 27 -36.17 23.98 34.24
CA GLU C 27 -36.82 22.96 33.43
C GLU C 27 -36.37 22.93 31.98
N THR C 28 -35.22 23.56 31.69
CA THR C 28 -34.68 23.61 30.33
C THR C 28 -33.43 22.73 30.30
N ILE C 29 -33.22 22.06 29.17
CA ILE C 29 -31.91 21.51 28.81
C ILE C 29 -31.22 22.63 28.02
N ASN C 30 -30.24 23.27 28.67
CA ASN C 30 -29.59 24.48 28.14
C ASN C 30 -28.25 24.11 27.49
N LEU C 31 -28.26 24.06 26.16
CA LEU C 31 -27.08 23.81 25.37
C LEU C 31 -26.42 25.08 24.84
N ILE C 32 -26.82 26.26 25.32
CA ILE C 32 -26.15 27.52 24.89
C ILE C 32 -24.69 27.46 25.35
N ALA C 33 -23.78 27.40 24.39
CA ALA C 33 -22.34 27.23 24.63
C ALA C 33 -21.78 28.31 25.54
N SER C 34 -22.31 29.53 25.40
CA SER C 34 -21.89 30.70 26.17
C SER C 34 -22.57 30.89 27.51
N GLU C 35 -23.45 29.98 27.94
CA GLU C 35 -24.22 30.19 29.17
C GLU C 35 -23.78 29.28 30.27
N ASN C 36 -24.20 29.61 31.48
CA ASN C 36 -23.87 28.84 32.68
C ASN C 36 -24.85 29.16 33.80
N LEU C 37 -24.64 28.62 34.99
CA LEU C 37 -25.48 28.94 36.15
C LEU C 37 -24.58 29.36 37.27
N THR C 38 -24.72 30.62 37.68
CA THR C 38 -23.96 31.16 38.81
C THR C 38 -24.35 30.46 40.12
N ASN C 39 -23.40 30.34 41.05
CA ASN C 39 -23.71 29.92 42.44
C ASN C 39 -24.20 31.11 43.25
N GLY C 40 -24.88 30.80 44.35
CA GLY C 40 -25.41 31.81 45.27
C GLY C 40 -24.36 32.81 45.73
N ALA C 41 -23.16 32.34 46.05
CA ALA C 41 -22.09 33.24 46.49
C ALA C 41 -21.79 34.35 45.48
N VAL C 42 -21.70 34.00 44.20
CA VAL C 42 -21.57 34.99 43.12
C VAL C 42 -22.77 35.95 43.08
N ARG C 43 -23.98 35.45 43.28
CA ARG C 43 -25.18 36.30 43.30
C ARG C 43 -25.38 37.18 44.57
N GLU C 44 -24.79 36.78 45.69
CA GLU C 44 -24.75 37.61 46.91
C GLU C 44 -23.85 38.83 46.70
N CYS C 45 -22.77 38.63 45.94
CA CYS C 45 -21.84 39.69 45.57
C CYS C 45 -22.44 40.62 44.56
N LEU C 46 -23.16 40.07 43.59
CA LEU C 46 -23.86 40.90 42.61
C LEU C 46 -24.94 41.75 43.27
N GLY C 47 -25.52 41.26 44.36
CA GLY C 47 -26.50 42.02 45.13
C GLY C 47 -25.95 42.78 46.34
N ASN C 48 -24.63 43.02 46.39
CA ASN C 48 -24.02 43.66 47.56
C ASN C 48 -24.01 45.18 47.48
N ARG C 49 -24.14 45.85 48.63
CA ARG C 49 -24.03 47.33 48.69
C ARG C 49 -22.71 47.93 48.18
N VAL C 50 -21.73 47.11 47.84
CA VAL C 50 -20.49 47.61 47.26
C VAL C 50 -20.72 48.39 45.93
N SER C 51 -21.86 48.13 45.25
CA SER C 51 -22.29 48.87 44.03
C SER C 51 -22.74 50.32 44.28
N ASN C 52 -22.98 50.69 45.54
CA ASN C 52 -23.21 52.10 45.91
C ASN C 52 -22.06 53.08 45.69
N LYS C 53 -20.84 52.57 45.58
CA LYS C 53 -19.63 53.38 45.70
C LYS C 53 -19.05 53.77 44.37
N TYR C 54 -18.83 55.07 44.18
CA TYR C 54 -18.09 55.58 43.03
C TYR C 54 -16.61 55.46 43.32
N SER C 55 -15.89 54.77 42.45
CA SER C 55 -14.46 54.59 42.60
C SER C 55 -13.75 54.67 41.28
N GLU C 56 -13.93 55.81 40.60
CA GLU C 56 -13.23 56.07 39.34
C GLU C 56 -11.73 56.13 39.49
N GLY C 57 -11.05 55.42 38.60
CA GLY C 57 -9.59 55.30 38.63
C GLY C 57 -9.21 53.89 39.06
N TYR C 58 -7.95 53.71 39.40
CA TYR C 58 -7.39 52.43 39.82
C TYR C 58 -7.01 52.43 41.30
N PRO C 59 -6.65 51.25 41.87
CA PRO C 59 -6.36 51.24 43.32
C PRO C 59 -5.19 52.11 43.74
N LYS C 60 -5.38 52.86 44.84
CA LYS C 60 -4.37 53.81 45.33
C LYS C 60 -4.18 55.03 44.41
N LYS C 61 -4.87 55.07 43.26
CA LYS C 61 -4.90 56.23 42.35
C LYS C 61 -6.37 56.54 42.05
N ARG C 62 -7.18 56.53 43.10
CA ARG C 62 -8.61 56.81 42.99
C ARG C 62 -8.75 58.32 42.88
N TYR C 63 -9.84 58.76 42.25
CA TYR C 63 -10.21 60.17 42.26
C TYR C 63 -10.80 60.54 43.60
N TYR C 64 -11.74 59.74 44.09
CA TYR C 64 -12.33 59.99 45.41
C TYR C 64 -11.77 59.09 46.48
N GLY C 65 -11.86 59.54 47.72
CA GLY C 65 -11.43 58.74 48.86
C GLY C 65 -12.53 57.82 49.31
N GLY C 66 -12.41 57.32 50.53
CA GLY C 66 -13.35 56.34 51.06
C GLY C 66 -13.36 55.01 50.30
N ASN C 67 -12.30 54.75 49.53
CA ASN C 67 -12.21 53.61 48.62
C ASN C 67 -11.15 52.60 49.05
N ASP C 68 -10.98 52.45 50.37
CA ASP C 68 -9.98 51.57 50.95
C ASP C 68 -10.41 50.11 50.83
N PHE C 69 -11.64 49.84 51.22
CA PHE C 69 -12.20 48.50 51.11
C PHE C 69 -12.49 48.09 49.66
N ILE C 70 -12.87 49.05 48.80
CA ILE C 70 -12.94 48.84 47.34
C ILE C 70 -11.55 48.56 46.75
N ASP C 71 -10.54 49.25 47.25
CA ASP C 71 -9.15 48.99 46.77
C ASP C 71 -8.73 47.56 47.07
N LYS C 72 -9.08 47.09 48.25
CA LYS C 72 -8.78 45.70 48.63
C LYS C 72 -9.47 44.73 47.69
N ILE C 73 -10.78 44.91 47.46
CA ILE C 73 -11.53 44.06 46.54
C ILE C 73 -10.94 44.09 45.13
N GLU C 74 -10.69 45.28 44.56
CA GLU C 74 -10.12 45.32 43.22
C GLU C 74 -8.75 44.66 43.11
N GLU C 75 -7.94 44.74 44.18
CA GLU C 75 -6.56 44.19 44.19
C GLU C 75 -6.59 42.67 44.28
N LEU C 76 -7.37 42.19 45.24
CA LEU C 76 -7.68 40.76 45.37
C LEU C 76 -8.26 40.09 44.13
N CYS C 77 -9.12 40.79 43.39
CA CYS C 77 -9.67 40.27 42.15
C CYS C 77 -8.58 40.14 41.08
N GLN C 78 -7.71 41.14 40.97
CA GLN C 78 -6.59 41.13 39.99
C GLN C 78 -5.55 40.04 40.31
N LYS C 79 -5.36 39.77 41.59
CA LYS C 79 -4.38 38.78 42.03
C LYS C 79 -4.85 37.38 41.68
N ARG C 80 -6.10 37.09 42.05
CA ARG C 80 -6.72 35.81 41.76
C ARG C 80 -6.79 35.53 40.26
N ALA C 81 -7.03 36.58 39.48
CA ALA C 81 -7.06 36.49 38.01
C ALA C 81 -5.74 36.05 37.42
N LEU C 82 -4.67 36.63 37.95
CA LEU C 82 -3.30 36.31 37.52
C LEU C 82 -2.86 34.93 38.04
N GLU C 83 -3.16 34.65 39.31
CA GLU C 83 -3.00 33.30 39.89
C GLU C 83 -3.71 32.25 39.04
N ALA C 84 -5.02 32.44 38.86
CA ALA C 84 -5.87 31.45 38.18
C ALA C 84 -5.39 31.07 36.79
N PHE C 85 -4.92 32.05 36.02
CA PHE C 85 -4.41 31.81 34.66
C PHE C 85 -2.91 31.51 34.58
N ASN C 86 -2.29 31.22 35.73
CA ASN C 86 -0.90 30.71 35.81
C ASN C 86 0.16 31.64 35.22
N VAL C 87 0.06 32.92 35.57
CA VAL C 87 1.02 33.93 35.14
C VAL C 87 1.49 34.67 36.38
N SER C 88 2.77 35.06 36.35
CA SER C 88 3.39 35.83 37.42
C SER C 88 2.97 37.29 37.27
N ASP C 89 2.62 37.93 38.39
CA ASP C 89 2.20 39.35 38.39
C ASP C 89 3.29 40.33 37.95
N GLU C 90 4.51 39.85 37.78
CA GLU C 90 5.62 40.67 37.29
C GLU C 90 5.53 40.74 35.78
N GLU C 91 5.28 39.61 35.13
CA GLU C 91 5.20 39.51 33.67
C GLU C 91 3.83 39.95 33.09
N TRP C 92 2.75 39.67 33.81
CA TRP C 92 1.40 39.95 33.31
C TRP C 92 0.61 40.94 34.19
N GLY C 93 -0.01 41.91 33.53
CA GLY C 93 -0.98 42.76 34.19
C GLY C 93 -2.41 42.44 33.76
N VAL C 94 -3.36 42.85 34.59
CA VAL C 94 -4.77 42.64 34.31
C VAL C 94 -5.62 43.84 34.77
N ASN C 95 -6.53 44.27 33.88
CA ASN C 95 -7.60 45.23 34.17
C ASN C 95 -8.96 44.49 34.40
N VAL C 96 -9.50 44.59 35.60
CA VAL C 96 -10.79 43.97 35.99
C VAL C 96 -12.02 44.90 35.86
N GLN C 97 -11.88 46.02 35.16
CA GLN C 97 -12.96 46.99 35.07
C GLN C 97 -14.00 46.79 33.93
N PRO C 98 -13.62 46.18 32.77
CA PRO C 98 -14.61 46.07 31.68
C PRO C 98 -15.94 45.43 32.10
N LEU C 99 -17.02 46.06 31.67
CA LEU C 99 -18.35 45.68 32.10
C LEU C 99 -18.84 44.41 31.39
N SER C 100 -18.28 44.12 30.22
CA SER C 100 -18.58 42.90 29.47
C SER C 100 -17.58 42.74 28.31
N GLY C 101 -17.61 41.56 27.70
CA GLY C 101 -16.66 41.18 26.66
C GLY C 101 -16.48 42.14 25.52
N SER C 102 -17.60 42.67 25.03
CA SER C 102 -17.59 43.59 23.89
C SER C 102 -16.91 44.90 24.25
N ALA C 103 -17.15 45.40 25.45
CA ALA C 103 -16.44 46.59 25.97
C ALA C 103 -14.92 46.34 26.12
N ALA C 104 -14.54 45.20 26.71
CA ALA C 104 -13.14 44.81 26.86
C ALA C 104 -12.36 44.70 25.54
N ASN C 105 -12.96 44.13 24.49
CA ASN C 105 -12.27 44.03 23.18
C ASN C 105 -12.13 45.35 22.42
N VAL C 106 -13.11 46.25 22.54
CA VAL C 106 -13.03 47.58 21.91
C VAL C 106 -11.97 48.43 22.63
N GLN C 107 -12.01 48.38 23.96
CA GLN C 107 -11.05 49.03 24.82
C GLN C 107 -9.63 48.54 24.50
N ALA C 108 -9.41 47.23 24.58
CA ALA C 108 -8.11 46.63 24.25
C ALA C 108 -7.64 46.98 22.83
N LEU C 109 -8.53 46.87 21.84
CA LEU C 109 -8.15 47.19 20.46
C LEU C 109 -7.79 48.64 20.27
N TYR C 110 -8.50 49.52 20.95
CA TYR C 110 -8.21 50.95 20.89
C TYR C 110 -6.83 51.27 21.51
N ALA C 111 -6.62 50.75 22.72
CA ALA C 111 -5.33 50.85 23.41
C ALA C 111 -4.14 50.56 22.48
N LEU C 112 -4.22 49.48 21.70
CA LEU C 112 -3.12 49.02 20.87
C LEU C 112 -2.96 49.81 19.57
N VAL C 113 -4.06 50.09 18.89
CA VAL C 113 -3.97 50.70 17.55
C VAL C 113 -4.58 52.08 17.36
N GLY C 114 -5.52 52.47 18.22
CA GLY C 114 -6.17 53.76 18.09
C GLY C 114 -7.17 53.86 16.95
N VAL C 115 -7.80 55.02 16.85
CA VAL C 115 -8.78 55.30 15.81
C VAL C 115 -8.07 55.27 14.46
N LYS C 116 -8.79 54.81 13.44
CA LYS C 116 -8.25 54.56 12.09
C LYS C 116 -7.30 53.34 11.99
N GLY C 117 -6.99 52.69 13.13
CA GLY C 117 -6.02 51.59 13.17
C GLY C 117 -6.50 50.34 12.44
N LYS C 118 -5.55 49.56 11.92
CA LYS C 118 -5.83 48.36 11.15
C LYS C 118 -5.88 47.10 12.03
N ILE C 119 -6.93 46.28 11.83
CA ILE C 119 -7.08 45.01 12.58
C ILE C 119 -7.53 43.82 11.72
N MET C 120 -7.10 42.62 12.11
CA MET C 120 -7.48 41.37 11.46
C MET C 120 -8.18 40.47 12.48
N GLY C 121 -9.24 39.80 12.04
CA GLY C 121 -10.04 38.95 12.91
C GLY C 121 -10.78 37.92 12.09
N MET C 122 -11.22 36.83 12.74
CA MET C 122 -12.05 35.83 12.07
C MET C 122 -13.44 36.40 11.74
N HIS C 123 -13.95 36.01 10.56
CA HIS C 123 -15.27 36.40 10.08
C HIS C 123 -16.36 35.80 10.95
N LEU C 124 -17.46 36.53 11.08
CA LEU C 124 -18.62 36.11 11.92
C LEU C 124 -19.21 34.75 11.50
N CYS C 125 -19.55 34.62 10.22
CA CYS C 125 -19.95 33.35 9.56
C CYS C 125 -18.99 32.17 9.79
N SER C 126 -17.69 32.46 9.92
CA SER C 126 -16.69 31.44 10.14
C SER C 126 -16.38 31.15 11.61
N GLY C 127 -17.03 31.88 12.54
CA GLY C 127 -16.86 31.64 13.98
C GLY C 127 -16.31 32.80 14.81
N GLY C 128 -15.99 33.93 14.18
CA GLY C 128 -15.55 35.12 14.89
C GLY C 128 -16.64 35.89 15.63
N HIS C 129 -16.24 36.66 16.63
CA HIS C 129 -17.14 37.56 17.29
C HIS C 129 -17.29 38.84 16.48
N LEU C 130 -18.39 39.53 16.74
CA LEU C 130 -18.70 40.85 16.19
C LEU C 130 -17.63 41.90 16.48
N THR C 131 -17.08 41.83 17.70
CA THR C 131 -16.01 42.71 18.14
C THR C 131 -14.62 42.34 17.61
N HIS C 132 -14.54 41.44 16.62
CA HIS C 132 -13.30 41.12 15.92
C HIS C 132 -13.31 41.77 14.55
N GLY C 133 -13.97 42.91 14.45
CA GLY C 133 -13.97 43.69 13.25
C GLY C 133 -15.05 43.29 12.27
N PHE C 134 -16.13 42.69 12.74
CA PHE C 134 -17.15 42.21 11.81
C PHE C 134 -17.88 43.33 11.08
N PHE C 135 -17.96 43.18 9.76
CA PHE C 135 -18.85 43.98 8.94
C PHE C 135 -19.49 43.18 7.82
N ASP C 136 -20.48 43.80 7.20
CA ASP C 136 -21.15 43.28 6.02
C ASP C 136 -20.84 44.27 4.92
N GLU C 137 -21.25 43.96 3.69
CA GLU C 137 -21.22 44.95 2.62
C GLU C 137 -22.18 46.09 2.98
N LYS C 138 -23.36 45.72 3.45
CA LYS C 138 -24.47 46.66 3.72
C LYS C 138 -24.16 47.71 4.78
N LYS C 139 -23.32 47.35 5.75
CA LYS C 139 -22.99 48.24 6.86
C LYS C 139 -21.72 47.82 7.60
N LYS C 140 -21.04 48.79 8.20
CA LYS C 140 -20.01 48.52 9.20
C LYS C 140 -20.71 48.15 10.49
N VAL C 141 -20.96 46.87 10.65
CA VAL C 141 -21.90 46.38 11.65
C VAL C 141 -21.41 46.61 13.08
N SER C 142 -20.15 46.28 13.34
CA SER C 142 -19.56 46.49 14.65
C SER C 142 -18.77 47.77 14.60
N ILE C 143 -18.70 48.49 15.73
CA ILE C 143 -17.83 49.66 15.87
C ILE C 143 -16.39 49.31 15.51
N THR C 144 -15.99 48.08 15.84
CA THR C 144 -14.65 47.56 15.52
C THR C 144 -14.31 47.59 14.03
N SER C 145 -15.30 47.54 13.15
CA SER C 145 -15.04 47.72 11.71
C SER C 145 -15.20 49.16 11.23
N ASP C 146 -15.69 50.05 12.11
CA ASP C 146 -15.91 51.47 11.77
C ASP C 146 -14.84 52.38 12.38
N MET C 147 -14.58 52.24 13.68
CA MET C 147 -13.56 53.04 14.35
C MET C 147 -12.14 52.55 14.02
N PHE C 148 -12.03 51.27 13.65
CA PHE C 148 -10.83 50.66 13.11
C PHE C 148 -11.07 50.34 11.63
N GLU C 149 -10.00 50.05 10.91
CA GLU C 149 -10.08 49.50 9.55
C GLU C 149 -9.83 48.01 9.66
N SER C 150 -10.78 47.18 9.21
CA SER C 150 -10.70 45.74 9.48
C SER C 150 -10.81 44.85 8.27
N LYS C 151 -10.09 43.74 8.34
CA LYS C 151 -10.03 42.72 7.29
C LYS C 151 -10.36 41.39 7.97
N LEU C 152 -11.13 40.53 7.30
CA LEU C 152 -11.66 39.33 7.93
C LEU C 152 -11.16 38.05 7.29
N TYR C 153 -10.61 37.13 8.09
CA TYR C 153 -10.09 35.85 7.56
C TYR C 153 -11.07 34.70 7.81
N LYS C 154 -11.26 33.87 6.79
CA LYS C 154 -12.21 32.78 6.85
C LYS C 154 -11.55 31.46 7.22
N CYS C 155 -12.38 30.53 7.70
CA CYS C 155 -12.01 29.16 7.94
C CYS C 155 -12.23 28.46 6.60
N ASN C 156 -11.43 27.43 6.31
CA ASN C 156 -11.53 26.67 5.06
C ASN C 156 -12.83 25.84 4.92
N SER C 157 -13.02 25.21 3.75
CA SER C 157 -14.18 24.33 3.47
C SER C 157 -14.40 23.20 4.50
N GLN C 158 -13.34 22.77 5.19
CA GLN C 158 -13.44 21.74 6.22
C GLN C 158 -13.66 22.27 7.65
N GLY C 159 -13.95 23.56 7.77
CA GLY C 159 -14.24 24.19 9.05
C GLY C 159 -13.07 24.40 10.01
N TYR C 160 -11.85 24.54 9.46
CA TYR C 160 -10.63 24.84 10.24
C TYR C 160 -10.08 26.23 9.87
N VAL C 161 -9.34 26.85 10.80
CA VAL C 161 -8.60 28.09 10.51
C VAL C 161 -7.57 27.81 9.40
N ASP C 162 -7.50 28.68 8.40
CA ASP C 162 -6.56 28.51 7.28
C ASP C 162 -5.37 29.45 7.44
N LEU C 163 -4.35 28.99 8.17
CA LEU C 163 -3.18 29.83 8.49
C LEU C 163 -2.45 30.40 7.26
N ASP C 164 -2.44 29.63 6.16
CA ASP C 164 -1.88 30.16 4.91
C ASP C 164 -2.60 31.44 4.48
N ALA C 165 -3.93 31.42 4.51
CA ALA C 165 -4.74 32.58 4.16
C ALA C 165 -4.55 33.73 5.15
N VAL C 166 -4.41 33.38 6.43
CA VAL C 166 -4.11 34.38 7.47
C VAL C 166 -2.81 35.15 7.16
N ARG C 167 -1.77 34.42 6.75
CA ARG C 167 -0.51 35.03 6.25
C ARG C 167 -0.65 35.80 4.93
N GLU C 168 -1.38 35.22 3.97
CA GLU C 168 -1.64 35.88 2.65
C GLU C 168 -2.24 37.27 2.87
N MET C 169 -3.21 37.32 3.78
CA MET C 169 -3.92 38.56 4.12
C MET C 169 -3.08 39.45 5.05
N ALA C 170 -2.40 38.86 6.05
CA ALA C 170 -1.58 39.64 6.98
C ALA C 170 -0.37 40.36 6.33
N LEU C 171 0.25 39.75 5.32
CA LEU C 171 1.37 40.39 4.59
C LEU C 171 0.91 41.48 3.59
N SER C 172 -0.25 41.31 2.98
CA SER C 172 -0.80 42.34 2.10
C SER C 172 -1.39 43.50 2.93
N PHE C 173 -2.21 43.18 3.92
CA PHE C 173 -2.93 44.18 4.72
C PHE C 173 -2.07 44.92 5.75
N LYS C 174 -1.09 44.21 6.32
CA LYS C 174 -0.08 44.78 7.24
C LYS C 174 -0.68 45.33 8.53
N PRO C 175 -1.55 44.53 9.19
CA PRO C 175 -2.29 45.05 10.34
C PRO C 175 -1.43 45.30 11.55
N LYS C 176 -2.00 46.02 12.50
CA LYS C 176 -1.35 46.29 13.78
C LYS C 176 -1.80 45.29 14.85
N VAL C 177 -2.93 44.61 14.65
CA VAL C 177 -3.44 43.58 15.58
C VAL C 177 -4.05 42.44 14.79
N ILE C 178 -3.82 41.20 15.25
CA ILE C 178 -4.47 40.02 14.69
C ILE C 178 -5.20 39.32 15.81
N ILE C 179 -6.50 39.12 15.63
CA ILE C 179 -7.31 38.52 16.68
C ILE C 179 -7.58 37.05 16.37
N CYS C 180 -7.39 36.22 17.39
CA CYS C 180 -7.77 34.84 17.37
C CYS C 180 -8.49 34.52 18.67
N GLY C 181 -9.05 33.31 18.76
CA GLY C 181 -10.01 32.96 19.81
C GLY C 181 -11.39 33.45 19.37
N TYR C 182 -12.40 32.59 19.50
CA TYR C 182 -13.60 32.71 18.68
C TYR C 182 -14.86 32.38 19.46
N THR C 183 -16.01 32.59 18.82
CA THR C 183 -17.30 32.42 19.50
C THR C 183 -17.84 31.02 19.32
N SER C 184 -17.71 30.47 18.11
CA SER C 184 -18.20 29.12 17.83
C SER C 184 -17.21 28.31 17.01
N TYR C 185 -16.01 28.17 17.55
CA TYR C 185 -14.96 27.37 16.95
C TYR C 185 -14.76 26.13 17.83
N PRO C 186 -15.00 24.92 17.27
CA PRO C 186 -14.96 23.70 18.07
C PRO C 186 -13.57 23.07 18.25
N ARG C 187 -12.52 23.67 17.69
CA ARG C 187 -11.15 23.13 17.84
C ARG C 187 -10.19 24.11 18.52
N ASP C 188 -9.07 23.58 18.98
CA ASP C 188 -8.05 24.40 19.64
C ASP C 188 -7.31 25.26 18.59
N ILE C 189 -6.55 26.24 19.08
CA ILE C 189 -5.84 27.21 18.23
C ILE C 189 -4.32 27.05 18.31
N ASP C 190 -3.69 27.20 17.15
CA ASP C 190 -2.24 27.21 17.05
C ASP C 190 -1.77 28.64 17.28
N TYR C 191 -1.66 28.99 18.56
CA TYR C 191 -1.26 30.34 18.93
C TYR C 191 0.17 30.61 18.50
N GLN C 192 1.01 29.56 18.49
CA GLN C 192 2.40 29.70 18.03
C GLN C 192 2.46 30.16 16.59
N GLN C 193 1.72 29.50 15.70
CA GLN C 193 1.69 29.93 14.30
C GLN C 193 1.12 31.35 14.17
N PHE C 194 0.17 31.75 15.02
CA PHE C 194 -0.30 33.14 15.02
C PHE C 194 0.81 34.11 15.46
N ARG C 195 1.45 33.79 16.59
CA ARG C 195 2.63 34.54 17.09
C ARG C 195 3.75 34.73 16.06
N GLN C 196 3.99 33.69 15.28
CA GLN C 196 4.95 33.72 14.16
C GLN C 196 4.50 34.71 13.06
N ILE C 197 3.24 34.61 12.62
CA ILE C 197 2.71 35.53 11.58
C ILE C 197 2.74 37.00 12.01
N CYS C 198 2.45 37.26 13.29
CA CYS C 198 2.40 38.64 13.77
C CYS C 198 3.78 39.29 13.78
N ASP C 199 4.77 38.61 14.39
CA ASP C 199 6.20 38.98 14.30
C ASP C 199 6.63 39.31 12.85
N GLU C 200 6.19 38.46 11.92
CA GLU C 200 6.54 38.59 10.51
C GLU C 200 6.06 39.88 9.84
N VAL C 201 4.99 40.45 10.37
CA VAL C 201 4.40 41.71 9.92
C VAL C 201 4.60 42.84 10.96
N ASN C 202 5.04 42.48 12.17
CA ASN C 202 5.19 43.39 13.33
C ASN C 202 3.87 43.67 14.08
N ALA C 203 2.87 42.81 13.87
CA ALA C 203 1.54 42.99 14.50
C ALA C 203 1.49 42.51 15.96
N TYR C 204 0.51 43.00 16.73
CA TYR C 204 0.24 42.48 18.08
C TYR C 204 -0.59 41.17 17.96
N LEU C 205 -0.39 40.23 18.87
CA LEU C 205 -1.23 39.01 18.93
C LEU C 205 -2.29 39.16 20.00
N PHE C 206 -3.55 39.19 19.55
CA PHE C 206 -4.72 39.33 20.42
C PHE C 206 -5.46 38.00 20.47
N ALA C 207 -5.61 37.45 21.67
CA ALA C 207 -6.28 36.20 21.90
C ALA C 207 -7.56 36.42 22.73
N ASP C 208 -8.72 36.18 22.12
CA ASP C 208 -10.02 36.26 22.82
C ASP C 208 -10.46 34.85 23.17
N ILE C 209 -10.27 34.49 24.44
CA ILE C 209 -10.44 33.12 24.92
C ILE C 209 -11.67 32.95 25.83
N SER C 210 -12.68 33.79 25.59
CA SER C 210 -13.90 33.86 26.40
C SER C 210 -14.65 32.55 26.52
N HIS C 211 -14.74 31.83 25.41
CA HIS C 211 -15.45 30.54 25.36
C HIS C 211 -14.66 29.38 25.94
N ILE C 212 -13.33 29.51 25.96
CA ILE C 212 -12.45 28.40 26.34
C ILE C 212 -11.61 28.74 27.59
N SER C 213 -12.01 29.80 28.29
CA SER C 213 -11.19 30.38 29.35
C SER C 213 -10.72 29.36 30.38
N SER C 214 -11.64 28.53 30.86
CA SER C 214 -11.35 27.47 31.83
C SER C 214 -10.39 26.41 31.29
N PHE C 215 -10.44 26.12 30.00
CA PHE C 215 -9.50 25.17 29.41
C PHE C 215 -8.08 25.69 29.46
N VAL C 216 -7.93 27.00 29.31
CA VAL C 216 -6.63 27.65 29.34
C VAL C 216 -6.14 27.62 30.76
N ALA C 217 -6.97 28.09 31.68
CA ALA C 217 -6.62 28.14 33.09
C ALA C 217 -6.16 26.82 33.61
N CYS C 218 -6.82 25.74 33.19
CA CYS C 218 -6.61 24.41 33.80
C CYS C 218 -5.58 23.52 33.07
N ASN C 219 -4.93 24.09 32.05
CA ASN C 219 -3.92 23.40 31.25
C ASN C 219 -4.43 22.12 30.54
N ILE C 220 -5.65 22.25 30.03
CA ILE C 220 -6.31 21.23 29.23
C ILE C 220 -6.19 21.58 27.73
N LEU C 221 -6.18 22.88 27.38
CA LEU C 221 -5.91 23.31 26.01
C LEU C 221 -4.73 24.25 25.94
N ASN C 222 -4.28 24.52 24.73
CA ASN C 222 -3.14 25.40 24.45
C ASN C 222 -3.24 26.73 25.18
N ASN C 223 -2.10 27.16 25.73
CA ASN C 223 -2.02 28.35 26.59
C ASN C 223 -1.61 29.53 25.72
N PRO C 224 -2.54 30.47 25.50
CA PRO C 224 -2.19 31.60 24.67
C PRO C 224 -1.30 32.60 25.40
N PHE C 225 -1.19 32.50 26.73
CA PHE C 225 -0.33 33.37 27.52
C PHE C 225 1.16 33.23 27.18
N LEU C 226 1.56 32.09 26.60
CA LEU C 226 2.94 31.86 26.21
C LEU C 226 3.33 32.70 25.00
N HIS C 227 2.35 33.04 24.17
CA HIS C 227 2.57 33.73 22.91
C HIS C 227 1.91 35.11 22.74
N ALA C 228 0.84 35.41 23.50
CA ALA C 228 0.02 36.59 23.23
C ALA C 228 0.49 37.88 23.91
N ASP C 229 0.29 39.00 23.22
CA ASP C 229 0.45 40.33 23.83
C ASP C 229 -0.74 40.74 24.67
N VAL C 230 -1.94 40.45 24.15
CA VAL C 230 -3.19 40.73 24.84
C VAL C 230 -4.08 39.50 24.82
N VAL C 231 -4.59 39.13 25.99
CA VAL C 231 -5.59 38.12 26.12
C VAL C 231 -6.82 38.78 26.73
N THR C 232 -7.98 38.59 26.10
CA THR C 232 -9.27 38.97 26.71
C THR C 232 -10.09 37.73 27.06
N THR C 233 -10.87 37.83 28.11
CA THR C 233 -11.93 36.85 28.35
C THR C 233 -13.14 37.49 29.05
N THR C 234 -14.32 36.95 28.76
CA THR C 234 -15.50 37.20 29.58
C THR C 234 -15.36 36.32 30.77
N THR C 235 -16.14 36.62 31.80
CA THR C 235 -16.10 35.89 33.03
C THR C 235 -17.36 35.03 33.28
N HIS C 236 -18.36 35.16 32.39
CA HIS C 236 -19.72 34.57 32.63
C HIS C 236 -19.99 33.24 31.93
N LYS C 237 -19.11 32.83 31.03
CA LYS C 237 -19.35 31.64 30.24
C LYS C 237 -18.78 30.43 30.98
N ILE C 238 -17.92 29.65 30.32
CA ILE C 238 -17.34 28.43 30.93
C ILE C 238 -16.62 28.72 32.25
N LEU C 239 -16.11 29.94 32.43
CA LEU C 239 -15.54 30.36 33.73
C LEU C 239 -16.54 30.39 34.87
N ARG C 240 -17.82 30.55 34.54
CA ARG C 240 -18.94 30.45 35.48
C ARG C 240 -19.01 31.63 36.47
N GLY C 241 -18.54 32.80 36.01
CA GLY C 241 -18.59 34.01 36.84
C GLY C 241 -19.76 34.91 36.47
N PRO C 242 -19.74 36.17 36.94
CA PRO C 242 -20.76 37.12 36.58
C PRO C 242 -20.51 37.70 35.20
N ARG C 243 -21.42 38.56 34.77
CA ARG C 243 -21.25 39.22 33.48
C ARG C 243 -20.22 40.35 33.63
N SER C 244 -18.99 40.04 33.27
CA SER C 244 -17.92 41.02 33.19
C SER C 244 -16.87 40.53 32.23
N ALA C 245 -15.78 41.27 32.13
CA ALA C 245 -14.65 40.88 31.31
C ALA C 245 -13.30 41.27 31.92
N LEU C 246 -12.26 40.57 31.46
CA LEU C 246 -10.88 40.72 31.91
C LEU C 246 -9.97 41.01 30.73
N ILE C 247 -9.11 42.01 30.85
CA ILE C 247 -8.08 42.28 29.86
C ILE C 247 -6.73 41.94 30.49
N PHE C 248 -5.99 41.04 29.83
CA PHE C 248 -4.62 40.67 30.20
C PHE C 248 -3.65 41.28 29.19
N PHE C 249 -2.51 41.78 29.69
CA PHE C 249 -1.49 42.40 28.84
C PHE C 249 -0.06 41.96 29.28
N ASN C 250 0.76 41.65 28.29
CA ASN C 250 2.11 41.18 28.53
C ASN C 250 3.02 42.40 28.69
N LYS C 251 3.28 42.75 29.95
CA LYS C 251 4.23 43.84 30.28
C LYS C 251 5.61 43.57 29.65
N LYS C 252 6.25 42.47 30.07
CA LYS C 252 7.55 41.99 29.52
C LYS C 252 7.77 42.12 27.99
N ARG C 253 6.75 41.82 27.20
CA ARG C 253 6.88 41.87 25.75
C ARG C 253 6.72 43.29 25.21
N ASN C 254 5.87 44.08 25.88
CA ASN C 254 5.67 45.51 25.52
C ASN C 254 5.52 46.32 26.82
N PRO C 255 6.61 46.96 27.30
CA PRO C 255 6.44 47.85 28.44
C PRO C 255 5.69 49.11 28.02
N GLY C 256 5.01 49.75 28.95
CA GLY C 256 4.15 50.89 28.66
C GLY C 256 2.79 50.53 28.08
N ILE C 257 2.52 49.22 27.94
CA ILE C 257 1.21 48.71 27.59
C ILE C 257 0.27 48.75 28.81
N GLU C 258 0.82 48.65 30.02
CA GLU C 258 -0.02 48.71 31.22
C GLU C 258 -0.87 49.99 31.26
N GLN C 259 -0.23 51.12 30.96
CA GLN C 259 -0.89 52.43 31.02
C GLN C 259 -1.82 52.61 29.79
N LYS C 260 -1.35 52.22 28.61
CA LYS C 260 -2.16 52.20 27.37
C LYS C 260 -3.51 51.48 27.52
N ILE C 261 -3.50 50.34 28.21
CA ILE C 261 -4.68 49.53 28.45
C ILE C 261 -5.51 50.10 29.59
N ASN C 262 -4.85 50.42 30.70
CA ASN C 262 -5.55 51.02 31.81
C ASN C 262 -6.23 52.34 31.43
N SER C 263 -5.59 53.16 30.60
CA SER C 263 -6.15 54.47 30.24
C SER C 263 -7.29 54.35 29.20
N ALA C 264 -7.24 53.31 28.38
CA ALA C 264 -8.32 52.96 27.47
C ALA C 264 -9.61 52.57 28.22
N VAL C 265 -9.50 51.76 29.25
CA VAL C 265 -10.68 51.38 30.02
C VAL C 265 -11.25 52.59 30.76
N PHE C 266 -10.40 53.27 31.53
CA PHE C 266 -10.75 54.59 32.09
C PHE C 266 -9.57 55.51 31.96
N PRO C 267 -9.78 56.73 31.47
CA PRO C 267 -11.02 57.41 31.18
C PRO C 267 -11.43 57.47 29.71
N SER C 268 -10.74 56.74 28.83
CA SER C 268 -11.13 56.77 27.44
C SER C 268 -12.59 56.32 27.20
N PHE C 269 -13.02 55.20 27.81
CA PHE C 269 -14.30 54.53 27.51
C PHE C 269 -15.29 54.45 28.67
N GLN C 270 -14.87 53.93 29.81
CA GLN C 270 -15.76 53.79 30.96
C GLN C 270 -15.61 54.94 31.93
N GLY C 271 -16.53 54.98 32.90
CA GLY C 271 -16.47 55.88 34.03
C GLY C 271 -16.33 55.04 35.28
N GLY C 272 -17.30 55.13 36.19
CA GLY C 272 -17.19 54.46 37.48
C GLY C 272 -17.23 52.95 37.31
N PRO C 273 -16.28 52.22 37.94
CA PRO C 273 -16.38 50.76 37.85
C PRO C 273 -17.59 50.23 38.58
N HIS C 274 -18.04 49.05 38.16
CA HIS C 274 -19.10 48.36 38.84
C HIS C 274 -18.49 47.36 39.81
N ASN C 275 -18.43 47.76 41.08
CA ASN C 275 -17.70 47.01 42.12
C ASN C 275 -18.34 45.70 42.49
N ASN C 276 -19.67 45.63 42.48
CA ASN C 276 -20.37 44.34 42.69
C ASN C 276 -19.91 43.27 41.69
N LYS C 277 -19.72 43.67 40.43
CA LYS C 277 -19.15 42.79 39.41
C LYS C 277 -17.76 42.33 39.81
N ILE C 278 -16.93 43.31 40.14
CA ILE C 278 -15.54 43.09 40.52
C ILE C 278 -15.45 42.13 41.73
N ALA C 279 -16.24 42.40 42.77
CA ALA C 279 -16.36 41.49 43.91
C ALA C 279 -16.81 40.09 43.49
N ALA C 280 -17.85 40.02 42.65
CA ALA C 280 -18.41 38.75 42.21
C ALA C 280 -17.38 37.95 41.41
N VAL C 281 -16.61 38.65 40.59
CA VAL C 281 -15.50 38.02 39.87
C VAL C 281 -14.47 37.47 40.85
N ALA C 282 -14.16 38.24 41.90
CA ALA C 282 -13.24 37.76 42.95
C ALA C 282 -13.71 36.42 43.46
N CYS C 283 -14.98 36.35 43.85
CA CYS C 283 -15.54 35.13 44.44
C CYS C 283 -15.51 33.90 43.52
N GLN C 284 -15.55 34.12 42.21
CA GLN C 284 -15.42 33.03 41.25
C GLN C 284 -13.97 32.67 40.96
N LEU C 285 -13.10 33.66 40.85
CA LEU C 285 -11.68 33.41 40.59
C LEU C 285 -10.98 32.67 41.73
N LYS C 286 -11.52 32.76 42.94
CA LYS C 286 -11.13 31.82 43.98
C LYS C 286 -11.44 30.46 43.41
N GLU C 287 -12.73 30.17 43.23
CA GLU C 287 -13.19 28.84 42.80
C GLU C 287 -12.47 28.29 41.56
N VAL C 288 -12.08 29.15 40.62
CA VAL C 288 -11.34 28.69 39.43
C VAL C 288 -10.04 27.97 39.84
N HIS C 289 -9.35 28.47 40.88
CA HIS C 289 -8.05 27.92 41.28
C HIS C 289 -8.07 26.67 42.19
N SER C 290 -9.25 26.23 42.63
CA SER C 290 -9.38 25.03 43.45
C SER C 290 -9.50 23.81 42.55
N PRO C 291 -8.94 22.66 42.98
CA PRO C 291 -8.84 21.51 42.05
C PRO C 291 -10.20 20.84 41.71
N ALA C 292 -11.23 21.10 42.54
CA ALA C 292 -12.63 20.77 42.23
C ALA C 292 -13.17 21.42 40.94
N PHE C 293 -12.60 22.56 40.54
CA PHE C 293 -13.04 23.27 39.32
C PHE C 293 -12.35 22.69 38.10
N LYS C 294 -11.08 22.28 38.26
CA LYS C 294 -10.39 21.47 37.24
C LYS C 294 -11.21 20.22 37.01
N GLU C 295 -11.63 19.55 38.09
CA GLU C 295 -12.52 18.40 37.96
C GLU C 295 -13.76 18.74 37.10
N TYR C 296 -14.39 19.90 37.37
CA TYR C 296 -15.52 20.44 36.60
C TYR C 296 -15.18 20.67 35.13
N THR C 297 -14.16 21.46 34.87
CA THR C 297 -13.71 21.76 33.51
C THR C 297 -13.39 20.49 32.70
N GLN C 298 -12.85 19.48 33.39
CA GLN C 298 -12.56 18.17 32.74
C GLN C 298 -13.86 17.53 32.33
N GLN C 299 -14.83 17.50 33.24
CA GLN C 299 -16.17 16.98 32.94
C GLN C 299 -16.82 17.67 31.75
N VAL C 300 -16.61 18.98 31.58
CA VAL C 300 -17.14 19.72 30.40
C VAL C 300 -16.63 19.12 29.10
N LEU C 301 -15.35 18.78 29.04
CA LEU C 301 -14.77 18.16 27.83
C LEU C 301 -15.22 16.71 27.67
N LEU C 302 -15.16 15.93 28.75
CA LEU C 302 -15.68 14.55 28.74
C LEU C 302 -17.13 14.52 28.19
N ASN C 303 -17.99 15.37 28.74
CA ASN C 303 -19.38 15.50 28.23
C ASN C 303 -19.44 15.95 26.78
N SER C 304 -18.56 16.89 26.39
CA SER C 304 -18.53 17.37 25.01
C SER C 304 -18.10 16.27 24.02
N LYS C 305 -17.06 15.51 24.37
CA LYS C 305 -16.64 14.33 23.60
C LYS C 305 -17.76 13.29 23.46
N ALA C 306 -18.34 12.86 24.60
CA ALA C 306 -19.39 11.87 24.58
C ALA C 306 -20.62 12.33 23.79
N LEU C 307 -20.95 13.62 23.90
CA LEU C 307 -22.04 14.21 23.11
C LEU C 307 -21.78 14.22 21.60
N ALA C 308 -20.53 14.46 21.20
CA ALA C 308 -20.16 14.44 19.77
C ALA C 308 -20.24 13.02 19.19
N LYS C 309 -19.75 12.08 19.99
CA LYS C 309 -19.71 10.67 19.65
C LYS C 309 -21.12 10.11 19.50
N ALA C 310 -22.00 10.45 20.44
CA ALA C 310 -23.41 9.99 20.39
C ALA C 310 -24.16 10.57 19.20
N LEU C 311 -23.94 11.85 18.88
CA LEU C 311 -24.56 12.48 17.71
C LEU C 311 -24.05 11.89 16.40
N ILE C 312 -22.77 11.51 16.35
CA ILE C 312 -22.22 10.79 15.20
C ILE C 312 -22.83 9.39 15.10
N SER C 313 -22.90 8.68 16.23
CA SER C 313 -23.55 7.37 16.29
C SER C 313 -24.98 7.33 15.74
N LYS C 314 -25.72 8.45 15.91
CA LYS C 314 -27.05 8.66 15.31
C LYS C 314 -27.01 9.33 13.94
N GLN C 315 -25.88 9.24 13.24
CA GLN C 315 -25.75 9.78 11.89
C GLN C 315 -26.04 11.28 11.76
N ILE C 316 -25.63 12.08 12.74
CA ILE C 316 -25.68 13.54 12.62
C ILE C 316 -24.26 14.03 12.34
N ASP C 317 -24.15 14.96 11.40
CA ASP C 317 -22.86 15.53 11.01
C ASP C 317 -22.45 16.70 11.89
N LEU C 318 -21.16 16.79 12.19
CA LEU C 318 -20.56 17.86 13.00
C LEU C 318 -19.48 18.57 12.18
N VAL C 319 -19.31 19.88 12.41
CA VAL C 319 -18.30 20.67 11.66
C VAL C 319 -16.93 20.34 12.24
N THR C 320 -16.01 19.95 11.38
CA THR C 320 -14.73 19.32 11.75
C THR C 320 -14.86 17.90 12.35
N ASN C 321 -16.04 17.28 12.21
CA ASN C 321 -16.37 15.93 12.72
C ASN C 321 -16.06 15.63 14.19
N GLY C 322 -16.08 16.65 15.03
CA GLY C 322 -15.75 16.47 16.45
C GLY C 322 -15.41 17.76 17.15
N THR C 323 -15.01 17.64 18.39
CA THR C 323 -14.64 18.79 19.20
C THR C 323 -13.40 18.53 20.05
N ASP C 324 -12.57 19.57 20.22
CA ASP C 324 -11.48 19.57 21.22
C ASP C 324 -11.85 20.28 22.49
N ASN C 325 -13.02 20.92 22.50
CA ASN C 325 -13.44 21.76 23.61
C ASN C 325 -14.89 21.47 23.98
N HIS C 326 -15.53 22.45 24.62
CA HIS C 326 -16.88 22.42 25.19
C HIS C 326 -18.06 22.54 24.20
N LEU C 327 -17.77 22.75 22.91
CA LEU C 327 -18.84 22.99 21.95
C LEU C 327 -18.76 22.19 20.65
N ILE C 328 -19.94 21.95 20.09
CA ILE C 328 -20.11 21.22 18.86
C ILE C 328 -20.92 22.14 17.99
N VAL C 329 -20.70 22.12 16.68
CA VAL C 329 -21.61 22.75 15.74
C VAL C 329 -22.11 21.66 14.81
N VAL C 330 -23.44 21.49 14.78
CA VAL C 330 -24.10 20.46 13.97
C VAL C 330 -24.33 21.01 12.58
N ASP C 331 -23.77 20.32 11.58
CA ASP C 331 -24.09 20.55 10.16
C ASP C 331 -25.38 19.81 9.75
N LEU C 332 -26.48 20.54 9.67
CA LEU C 332 -27.80 19.93 9.41
C LEU C 332 -28.15 19.66 7.94
N ARG C 333 -27.26 20.03 7.01
CA ARG C 333 -27.53 19.97 5.56
C ARG C 333 -28.12 18.67 4.98
N LYS C 334 -27.73 17.50 5.47
CA LYS C 334 -28.29 16.21 4.99
C LYS C 334 -29.79 16.03 5.25
N PHE C 335 -30.34 16.82 6.17
CA PHE C 335 -31.75 16.82 6.50
C PHE C 335 -32.54 17.97 5.86
N SER C 336 -31.87 18.86 5.12
CA SER C 336 -32.52 20.01 4.46
C SER C 336 -33.42 20.86 5.39
N ILE C 337 -33.04 20.95 6.67
CA ILE C 337 -33.69 21.83 7.64
C ILE C 337 -32.67 22.87 8.14
N THR C 338 -33.11 24.11 8.30
CA THR C 338 -32.19 25.18 8.73
C THR C 338 -32.02 25.15 10.24
N GLY C 339 -30.99 25.81 10.73
CA GLY C 339 -30.81 26.04 12.18
C GLY C 339 -31.96 26.86 12.74
N SER C 340 -32.37 27.89 11.99
CA SER C 340 -33.61 28.67 12.24
C SER C 340 -34.76 27.77 12.70
N LYS C 341 -35.09 26.76 11.90
CA LYS C 341 -36.19 25.84 12.21
C LYS C 341 -35.91 24.95 13.42
N LEU C 342 -34.69 24.41 13.54
CA LEU C 342 -34.35 23.52 14.67
C LEU C 342 -34.30 24.23 16.03
N GLN C 343 -33.97 25.53 16.01
CA GLN C 343 -33.99 26.32 17.23
C GLN C 343 -35.43 26.43 17.73
N GLU C 344 -36.35 26.74 16.82
CA GLU C 344 -37.77 26.81 17.15
C GLU C 344 -38.27 25.49 17.73
N THR C 345 -37.93 24.38 17.08
CA THR C 345 -38.34 23.07 17.55
C THR C 345 -37.78 22.72 18.94
N CYS C 346 -36.51 23.07 19.18
CA CYS C 346 -35.89 22.79 20.47
C CYS C 346 -36.46 23.68 21.57
N ASN C 347 -36.72 24.94 21.22
CA ASN C 347 -37.45 25.86 22.12
C ASN C 347 -38.74 25.23 22.61
N ALA C 348 -39.54 24.73 21.67
CA ALA C 348 -40.84 24.11 22.00
C ALA C 348 -40.71 22.91 22.97
N ILE C 349 -39.53 22.28 23.03
CA ILE C 349 -39.32 21.18 23.96
C ILE C 349 -38.43 21.52 25.16
N ASN C 350 -38.25 22.82 25.43
CA ASN C 350 -37.36 23.34 26.46
C ASN C 350 -35.88 22.92 26.31
N VAL C 351 -35.36 23.07 25.10
CA VAL C 351 -33.96 22.82 24.81
C VAL C 351 -33.40 24.09 24.21
N SER C 352 -32.57 24.78 24.97
CA SER C 352 -31.96 26.03 24.54
C SER C 352 -30.66 25.74 23.78
N LEU C 353 -30.70 26.02 22.48
CA LEU C 353 -29.53 26.02 21.64
C LEU C 353 -29.70 27.19 20.69
N ASN C 354 -28.67 27.50 19.92
CA ASN C 354 -28.78 28.58 18.96
C ASN C 354 -28.32 28.18 17.58
N LYS C 355 -28.94 28.82 16.60
CA LYS C 355 -28.59 28.64 15.21
C LYS C 355 -27.19 29.17 14.96
N ASN C 356 -26.48 28.53 14.03
CA ASN C 356 -25.11 28.87 13.71
C ASN C 356 -24.77 28.58 12.24
N THR C 357 -23.93 29.44 11.68
CA THR C 357 -23.38 29.24 10.35
C THR C 357 -22.41 28.06 10.26
N ILE C 358 -22.19 27.60 9.03
CA ILE C 358 -21.22 26.58 8.70
C ILE C 358 -20.48 27.08 7.43
N PRO C 359 -19.24 26.59 7.17
CA PRO C 359 -18.42 27.08 6.06
C PRO C 359 -19.18 27.27 4.73
N SER C 360 -20.03 26.32 4.40
CA SER C 360 -20.84 26.34 3.17
C SER C 360 -21.85 27.50 3.13
N ASP C 361 -22.30 27.97 4.29
CA ASP C 361 -23.20 29.13 4.35
C ASP C 361 -22.39 30.35 4.01
N VAL C 362 -22.57 30.86 2.79
CA VAL C 362 -21.80 32.04 2.35
C VAL C 362 -22.32 33.26 3.11
N ASP C 363 -23.64 33.28 3.32
CA ASP C 363 -24.35 34.37 4.01
C ASP C 363 -24.93 33.89 5.34
N ALA C 364 -25.00 34.80 6.31
CA ALA C 364 -25.62 34.54 7.63
C ALA C 364 -27.15 34.65 7.62
N VAL C 365 -27.75 34.70 6.41
CA VAL C 365 -29.20 34.82 6.26
C VAL C 365 -29.87 33.57 6.84
N SER C 366 -29.47 32.40 6.34
CA SER C 366 -30.04 31.14 6.76
C SER C 366 -28.94 30.21 7.24
N PRO C 367 -28.59 30.24 8.54
CA PRO C 367 -27.56 29.31 8.99
C PRO C 367 -27.98 27.84 8.83
N SER C 368 -27.04 27.00 8.39
CA SER C 368 -27.29 25.57 8.16
C SER C 368 -26.85 24.69 9.34
N GLY C 369 -26.73 25.29 10.54
CA GLY C 369 -26.36 24.54 11.72
C GLY C 369 -26.84 25.09 13.03
N VAL C 370 -26.61 24.33 14.08
CA VAL C 370 -26.87 24.80 15.43
C VAL C 370 -25.60 24.60 16.23
N ARG C 371 -25.37 25.47 17.21
CA ARG C 371 -24.25 25.33 18.14
C ARG C 371 -24.76 24.85 19.48
N ILE C 372 -24.04 23.93 20.11
CA ILE C 372 -24.41 23.41 21.40
C ILE C 372 -23.17 23.44 22.27
N GLY C 373 -23.34 23.34 23.57
CA GLY C 373 -22.22 23.22 24.46
C GLY C 373 -22.61 22.63 25.78
N THR C 374 -21.63 22.06 26.46
CA THR C 374 -21.83 21.32 27.71
C THR C 374 -21.62 22.00 29.07
N PRO C 375 -21.02 23.22 29.13
CA PRO C 375 -20.77 23.83 30.44
C PRO C 375 -21.96 23.90 31.39
N ALA C 376 -23.12 24.34 30.90
CA ALA C 376 -24.29 24.58 31.72
C ALA C 376 -24.85 23.28 32.29
N MET C 377 -25.11 22.33 31.40
CA MET C 377 -25.54 21.00 31.81
C MET C 377 -24.56 20.25 32.70
N THR C 378 -23.26 20.47 32.51
CA THR C 378 -22.26 19.88 33.38
C THR C 378 -22.36 20.47 34.78
N THR C 379 -22.56 21.79 34.85
CA THR C 379 -22.77 22.47 36.13
C THR C 379 -23.99 21.92 36.88
N ARG C 380 -25.05 21.54 36.16
CA ARG C 380 -26.22 20.90 36.78
C ARG C 380 -26.04 19.39 37.12
N GLY C 381 -24.88 18.81 36.79
CA GLY C 381 -24.47 17.49 37.32
C GLY C 381 -24.55 16.33 36.35
N ALA C 382 -24.61 16.62 35.06
CA ALA C 382 -24.76 15.62 34.03
C ALA C 382 -23.39 15.02 33.62
N LYS C 383 -23.37 13.70 33.48
CA LYS C 383 -22.16 12.92 33.25
C LYS C 383 -22.16 12.39 31.82
N GLU C 384 -21.09 11.67 31.46
CA GLU C 384 -20.97 11.15 30.08
C GLU C 384 -22.21 10.36 29.61
N LYS C 385 -22.60 9.36 30.41
CA LYS C 385 -23.88 8.61 30.24
C LYS C 385 -25.12 9.42 29.88
N ASP C 386 -25.27 10.60 30.49
CA ASP C 386 -26.46 11.45 30.27
C ASP C 386 -26.46 12.16 28.91
N MET C 387 -25.33 12.13 28.21
CA MET C 387 -25.22 12.75 26.91
C MET C 387 -25.96 11.96 25.85
N GLU C 388 -26.10 10.65 26.04
CA GLU C 388 -26.83 9.81 25.07
C GLU C 388 -28.28 10.28 24.92
N PHE C 389 -28.92 10.56 26.05
CA PHE C 389 -30.28 11.13 26.13
C PHE C 389 -30.39 12.51 25.48
N ILE C 390 -29.40 13.38 25.70
CA ILE C 390 -29.43 14.71 25.05
C ILE C 390 -29.23 14.54 23.56
N ALA C 391 -28.31 13.66 23.17
CA ALA C 391 -28.21 13.23 21.78
C ALA C 391 -29.55 12.66 21.27
N ASP C 392 -30.18 11.77 22.04
CA ASP C 392 -31.51 11.21 21.68
C ASP C 392 -32.55 12.33 21.46
N VAL C 393 -32.70 13.21 22.45
CA VAL C 393 -33.69 14.29 22.37
C VAL C 393 -33.42 15.19 21.18
N LEU C 394 -32.15 15.46 20.90
CA LEU C 394 -31.77 16.27 19.75
C LEU C 394 -32.07 15.61 18.40
N ALA C 395 -31.81 14.30 18.28
CA ALA C 395 -32.16 13.53 17.06
C ALA C 395 -33.67 13.54 16.81
N ARG C 396 -34.41 13.32 17.88
CA ARG C 396 -35.87 13.29 17.84
C ARG C 396 -36.40 14.65 17.42
N ALA C 397 -35.78 15.72 17.93
CA ALA C 397 -36.10 17.10 17.54
C ALA C 397 -35.79 17.35 16.09
N ILE C 398 -34.70 16.75 15.59
CA ILE C 398 -34.33 16.90 14.17
C ILE C 398 -35.34 16.21 13.29
N LYS C 399 -35.65 14.95 13.62
CA LYS C 399 -36.66 14.19 12.89
C LYS C 399 -38.00 14.94 12.77
N ILE C 400 -38.47 15.50 13.89
CA ILE C 400 -39.76 16.21 13.92
C ILE C 400 -39.71 17.52 13.12
N THR C 401 -38.54 18.15 13.10
CA THR C 401 -38.31 19.33 12.24
C THR C 401 -38.34 18.98 10.75
N VAL C 402 -37.99 17.74 10.41
CA VAL C 402 -38.13 17.26 9.03
C VAL C 402 -39.62 17.04 8.78
N ASP C 403 -40.26 16.25 9.64
CA ASP C 403 -41.72 15.97 9.56
C ASP C 403 -42.56 17.24 9.33
N LEU C 404 -42.42 18.20 10.25
CA LEU C 404 -43.15 19.48 10.24
C LEU C 404 -42.83 20.40 9.05
N GLN C 405 -41.67 20.24 8.43
CA GLN C 405 -41.34 20.95 7.20
C GLN C 405 -42.00 20.31 5.98
N GLU C 406 -42.05 18.97 5.93
CA GLU C 406 -42.75 18.27 4.84
C GLU C 406 -44.25 18.59 4.83
N GLN C 407 -44.81 18.77 6.02
CA GLN C 407 -46.23 19.03 6.24
C GLN C 407 -46.62 20.49 5.99
N TYR C 408 -45.86 21.43 6.54
CA TYR C 408 -46.17 22.85 6.43
C TYR C 408 -45.32 23.67 5.45
N GLY C 409 -44.16 23.15 5.04
CA GLY C 409 -43.34 23.78 4.01
C GLY C 409 -42.07 24.42 4.53
N LYS C 410 -41.28 24.96 3.59
CA LYS C 410 -39.92 25.43 3.86
C LYS C 410 -39.85 26.84 4.44
N LYS C 411 -40.94 27.62 4.30
CA LYS C 411 -40.97 28.99 4.84
C LYS C 411 -41.11 28.91 6.35
N LEU C 412 -40.36 29.77 7.05
CA LEU C 412 -40.34 29.73 8.52
C LEU C 412 -41.68 30.14 9.14
N VAL C 413 -42.41 31.02 8.47
CA VAL C 413 -43.77 31.46 8.89
C VAL C 413 -44.68 30.23 8.95
N ASP C 414 -44.70 29.50 7.83
CA ASP C 414 -45.53 28.32 7.68
C ASP C 414 -45.11 27.26 8.70
N PHE C 415 -43.79 26.95 8.72
CA PHE C 415 -43.21 25.95 9.65
C PHE C 415 -43.66 26.11 11.10
N LYS C 416 -43.54 27.31 11.64
CA LYS C 416 -43.95 27.59 13.03
C LYS C 416 -45.41 27.27 13.37
N LYS C 417 -46.32 27.43 12.40
CA LYS C 417 -47.75 27.12 12.57
C LYS C 417 -47.97 25.68 13.06
N GLY C 418 -47.06 24.76 12.72
CA GLY C 418 -47.18 23.35 13.12
C GLY C 418 -46.78 22.99 14.54
N LEU C 419 -46.04 23.89 15.20
CA LEU C 419 -45.38 23.58 16.48
C LEU C 419 -46.35 23.51 17.66
N PRO C 420 -47.23 24.53 17.80
CA PRO C 420 -48.17 24.43 18.89
C PRO C 420 -49.08 23.20 18.71
N GLY C 421 -49.18 22.40 19.77
CA GLY C 421 -50.08 21.26 19.79
C GLY C 421 -49.53 19.93 19.30
N ASN C 422 -48.46 19.94 18.48
CA ASN C 422 -47.84 18.70 17.97
C ASN C 422 -47.62 17.68 19.10
N ALA C 423 -48.32 16.55 19.01
CA ALA C 423 -48.37 15.52 20.07
C ALA C 423 -46.99 14.99 20.49
N GLN C 424 -46.07 14.93 19.55
CA GLN C 424 -44.73 14.39 19.82
C GLN C 424 -43.89 15.40 20.60
N LEU C 425 -43.92 16.67 20.20
CA LEU C 425 -43.22 17.75 20.91
C LEU C 425 -43.66 17.85 22.35
N GLN C 426 -44.97 17.74 22.59
CA GLN C 426 -45.51 17.80 23.96
C GLN C 426 -44.94 16.65 24.77
N GLN C 427 -45.08 15.44 24.22
CA GLN C 427 -44.46 14.21 24.78
C GLN C 427 -42.99 14.43 25.09
N LEU C 428 -42.26 14.97 24.12
CA LEU C 428 -40.82 15.18 24.23
C LEU C 428 -40.49 16.28 25.25
N LYS C 429 -41.12 17.45 25.13
CA LYS C 429 -41.04 18.51 26.16
C LYS C 429 -41.20 17.95 27.58
N GLN C 430 -42.13 17.01 27.76
CA GLN C 430 -42.44 16.49 29.09
C GLN C 430 -41.30 15.61 29.60
N GLU C 431 -40.75 14.77 28.73
CA GLU C 431 -39.53 14.02 29.04
C GLU C 431 -38.42 14.97 29.45
N VAL C 432 -38.18 16.01 28.62
CA VAL C 432 -37.18 17.05 28.89
C VAL C 432 -37.37 17.63 30.30
N VAL C 433 -38.59 18.13 30.52
CA VAL C 433 -38.98 18.77 31.77
C VAL C 433 -38.79 17.84 32.99
N THR C 434 -39.16 16.56 32.86
CA THR C 434 -39.08 15.63 34.01
C THR C 434 -37.64 15.38 34.41
N TRP C 435 -36.77 15.21 33.41
CA TRP C 435 -35.36 14.98 33.68
C TRP C 435 -34.67 16.29 34.11
N ALA C 436 -34.90 17.39 33.40
CA ALA C 436 -34.25 18.69 33.73
C ALA C 436 -34.65 19.24 35.10
N GLY C 437 -35.96 19.27 35.35
CA GLY C 437 -36.48 19.76 36.63
C GLY C 437 -35.86 19.17 37.88
N ALA C 438 -35.42 17.92 37.81
CA ALA C 438 -34.82 17.20 38.96
C ALA C 438 -33.31 17.39 39.13
N LEU C 439 -32.65 18.02 38.16
CA LEU C 439 -31.19 18.12 38.22
C LEU C 439 -30.77 19.21 39.22
N PRO C 440 -29.63 18.99 39.93
CA PRO C 440 -29.03 19.98 40.82
C PRO C 440 -29.00 21.38 40.20
N PHE C 441 -29.38 22.38 40.99
CA PHE C 441 -29.67 23.70 40.46
C PHE C 441 -29.21 24.77 41.44
N PRO C 442 -28.11 25.48 41.13
CA PRO C 442 -27.62 26.50 42.03
C PRO C 442 -28.47 27.75 41.93
N1 PLG D . 10.39 -30.81 -13.42
C2 PLG D . 10.35 -31.77 -14.38
C2A PLG D . 9.91 -33.18 -14.03
C3 PLG D . 10.74 -31.41 -15.77
O3 PLG D . 10.72 -32.32 -16.74
C4 PLG D . 11.18 -30.05 -16.12
C4A PLG D . 11.53 -29.70 -17.58
C5 PLG D . 11.15 -29.09 -14.96
C6 PLG D . 10.77 -29.54 -13.69
C5A PLG D . 11.58 -27.65 -15.11
OP4 PLG D . 10.53 -26.69 -15.09
P PLG D . 10.89 -25.18 -15.51
OP1 PLG D . 11.79 -24.70 -14.40
OP2 PLG D . 11.60 -25.29 -16.83
OP3 PLG D . 9.53 -24.56 -15.65
C PLG D . 12.36 -30.74 -20.35
O PLG D . 12.16 -30.27 -21.50
OXT PLG D . 11.86 -31.82 -19.98
CA PLG D . 13.29 -29.94 -19.42
N PLG D . 12.89 -29.86 -18.03
F67 8A3 E . 29.58 -28.37 -17.22
C56 8A3 E . 29.34 -29.64 -16.90
F64 8A3 E . 30.23 -30.42 -17.50
F65 8A3 E . 29.48 -29.78 -15.58
C54 8A3 E . 27.92 -30.05 -17.34
N51 8A3 E . 26.92 -29.02 -16.92
C55 8A3 E . 26.50 -28.10 -18.02
S44 8A3 E . 25.65 -29.57 -16.03
O52 8A3 E . 25.17 -28.37 -15.36
O53 8A3 E . 26.12 -30.54 -15.07
C41 8A3 E . 24.49 -30.27 -16.89
C40 8A3 E . 24.76 -31.54 -17.38
C39 8A3 E . 23.83 -32.21 -18.15
C42 8A3 E . 23.25 -29.67 -17.15
C43 8A3 E . 22.31 -30.35 -17.94
C32 8A3 E . 22.60 -31.63 -18.43
C19 8A3 E . 21.64 -32.39 -19.29
C18 8A3 E . 22.21 -33.04 -20.37
C17 8A3 E . 21.47 -33.79 -21.25
C33 8A3 E . 22.23 -34.46 -22.38
F49 8A3 E . 23.31 -35.11 -21.93
F48 8A3 E . 22.62 -33.48 -23.19
F47 8A3 E . 21.46 -35.36 -23.00
C16 8A3 E . 20.09 -33.86 -21.07
C20 8A3 E . 20.26 -32.45 -19.10
C15 8A3 E . 19.44 -33.20 -19.98
C4 8A3 E . 17.90 -33.31 -19.80
C13 8A3 E . 17.14 -33.24 -21.15
C34 8A3 E . 15.60 -33.21 -21.03
C14 8A3 E . 17.61 -32.09 -22.05
C3 8A3 E . 17.61 -34.70 -19.17
C8 8A3 E . 18.16 -35.72 -19.70
N9 8A3 E . 18.65 -36.66 -20.21
C2 8A3 E . 16.80 -34.85 -18.09
N7 8A3 E . 16.52 -36.03 -17.52
C5 8A3 E . 17.36 -32.21 -18.92
C10 8A3 E . 17.47 -30.70 -18.87
C12 8A3 E . 18.22 -29.73 -19.77
N63 8A3 E . 16.75 -30.29 -17.80
N11 8A3 E . 16.14 -31.33 -17.09
C6 8A3 E . 16.50 -32.43 -17.76
O1 8A3 E . 16.13 -33.72 -17.44
CL CL F . 5.02 -14.01 -17.89
N1 PLG G . 14.73 -6.01 -4.49
C2 PLG G . 14.21 -4.89 -3.95
C2A PLG G . 15.14 -3.76 -3.57
C3 PLG G . 12.73 -4.79 -3.80
O3 PLG G . 12.21 -3.66 -3.27
C4 PLG G . 11.88 -5.94 -4.21
C4A PLG G . 10.35 -5.94 -4.09
C5 PLG G . 12.61 -7.11 -4.77
C6 PLG G . 14.00 -7.06 -4.88
C5A PLG G . 11.91 -8.36 -5.24
OP4 PLG G . 11.19 -8.20 -6.44
P PLG G . 10.15 -9.35 -6.92
OP1 PLG G . 8.87 -8.87 -6.29
OP2 PLG G . 10.68 -10.63 -6.34
OP3 PLG G . 10.14 -9.17 -8.41
C PLG G . 8.03 -3.31 -3.06
O PLG G . 8.87 -2.46 -2.71
OXT PLG G . 6.90 -2.96 -3.48
CA PLG G . 8.37 -4.79 -2.99
N PLG G . 9.81 -5.00 -3.13
F67 8A3 H . 6.83 -13.74 11.51
C56 8A3 H . 5.67 -13.59 10.84
F64 8A3 H . 5.57 -14.62 9.99
F65 8A3 H . 4.62 -13.63 11.66
C54 8A3 H . 5.69 -12.27 10.04
N51 8A3 H . 5.91 -12.64 8.60
C55 8A3 H . 4.69 -12.50 7.77
S44 8A3 H . 7.29 -12.08 7.91
O52 8A3 H . 7.53 -13.04 6.87
O53 8A3 H . 8.38 -12.07 8.84
C41 8A3 H . 7.16 -10.62 7.28
C40 8A3 H . 7.30 -9.53 8.13
C39 8A3 H . 7.17 -8.25 7.63
C42 8A3 H . 6.90 -10.41 5.90
C43 8A3 H . 6.76 -9.10 5.41
C32 8A3 H . 6.91 -8.02 6.28
C19 8A3 H . 6.77 -6.61 5.83
C18 8A3 H . 5.99 -5.79 6.63
C17 8A3 H . 5.79 -4.46 6.33
C33 8A3 H . 4.93 -3.66 7.29
F49 8A3 H . 5.49 -3.75 8.51
F48 8A3 H . 3.73 -4.24 7.28
F47 8A3 H . 4.87 -2.38 7.00
C16 8A3 H . 6.38 -3.92 5.17
C20 8A3 H . 7.38 -6.09 4.67
C15 8A3 H . 7.18 -4.72 4.31
C4 8A3 H . 7.83 -4.08 3.07
C13 8A3 H . 6.92 -3.07 2.33
C34 8A3 H . 7.49 -2.55 1.00
C14 8A3 H . 5.49 -3.60 2.15
C3 8A3 H . 9.06 -3.29 3.57
C8 8A3 H . 8.87 -2.44 4.52
N9 8A3 H . 8.69 -1.67 5.37
C2 8A3 H . 10.30 -3.46 3.04
N7 8A3 H . 11.38 -2.77 3.46
C5 8A3 H . 8.23 -5.13 2.07
C10 8A3 H . 7.56 -6.26 1.36
C12 8A3 H . 6.12 -6.72 1.41
N63 8A3 H . 8.50 -6.85 0.59
N11 8A3 H . 9.78 -6.27 0.70
C6 8A3 H . 9.60 -5.26 1.55
O1 8A3 H . 10.57 -4.40 1.97
N1 PLG I . -16.07 37.63 22.66
C2 PLG I . -16.32 36.37 22.24
C2A PLG I . -15.22 35.52 21.66
C3 PLG I . -17.71 35.84 22.37
O3 PLG I . -18.00 34.60 21.98
C4 PLG I . -18.80 36.67 22.93
C4A PLG I . -20.21 36.06 23.10
C5 PLG I . -18.35 38.03 23.36
C6 PLG I . -17.02 38.43 23.17
C5A PLG I . -19.31 39.06 23.92
OP4 PLG I . -19.24 39.30 25.32
P PLG I . -20.43 40.19 25.95
OP1 PLG I . -20.31 41.53 25.31
OP2 PLG I . -21.69 39.47 25.54
OP3 PLG I . -20.20 40.06 27.43
C PLG I . -22.21 33.89 22.24
O PLG I . -23.16 33.40 22.88
OXT PLG I . -21.20 33.20 21.95
CA PLG I . -22.31 35.32 21.76
N PLG I . -21.19 36.21 22.03
F67 8A3 J . -29.66 43.51 8.90
C56 8A3 J . -28.39 43.48 9.28
F64 8A3 J . -27.59 43.48 8.21
F65 8A3 J . -28.15 44.59 9.99
C54 8A3 J . -28.14 42.23 10.15
N51 8A3 J . -27.70 42.66 11.51
C55 8A3 J . -28.67 42.29 12.58
S44 8A3 J . -26.14 42.33 11.88
O52 8A3 J . -25.83 43.30 12.89
O53 8A3 J . -25.30 42.53 10.73
C41 8A3 J . -25.91 40.85 12.46
C40 8A3 J . -25.75 39.82 11.54
C39 8A3 J . -25.57 38.53 12.02
C42 8A3 J . -25.86 40.61 13.83
C43 8A3 J . -25.69 39.30 14.29
C32 8A3 J . -25.53 38.26 13.39
C19 8A3 J . -25.35 36.85 13.84
C18 8A3 J . -26.10 35.91 13.15
C17 8A3 J . -26.01 34.57 13.45
C33 8A3 J . -26.88 33.65 12.63
F49 8A3 J . -26.64 33.87 11.33
F48 8A3 J . -28.13 33.96 12.95
F47 8A3 J . -26.60 32.38 12.88
C16 8A3 J . -25.17 34.15 14.47
C20 8A3 J . -24.49 36.45 14.87
C15 8A3 J . -24.39 35.07 15.22
C4 8A3 J . -23.45 34.54 16.33
C13 8A3 J . -24.09 33.41 17.18
C34 8A3 J . -23.25 32.99 18.40
C14 8A3 J . -25.53 33.70 17.60
C3 8A3 J . -22.21 33.95 15.63
C8 8A3 J . -22.39 33.08 14.69
N9 8A3 J . -22.55 32.31 13.83
C2 8A3 J . -20.93 34.28 16.00
N7 8A3 J . -19.83 33.76 15.43
C5 8A3 J . -23.07 35.63 17.30
C10 8A3 J . -23.82 36.62 18.14
C12 8A3 J . -25.30 36.87 18.27
N63 8A3 J . -22.88 37.35 18.79
N11 8A3 J . -21.54 36.97 18.51
C6 8A3 J . -21.68 35.95 17.64
O1 8A3 J . -20.66 35.24 17.07
CL CL K . -24.27 43.87 37.55
#